data_1DBD
# 
_entry.id   1DBD 
# 
_audit_conform.dict_name       mmcif_pdbx.dic 
_audit_conform.dict_version    5.383 
_audit_conform.dict_location   http://mmcif.pdb.org/dictionaries/ascii/mmcif_pdbx.dic 
# 
loop_
_database_2.database_id 
_database_2.database_code 
_database_2.pdbx_database_accession 
_database_2.pdbx_DOI 
PDB   1DBD         pdb_00001dbd 10.2210/pdb1dbd/pdb 
RCSB  RCSB001098   ?            ?                   
WWPDB D_1000001098 ?            ?                   
# 
loop_
_pdbx_audit_revision_history.ordinal 
_pdbx_audit_revision_history.data_content_type 
_pdbx_audit_revision_history.major_revision 
_pdbx_audit_revision_history.minor_revision 
_pdbx_audit_revision_history.revision_date 
1 'Structure model' 1 0 2000-01-01 
2 'Structure model' 1 1 2008-04-26 
3 'Structure model' 1 2 2011-07-13 
4 'Structure model' 1 3 2022-02-16 
5 'Structure model' 1 4 2023-12-27 
# 
_pdbx_audit_revision_details.ordinal             1 
_pdbx_audit_revision_details.revision_ordinal    1 
_pdbx_audit_revision_details.data_content_type   'Structure model' 
_pdbx_audit_revision_details.provider            repository 
_pdbx_audit_revision_details.type                'Initial release' 
_pdbx_audit_revision_details.description         ? 
_pdbx_audit_revision_details.details             ? 
# 
loop_
_pdbx_audit_revision_group.ordinal 
_pdbx_audit_revision_group.revision_ordinal 
_pdbx_audit_revision_group.data_content_type 
_pdbx_audit_revision_group.group 
1 2 'Structure model' 'Version format compliance' 
2 3 'Structure model' 'Version format compliance' 
3 4 'Structure model' 'Data collection'           
4 4 'Structure model' 'Database references'       
5 4 'Structure model' 'Derived calculations'      
6 5 'Structure model' 'Data collection'           
# 
loop_
_pdbx_audit_revision_category.ordinal 
_pdbx_audit_revision_category.revision_ordinal 
_pdbx_audit_revision_category.data_content_type 
_pdbx_audit_revision_category.category 
1 4 'Structure model' database_2            
2 4 'Structure model' pdbx_nmr_software     
3 4 'Structure model' pdbx_nmr_spectrometer 
4 4 'Structure model' pdbx_struct_assembly  
5 4 'Structure model' pdbx_struct_oper_list 
6 5 'Structure model' chem_comp_atom        
7 5 'Structure model' chem_comp_bond        
# 
loop_
_pdbx_audit_revision_item.ordinal 
_pdbx_audit_revision_item.revision_ordinal 
_pdbx_audit_revision_item.data_content_type 
_pdbx_audit_revision_item.item 
1 4 'Structure model' '_database_2.pdbx_DOI'                
2 4 'Structure model' '_database_2.pdbx_database_accession' 
3 4 'Structure model' '_pdbx_nmr_software.name'             
4 4 'Structure model' '_pdbx_nmr_spectrometer.model'        
# 
_database_PDB_caveat.id     1 
_database_PDB_caveat.text   'CHIRALITY ERRORS IN C-ALPHA CENTERS' 
# 
_pdbx_database_status.status_code                     REL 
_pdbx_database_status.entry_id                        1DBD 
_pdbx_database_status.recvd_initial_deposition_date   1999-05-21 
_pdbx_database_status.deposit_site                    BNL 
_pdbx_database_status.process_site                    RCSB 
_pdbx_database_status.status_code_mr                  REL 
_pdbx_database_status.SG_entry                        . 
_pdbx_database_status.pdb_format_compatible           Y 
_pdbx_database_status.status_code_sf                  ? 
_pdbx_database_status.status_code_cs                  ? 
_pdbx_database_status.status_code_nmr_data            ? 
_pdbx_database_status.methods_development_category    ? 
# 
loop_
_audit_author.name 
_audit_author.pdbx_ordinal 
'Veeraraghavan, S.' 1 
'Mello, C.C.'       2 
'Androphy, E.J.'    3 
'Baleja, J.D.'      4 
# 
_citation.id                        primary 
_citation.title                     
'Structural correlates for enhanced stability in the E2 DNA-binding domain from bovine papillomavirus.' 
_citation.journal_abbrev            Biochemistry 
_citation.journal_volume            38 
_citation.page_first                16115 
_citation.page_last                 16124 
_citation.year                      1999 
_citation.journal_id_ASTM           BICHAW 
_citation.country                   US 
_citation.journal_id_ISSN           0006-2960 
_citation.journal_id_CSD            0033 
_citation.book_publisher            ? 
_citation.pdbx_database_id_PubMed   10587434 
_citation.pdbx_database_id_DOI      10.1021/bi991633x 
# 
loop_
_citation_author.citation_id 
_citation_author.name 
_citation_author.ordinal 
_citation_author.identifier_ORCID 
primary 'Veeraraghavan, S.' 1 ? 
primary 'Mello, C.C.'       2 ? 
primary 'Androphy, E.J.'    3 ? 
primary 'Baleja, J.D.'      4 ? 
# 
_entity.id                         1 
_entity.type                       polymer 
_entity.src_method                 man 
_entity.pdbx_description           'REGULATORY PROTEIN E2' 
_entity.formula_weight             11249.722 
_entity.pdbx_number_of_molecules   2 
_entity.pdbx_ec                    ? 
_entity.pdbx_mutation              ? 
_entity.pdbx_fragment              'DNA-BINDING DOMAIN' 
_entity.details                    ? 
# 
_entity_poly.entity_id                      1 
_entity_poly.type                           'polypeptide(L)' 
_entity_poly.nstd_linkage                   no 
_entity_poly.nstd_monomer                   no 
_entity_poly.pdbx_seq_one_letter_code       
;RRTTNDGFHLLKAGGSCFALISGTANQVKCYRFRVKKNHRHRYENCTTTWFTVADNGAERQGQAQILITFGSPSQRQDFL
KHVPLPPGMNISGFTASLDF
;
_entity_poly.pdbx_seq_one_letter_code_can   
;RRTTNDGFHLLKAGGSCFALISGTANQVKCYRFRVKKNHRHRYENCTTTWFTVADNGAERQGQAQILITFGSPSQRQDFL
KHVPLPPGMNISGFTASLDF
;
_entity_poly.pdbx_strand_id                 A,B 
_entity_poly.pdbx_target_identifier         ? 
# 
loop_
_entity_poly_seq.entity_id 
_entity_poly_seq.num 
_entity_poly_seq.mon_id 
_entity_poly_seq.hetero 
1 1   ARG n 
1 2   ARG n 
1 3   THR n 
1 4   THR n 
1 5   ASN n 
1 6   ASP n 
1 7   GLY n 
1 8   PHE n 
1 9   HIS n 
1 10  LEU n 
1 11  LEU n 
1 12  LYS n 
1 13  ALA n 
1 14  GLY n 
1 15  GLY n 
1 16  SER n 
1 17  CYS n 
1 18  PHE n 
1 19  ALA n 
1 20  LEU n 
1 21  ILE n 
1 22  SER n 
1 23  GLY n 
1 24  THR n 
1 25  ALA n 
1 26  ASN n 
1 27  GLN n 
1 28  VAL n 
1 29  LYS n 
1 30  CYS n 
1 31  TYR n 
1 32  ARG n 
1 33  PHE n 
1 34  ARG n 
1 35  VAL n 
1 36  LYS n 
1 37  LYS n 
1 38  ASN n 
1 39  HIS n 
1 40  ARG n 
1 41  HIS n 
1 42  ARG n 
1 43  TYR n 
1 44  GLU n 
1 45  ASN n 
1 46  CYS n 
1 47  THR n 
1 48  THR n 
1 49  THR n 
1 50  TRP n 
1 51  PHE n 
1 52  THR n 
1 53  VAL n 
1 54  ALA n 
1 55  ASP n 
1 56  ASN n 
1 57  GLY n 
1 58  ALA n 
1 59  GLU n 
1 60  ARG n 
1 61  GLN n 
1 62  GLY n 
1 63  GLN n 
1 64  ALA n 
1 65  GLN n 
1 66  ILE n 
1 67  LEU n 
1 68  ILE n 
1 69  THR n 
1 70  PHE n 
1 71  GLY n 
1 72  SER n 
1 73  PRO n 
1 74  SER n 
1 75  GLN n 
1 76  ARG n 
1 77  GLN n 
1 78  ASP n 
1 79  PHE n 
1 80  LEU n 
1 81  LYS n 
1 82  HIS n 
1 83  VAL n 
1 84  PRO n 
1 85  LEU n 
1 86  PRO n 
1 87  PRO n 
1 88  GLY n 
1 89  MET n 
1 90  ASN n 
1 91  ILE n 
1 92  SER n 
1 93  GLY n 
1 94  PHE n 
1 95  THR n 
1 96  ALA n 
1 97  SER n 
1 98  LEU n 
1 99  ASP n 
1 100 PHE n 
# 
_entity_src_gen.entity_id                          1 
_entity_src_gen.pdbx_src_id                        1 
_entity_src_gen.pdbx_alt_source_flag               sample 
_entity_src_gen.pdbx_seq_type                      ? 
_entity_src_gen.pdbx_beg_seq_num                   ? 
_entity_src_gen.pdbx_end_seq_num                   ? 
_entity_src_gen.gene_src_common_name               ? 
_entity_src_gen.gene_src_genus                     Deltapapillomavirus 
_entity_src_gen.pdbx_gene_src_gene                 ? 
_entity_src_gen.gene_src_species                   'Bovine papillomavirus - 1' 
_entity_src_gen.gene_src_strain                    1 
_entity_src_gen.gene_src_tissue                    ? 
_entity_src_gen.gene_src_tissue_fraction           ? 
_entity_src_gen.gene_src_details                   ? 
_entity_src_gen.pdbx_gene_src_fragment             ? 
_entity_src_gen.pdbx_gene_src_scientific_name      'Bovine papillomavirus type 1' 
_entity_src_gen.pdbx_gene_src_ncbi_taxonomy_id     10559 
_entity_src_gen.pdbx_gene_src_variant              ? 
_entity_src_gen.pdbx_gene_src_cell_line            ? 
_entity_src_gen.pdbx_gene_src_atcc                 ? 
_entity_src_gen.pdbx_gene_src_organ                ? 
_entity_src_gen.pdbx_gene_src_organelle            ? 
_entity_src_gen.pdbx_gene_src_cell                 ? 
_entity_src_gen.pdbx_gene_src_cellular_location    ? 
_entity_src_gen.host_org_common_name               ? 
_entity_src_gen.pdbx_host_org_scientific_name      'Escherichia coli' 
_entity_src_gen.pdbx_host_org_ncbi_taxonomy_id     562 
_entity_src_gen.host_org_genus                     Escherichia 
_entity_src_gen.pdbx_host_org_gene                 ? 
_entity_src_gen.pdbx_host_org_organ                ? 
_entity_src_gen.host_org_species                   ? 
_entity_src_gen.pdbx_host_org_tissue               ? 
_entity_src_gen.pdbx_host_org_tissue_fraction      ? 
_entity_src_gen.pdbx_host_org_strain               'BL21(DE3) PLYSS' 
_entity_src_gen.pdbx_host_org_variant              ? 
_entity_src_gen.pdbx_host_org_cell_line            ? 
_entity_src_gen.pdbx_host_org_atcc                 ? 
_entity_src_gen.pdbx_host_org_culture_collection   ? 
_entity_src_gen.pdbx_host_org_cell                 ? 
_entity_src_gen.pdbx_host_org_organelle            ? 
_entity_src_gen.pdbx_host_org_cellular_location    ? 
_entity_src_gen.pdbx_host_org_vector_type          PLASMID 
_entity_src_gen.pdbx_host_org_vector               ? 
_entity_src_gen.host_org_details                   ? 
_entity_src_gen.expression_system_id               ? 
_entity_src_gen.plasmid_name                       PET32 
_entity_src_gen.plasmid_details                    ? 
_entity_src_gen.pdbx_description                   ? 
# 
loop_
_chem_comp.id 
_chem_comp.type 
_chem_comp.mon_nstd_flag 
_chem_comp.name 
_chem_comp.pdbx_synonyms 
_chem_comp.formula 
_chem_comp.formula_weight 
ALA 'L-peptide linking' y ALANINE         ? 'C3 H7 N O2'     89.093  
ARG 'L-peptide linking' y ARGININE        ? 'C6 H15 N4 O2 1' 175.209 
ASN 'L-peptide linking' y ASPARAGINE      ? 'C4 H8 N2 O3'    132.118 
ASP 'L-peptide linking' y 'ASPARTIC ACID' ? 'C4 H7 N O4'     133.103 
CYS 'L-peptide linking' y CYSTEINE        ? 'C3 H7 N O2 S'   121.158 
GLN 'L-peptide linking' y GLUTAMINE       ? 'C5 H10 N2 O3'   146.144 
GLU 'L-peptide linking' y 'GLUTAMIC ACID' ? 'C5 H9 N O4'     147.129 
GLY 'peptide linking'   y GLYCINE         ? 'C2 H5 N O2'     75.067  
HIS 'L-peptide linking' y HISTIDINE       ? 'C6 H10 N3 O2 1' 156.162 
ILE 'L-peptide linking' y ISOLEUCINE      ? 'C6 H13 N O2'    131.173 
LEU 'L-peptide linking' y LEUCINE         ? 'C6 H13 N O2'    131.173 
LYS 'L-peptide linking' y LYSINE          ? 'C6 H15 N2 O2 1' 147.195 
MET 'L-peptide linking' y METHIONINE      ? 'C5 H11 N O2 S'  149.211 
PHE 'L-peptide linking' y PHENYLALANINE   ? 'C9 H11 N O2'    165.189 
PRO 'L-peptide linking' y PROLINE         ? 'C5 H9 N O2'     115.130 
SER 'L-peptide linking' y SERINE          ? 'C3 H7 N O3'     105.093 
THR 'L-peptide linking' y THREONINE       ? 'C4 H9 N O3'     119.119 
TRP 'L-peptide linking' y TRYPTOPHAN      ? 'C11 H12 N2 O2'  204.225 
TYR 'L-peptide linking' y TYROSINE        ? 'C9 H11 N O3'    181.189 
VAL 'L-peptide linking' y VALINE          ? 'C5 H11 N O2'    117.146 
# 
loop_
_pdbx_poly_seq_scheme.asym_id 
_pdbx_poly_seq_scheme.entity_id 
_pdbx_poly_seq_scheme.seq_id 
_pdbx_poly_seq_scheme.mon_id 
_pdbx_poly_seq_scheme.ndb_seq_num 
_pdbx_poly_seq_scheme.pdb_seq_num 
_pdbx_poly_seq_scheme.auth_seq_num 
_pdbx_poly_seq_scheme.pdb_mon_id 
_pdbx_poly_seq_scheme.auth_mon_id 
_pdbx_poly_seq_scheme.pdb_strand_id 
_pdbx_poly_seq_scheme.pdb_ins_code 
_pdbx_poly_seq_scheme.hetero 
A 1 1   ARG 1   1   1   ARG ARG A . n 
A 1 2   ARG 2   2   2   ARG ARG A . n 
A 1 3   THR 3   3   3   THR THR A . n 
A 1 4   THR 4   4   4   THR THR A . n 
A 1 5   ASN 5   5   5   ASN ASN A . n 
A 1 6   ASP 6   6   6   ASP ASP A . n 
A 1 7   GLY 7   7   7   GLY GLY A . n 
A 1 8   PHE 8   8   8   PHE PHE A . n 
A 1 9   HIS 9   9   9   HIS HIS A . n 
A 1 10  LEU 10  10  10  LEU LEU A . n 
A 1 11  LEU 11  11  11  LEU LEU A . n 
A 1 12  LYS 12  12  12  LYS LYS A . n 
A 1 13  ALA 13  13  13  ALA ALA A . n 
A 1 14  GLY 14  14  14  GLY GLY A . n 
A 1 15  GLY 15  15  15  GLY GLY A . n 
A 1 16  SER 16  16  16  SER SER A . n 
A 1 17  CYS 17  17  17  CYS CYS A . n 
A 1 18  PHE 18  18  18  PHE PHE A . n 
A 1 19  ALA 19  19  19  ALA ALA A . n 
A 1 20  LEU 20  20  20  LEU LEU A . n 
A 1 21  ILE 21  21  21  ILE ILE A . n 
A 1 22  SER 22  22  22  SER SER A . n 
A 1 23  GLY 23  23  23  GLY GLY A . n 
A 1 24  THR 24  24  24  THR THR A . n 
A 1 25  ALA 25  25  25  ALA ALA A . n 
A 1 26  ASN 26  26  26  ASN ASN A . n 
A 1 27  GLN 27  27  27  GLN GLN A . n 
A 1 28  VAL 28  28  28  VAL VAL A . n 
A 1 29  LYS 29  29  29  LYS LYS A . n 
A 1 30  CYS 30  30  30  CYS CYS A . n 
A 1 31  TYR 31  31  31  TYR TYR A . n 
A 1 32  ARG 32  32  32  ARG ARG A . n 
A 1 33  PHE 33  33  33  PHE PHE A . n 
A 1 34  ARG 34  34  34  ARG ARG A . n 
A 1 35  VAL 35  35  35  VAL VAL A . n 
A 1 36  LYS 36  36  36  LYS LYS A . n 
A 1 37  LYS 37  37  37  LYS LYS A . n 
A 1 38  ASN 38  38  38  ASN ASN A . n 
A 1 39  HIS 39  39  39  HIS HIS A . n 
A 1 40  ARG 40  40  40  ARG ARG A . n 
A 1 41  HIS 41  41  41  HIS HIS A . n 
A 1 42  ARG 42  42  42  ARG ARG A . n 
A 1 43  TYR 43  43  43  TYR TYR A . n 
A 1 44  GLU 44  44  44  GLU GLU A . n 
A 1 45  ASN 45  45  45  ASN ASN A . n 
A 1 46  CYS 46  46  46  CYS CYS A . n 
A 1 47  THR 47  47  47  THR THR A . n 
A 1 48  THR 48  48  48  THR THR A . n 
A 1 49  THR 49  49  49  THR THR A . n 
A 1 50  TRP 50  50  50  TRP TRP A . n 
A 1 51  PHE 51  51  51  PHE PHE A . n 
A 1 52  THR 52  52  52  THR THR A . n 
A 1 53  VAL 53  53  53  VAL VAL A . n 
A 1 54  ALA 54  54  54  ALA ALA A . n 
A 1 55  ASP 55  55  55  ASP ASP A . n 
A 1 56  ASN 56  56  56  ASN ASN A . n 
A 1 57  GLY 57  57  57  GLY GLY A . n 
A 1 58  ALA 58  58  58  ALA ALA A . n 
A 1 59  GLU 59  59  59  GLU GLU A . n 
A 1 60  ARG 60  60  60  ARG ARG A . n 
A 1 61  GLN 61  61  61  GLN GLN A . n 
A 1 62  GLY 62  62  62  GLY GLY A . n 
A 1 63  GLN 63  63  63  GLN GLN A . n 
A 1 64  ALA 64  64  64  ALA ALA A . n 
A 1 65  GLN 65  65  65  GLN GLN A . n 
A 1 66  ILE 66  66  66  ILE ILE A . n 
A 1 67  LEU 67  67  67  LEU LEU A . n 
A 1 68  ILE 68  68  68  ILE ILE A . n 
A 1 69  THR 69  69  69  THR THR A . n 
A 1 70  PHE 70  70  70  PHE PHE A . n 
A 1 71  GLY 71  71  71  GLY GLY A . n 
A 1 72  SER 72  72  72  SER SER A . n 
A 1 73  PRO 73  73  73  PRO PRO A . n 
A 1 74  SER 74  74  74  SER SER A . n 
A 1 75  GLN 75  75  75  GLN GLN A . n 
A 1 76  ARG 76  76  76  ARG ARG A . n 
A 1 77  GLN 77  77  77  GLN GLN A . n 
A 1 78  ASP 78  78  78  ASP ASP A . n 
A 1 79  PHE 79  79  79  PHE PHE A . n 
A 1 80  LEU 80  80  80  LEU LEU A . n 
A 1 81  LYS 81  81  81  LYS LYS A . n 
A 1 82  HIS 82  82  82  HIS HIS A . n 
A 1 83  VAL 83  83  83  VAL VAL A . n 
A 1 84  PRO 84  84  84  PRO PRO A . n 
A 1 85  LEU 85  85  85  LEU LEU A . n 
A 1 86  PRO 86  86  86  PRO PRO A . n 
A 1 87  PRO 87  87  87  PRO PRO A . n 
A 1 88  GLY 88  88  88  GLY GLY A . n 
A 1 89  MET 89  89  89  MET MET A . n 
A 1 90  ASN 90  90  90  ASN ASN A . n 
A 1 91  ILE 91  91  91  ILE ILE A . n 
A 1 92  SER 92  92  92  SER SER A . n 
A 1 93  GLY 93  93  93  GLY GLY A . n 
A 1 94  PHE 94  94  94  PHE PHE A . n 
A 1 95  THR 95  95  95  THR THR A . n 
A 1 96  ALA 96  96  96  ALA ALA A . n 
A 1 97  SER 97  97  97  SER SER A . n 
A 1 98  LEU 98  98  98  LEU LEU A . n 
A 1 99  ASP 99  99  99  ASP ASP A . n 
A 1 100 PHE 100 100 100 PHE PHE A . n 
B 1 1   ARG 1   1   1   ARG ARG B . n 
B 1 2   ARG 2   2   2   ARG ARG B . n 
B 1 3   THR 3   3   3   THR THR B . n 
B 1 4   THR 4   4   4   THR THR B . n 
B 1 5   ASN 5   5   5   ASN ASN B . n 
B 1 6   ASP 6   6   6   ASP ASP B . n 
B 1 7   GLY 7   7   7   GLY GLY B . n 
B 1 8   PHE 8   8   8   PHE PHE B . n 
B 1 9   HIS 9   9   9   HIS HIS B . n 
B 1 10  LEU 10  10  10  LEU LEU B . n 
B 1 11  LEU 11  11  11  LEU LEU B . n 
B 1 12  LYS 12  12  12  LYS LYS B . n 
B 1 13  ALA 13  13  13  ALA ALA B . n 
B 1 14  GLY 14  14  14  GLY GLY B . n 
B 1 15  GLY 15  15  15  GLY GLY B . n 
B 1 16  SER 16  16  16  SER SER B . n 
B 1 17  CYS 17  17  17  CYS CYS B . n 
B 1 18  PHE 18  18  18  PHE PHE B . n 
B 1 19  ALA 19  19  19  ALA ALA B . n 
B 1 20  LEU 20  20  20  LEU LEU B . n 
B 1 21  ILE 21  21  21  ILE ILE B . n 
B 1 22  SER 22  22  22  SER SER B . n 
B 1 23  GLY 23  23  23  GLY GLY B . n 
B 1 24  THR 24  24  24  THR THR B . n 
B 1 25  ALA 25  25  25  ALA ALA B . n 
B 1 26  ASN 26  26  26  ASN ASN B . n 
B 1 27  GLN 27  27  27  GLN GLN B . n 
B 1 28  VAL 28  28  28  VAL VAL B . n 
B 1 29  LYS 29  29  29  LYS LYS B . n 
B 1 30  CYS 30  30  30  CYS CYS B . n 
B 1 31  TYR 31  31  31  TYR TYR B . n 
B 1 32  ARG 32  32  32  ARG ARG B . n 
B 1 33  PHE 33  33  33  PHE PHE B . n 
B 1 34  ARG 34  34  34  ARG ARG B . n 
B 1 35  VAL 35  35  35  VAL VAL B . n 
B 1 36  LYS 36  36  36  LYS LYS B . n 
B 1 37  LYS 37  37  37  LYS LYS B . n 
B 1 38  ASN 38  38  38  ASN ASN B . n 
B 1 39  HIS 39  39  39  HIS HIS B . n 
B 1 40  ARG 40  40  40  ARG ARG B . n 
B 1 41  HIS 41  41  41  HIS HIS B . n 
B 1 42  ARG 42  42  42  ARG ARG B . n 
B 1 43  TYR 43  43  43  TYR TYR B . n 
B 1 44  GLU 44  44  44  GLU GLU B . n 
B 1 45  ASN 45  45  45  ASN ASN B . n 
B 1 46  CYS 46  46  46  CYS CYS B . n 
B 1 47  THR 47  47  47  THR THR B . n 
B 1 48  THR 48  48  48  THR THR B . n 
B 1 49  THR 49  49  49  THR THR B . n 
B 1 50  TRP 50  50  50  TRP TRP B . n 
B 1 51  PHE 51  51  51  PHE PHE B . n 
B 1 52  THR 52  52  52  THR THR B . n 
B 1 53  VAL 53  53  53  VAL VAL B . n 
B 1 54  ALA 54  54  54  ALA ALA B . n 
B 1 55  ASP 55  55  55  ASP ASP B . n 
B 1 56  ASN 56  56  56  ASN ASN B . n 
B 1 57  GLY 57  57  57  GLY GLY B . n 
B 1 58  ALA 58  58  58  ALA ALA B . n 
B 1 59  GLU 59  59  59  GLU GLU B . n 
B 1 60  ARG 60  60  60  ARG ARG B . n 
B 1 61  GLN 61  61  61  GLN GLN B . n 
B 1 62  GLY 62  62  62  GLY GLY B . n 
B 1 63  GLN 63  63  63  GLN GLN B . n 
B 1 64  ALA 64  64  64  ALA ALA B . n 
B 1 65  GLN 65  65  65  GLN GLN B . n 
B 1 66  ILE 66  66  66  ILE ILE B . n 
B 1 67  LEU 67  67  67  LEU LEU B . n 
B 1 68  ILE 68  68  68  ILE ILE B . n 
B 1 69  THR 69  69  69  THR THR B . n 
B 1 70  PHE 70  70  70  PHE PHE B . n 
B 1 71  GLY 71  71  71  GLY GLY B . n 
B 1 72  SER 72  72  72  SER SER B . n 
B 1 73  PRO 73  73  73  PRO PRO B . n 
B 1 74  SER 74  74  74  SER SER B . n 
B 1 75  GLN 75  75  75  GLN GLN B . n 
B 1 76  ARG 76  76  76  ARG ARG B . n 
B 1 77  GLN 77  77  77  GLN GLN B . n 
B 1 78  ASP 78  78  78  ASP ASP B . n 
B 1 79  PHE 79  79  79  PHE PHE B . n 
B 1 80  LEU 80  80  80  LEU LEU B . n 
B 1 81  LYS 81  81  81  LYS LYS B . n 
B 1 82  HIS 82  82  82  HIS HIS B . n 
B 1 83  VAL 83  83  83  VAL VAL B . n 
B 1 84  PRO 84  84  84  PRO PRO B . n 
B 1 85  LEU 85  85  85  LEU LEU B . n 
B 1 86  PRO 86  86  86  PRO PRO B . n 
B 1 87  PRO 87  87  87  PRO PRO B . n 
B 1 88  GLY 88  88  88  GLY GLY B . n 
B 1 89  MET 89  89  89  MET MET B . n 
B 1 90  ASN 90  90  90  ASN ASN B . n 
B 1 91  ILE 91  91  91  ILE ILE B . n 
B 1 92  SER 92  92  92  SER SER B . n 
B 1 93  GLY 93  93  93  GLY GLY B . n 
B 1 94  PHE 94  94  94  PHE PHE B . n 
B 1 95  THR 95  95  95  THR THR B . n 
B 1 96  ALA 96  96  96  ALA ALA B . n 
B 1 97  SER 97  97  97  SER SER B . n 
B 1 98  LEU 98  98  98  LEU LEU B . n 
B 1 99  ASP 99  99  99  ASP ASP B . n 
B 1 100 PHE 100 100 100 PHE PHE B . n 
# 
_cell.entry_id           1DBD 
_cell.length_a           1.000 
_cell.length_b           1.000 
_cell.length_c           1.000 
_cell.angle_alpha        90.00 
_cell.angle_beta         90.00 
_cell.angle_gamma        90.00 
_cell.Z_PDB              1 
_cell.pdbx_unique_axis   ? 
# 
_symmetry.entry_id                         1DBD 
_symmetry.space_group_name_H-M             'P 1' 
_symmetry.pdbx_full_space_group_name_H-M   ? 
_symmetry.cell_setting                     ? 
_symmetry.Int_Tables_number                1 
# 
_exptl.entry_id          1DBD 
_exptl.method            'SOLUTION NMR' 
_exptl.crystals_number   ? 
# 
_struct.entry_id                  1DBD 
_struct.title                     'E2 DNA-BINDING DOMAIN FROM PAPILLOMAVIRUS BPV-1' 
_struct.pdbx_model_details        ? 
_struct.pdbx_CASP_flag            ? 
_struct.pdbx_model_type_details   ? 
# 
_struct_keywords.entry_id        1DBD 
_struct_keywords.pdbx_keywords   'GENE REGULATION' 
_struct_keywords.text            'DNA-BINDING DOMAIN, GENE REGULATION' 
# 
loop_
_struct_asym.id 
_struct_asym.pdbx_blank_PDB_chainid_flag 
_struct_asym.pdbx_modified 
_struct_asym.entity_id 
_struct_asym.details 
A N N 1 ? 
B N N 1 ? 
# 
_struct_ref.id                         1 
_struct_ref.db_name                    UNP 
_struct_ref.db_code                    VE2_BPV1 
_struct_ref.entity_id                  1 
_struct_ref.pdbx_db_accession          P03122 
_struct_ref.pdbx_align_begin           ? 
_struct_ref.pdbx_seq_one_letter_code   ? 
_struct_ref.pdbx_db_isoform            ? 
# 
loop_
_struct_ref_seq.align_id 
_struct_ref_seq.ref_id 
_struct_ref_seq.pdbx_PDB_id_code 
_struct_ref_seq.pdbx_strand_id 
_struct_ref_seq.seq_align_beg 
_struct_ref_seq.pdbx_seq_align_beg_ins_code 
_struct_ref_seq.seq_align_end 
_struct_ref_seq.pdbx_seq_align_end_ins_code 
_struct_ref_seq.pdbx_db_accession 
_struct_ref_seq.db_align_beg 
_struct_ref_seq.pdbx_db_align_beg_ins_code 
_struct_ref_seq.db_align_end 
_struct_ref_seq.pdbx_db_align_end_ins_code 
_struct_ref_seq.pdbx_auth_seq_align_beg 
_struct_ref_seq.pdbx_auth_seq_align_end 
1 1 1DBD A 1 ? 100 ? P03122 311 ? 410 ? 1 100 
2 1 1DBD B 1 ? 100 ? P03122 311 ? 410 ? 1 100 
# 
_pdbx_struct_assembly.id                   1 
_pdbx_struct_assembly.details              author_defined_assembly 
_pdbx_struct_assembly.method_details       ? 
_pdbx_struct_assembly.oligomeric_details   dimeric 
_pdbx_struct_assembly.oligomeric_count     2 
# 
_pdbx_struct_assembly_gen.assembly_id       1 
_pdbx_struct_assembly_gen.oper_expression   1 
_pdbx_struct_assembly_gen.asym_id_list      A,B 
# 
_pdbx_struct_oper_list.id                   1 
_pdbx_struct_oper_list.type                 'identity operation' 
_pdbx_struct_oper_list.name                 1_555 
_pdbx_struct_oper_list.symmetry_operation   x,y,z 
_pdbx_struct_oper_list.matrix[1][1]         1.0000000000 
_pdbx_struct_oper_list.matrix[1][2]         0.0000000000 
_pdbx_struct_oper_list.matrix[1][3]         0.0000000000 
_pdbx_struct_oper_list.vector[1]            0.0000000000 
_pdbx_struct_oper_list.matrix[2][1]         0.0000000000 
_pdbx_struct_oper_list.matrix[2][2]         1.0000000000 
_pdbx_struct_oper_list.matrix[2][3]         0.0000000000 
_pdbx_struct_oper_list.vector[2]            0.0000000000 
_pdbx_struct_oper_list.matrix[3][1]         0.0000000000 
_pdbx_struct_oper_list.matrix[3][2]         0.0000000000 
_pdbx_struct_oper_list.matrix[3][3]         1.0000000000 
_pdbx_struct_oper_list.vector[3]            0.0000000000 
# 
_struct_biol.id   1 
# 
loop_
_struct_conf.conf_type_id 
_struct_conf.id 
_struct_conf.pdbx_PDB_helix_id 
_struct_conf.beg_label_comp_id 
_struct_conf.beg_label_asym_id 
_struct_conf.beg_label_seq_id 
_struct_conf.pdbx_beg_PDB_ins_code 
_struct_conf.end_label_comp_id 
_struct_conf.end_label_asym_id 
_struct_conf.end_label_seq_id 
_struct_conf.pdbx_end_PDB_ins_code 
_struct_conf.beg_auth_comp_id 
_struct_conf.beg_auth_asym_id 
_struct_conf.beg_auth_seq_id 
_struct_conf.end_auth_comp_id 
_struct_conf.end_auth_asym_id 
_struct_conf.end_auth_seq_id 
_struct_conf.pdbx_PDB_helix_class 
_struct_conf.details 
_struct_conf.pdbx_PDB_helix_length 
HELX_P HELX_P1 1 ALA A 25 ? ARG A 42 ? ALA A 25 ARG A 42 1 ? 18 
HELX_P HELX_P2 2 PRO A 73 ? HIS A 82 ? PRO A 73 HIS A 82 1 ? 10 
HELX_P HELX_P3 3 ALA B 25 ? VAL B 35 ? ALA B 25 VAL B 35 1 ? 11 
HELX_P HELX_P4 4 HIS B 39 ? ARG B 42 ? HIS B 39 ARG B 42 5 ? 4  
HELX_P HELX_P5 5 PRO B 73 ? HIS B 82 ? PRO B 73 HIS B 82 1 ? 10 
# 
_struct_conf_type.id          HELX_P 
_struct_conf_type.criteria    ? 
_struct_conf_type.reference   ? 
# 
_struct_mon_prot_cis.pdbx_id                1 
_struct_mon_prot_cis.label_comp_id          ARG 
_struct_mon_prot_cis.label_seq_id           2 
_struct_mon_prot_cis.label_asym_id          A 
_struct_mon_prot_cis.label_alt_id           . 
_struct_mon_prot_cis.pdbx_PDB_ins_code      ? 
_struct_mon_prot_cis.auth_comp_id           ARG 
_struct_mon_prot_cis.auth_seq_id            2 
_struct_mon_prot_cis.auth_asym_id           A 
_struct_mon_prot_cis.pdbx_label_comp_id_2   THR 
_struct_mon_prot_cis.pdbx_label_seq_id_2    3 
_struct_mon_prot_cis.pdbx_label_asym_id_2   A 
_struct_mon_prot_cis.pdbx_PDB_ins_code_2    ? 
_struct_mon_prot_cis.pdbx_auth_comp_id_2    THR 
_struct_mon_prot_cis.pdbx_auth_seq_id_2     3 
_struct_mon_prot_cis.pdbx_auth_asym_id_2    A 
_struct_mon_prot_cis.pdbx_PDB_model_num     1 
_struct_mon_prot_cis.pdbx_omega_angle       17.41 
# 
loop_
_struct_sheet.id 
_struct_sheet.type 
_struct_sheet.number_strands 
_struct_sheet.details 
A ? 3 ? 
B ? 3 ? 
# 
loop_
_struct_sheet_order.sheet_id 
_struct_sheet_order.range_id_1 
_struct_sheet_order.range_id_2 
_struct_sheet_order.offset 
_struct_sheet_order.sense 
A 1 2 ? anti-parallel 
A 2 3 ? anti-parallel 
B 1 2 ? anti-parallel 
B 2 3 ? anti-parallel 
# 
loop_
_struct_sheet_range.sheet_id 
_struct_sheet_range.id 
_struct_sheet_range.beg_label_comp_id 
_struct_sheet_range.beg_label_asym_id 
_struct_sheet_range.beg_label_seq_id 
_struct_sheet_range.pdbx_beg_PDB_ins_code 
_struct_sheet_range.end_label_comp_id 
_struct_sheet_range.end_label_asym_id 
_struct_sheet_range.end_label_seq_id 
_struct_sheet_range.pdbx_end_PDB_ins_code 
_struct_sheet_range.beg_auth_comp_id 
_struct_sheet_range.beg_auth_asym_id 
_struct_sheet_range.beg_auth_seq_id 
_struct_sheet_range.end_auth_comp_id 
_struct_sheet_range.end_auth_asym_id 
_struct_sheet_range.end_auth_seq_id 
A 1 ALA A 64 ? PHE A 70 ? ALA A 64 PHE A 70 
A 2 CYS A 17 ? GLY A 23 ? CYS A 17 GLY A 23 
A 3 ILE A 91 ? PHE A 94 ? ILE A 91 PHE A 94 
B 1 ILE B 91 ? PHE B 94 ? ILE B 91 PHE B 94 
B 2 PHE B 18 ? GLY B 23 ? PHE B 18 GLY B 23 
B 3 ALA B 64 ? ILE B 68 ? ALA B 64 ILE B 68 
# 
loop_
_pdbx_struct_sheet_hbond.sheet_id 
_pdbx_struct_sheet_hbond.range_id_1 
_pdbx_struct_sheet_hbond.range_id_2 
_pdbx_struct_sheet_hbond.range_1_label_atom_id 
_pdbx_struct_sheet_hbond.range_1_label_comp_id 
_pdbx_struct_sheet_hbond.range_1_label_asym_id 
_pdbx_struct_sheet_hbond.range_1_label_seq_id 
_pdbx_struct_sheet_hbond.range_1_PDB_ins_code 
_pdbx_struct_sheet_hbond.range_1_auth_atom_id 
_pdbx_struct_sheet_hbond.range_1_auth_comp_id 
_pdbx_struct_sheet_hbond.range_1_auth_asym_id 
_pdbx_struct_sheet_hbond.range_1_auth_seq_id 
_pdbx_struct_sheet_hbond.range_2_label_atom_id 
_pdbx_struct_sheet_hbond.range_2_label_comp_id 
_pdbx_struct_sheet_hbond.range_2_label_asym_id 
_pdbx_struct_sheet_hbond.range_2_label_seq_id 
_pdbx_struct_sheet_hbond.range_2_PDB_ins_code 
_pdbx_struct_sheet_hbond.range_2_auth_atom_id 
_pdbx_struct_sheet_hbond.range_2_auth_comp_id 
_pdbx_struct_sheet_hbond.range_2_auth_asym_id 
_pdbx_struct_sheet_hbond.range_2_auth_seq_id 
A 1 2 O ALA A 64 ? O ALA A 64 N GLY A 23 ? N GLY A 23 
A 2 3 O PHE A 18 ? O PHE A 18 N PHE A 94 ? N PHE A 94 
B 1 2 O SER B 92 ? O SER B 92 N LEU B 20 ? N LEU B 20 
B 2 3 O ALA B 19 ? O ALA B 19 N ILE B 68 ? N ILE B 68 
# 
loop_
_pdbx_validate_rmsd_angle.id 
_pdbx_validate_rmsd_angle.PDB_model_num 
_pdbx_validate_rmsd_angle.auth_atom_id_1 
_pdbx_validate_rmsd_angle.auth_asym_id_1 
_pdbx_validate_rmsd_angle.auth_comp_id_1 
_pdbx_validate_rmsd_angle.auth_seq_id_1 
_pdbx_validate_rmsd_angle.PDB_ins_code_1 
_pdbx_validate_rmsd_angle.label_alt_id_1 
_pdbx_validate_rmsd_angle.auth_atom_id_2 
_pdbx_validate_rmsd_angle.auth_asym_id_2 
_pdbx_validate_rmsd_angle.auth_comp_id_2 
_pdbx_validate_rmsd_angle.auth_seq_id_2 
_pdbx_validate_rmsd_angle.PDB_ins_code_2 
_pdbx_validate_rmsd_angle.label_alt_id_2 
_pdbx_validate_rmsd_angle.auth_atom_id_3 
_pdbx_validate_rmsd_angle.auth_asym_id_3 
_pdbx_validate_rmsd_angle.auth_comp_id_3 
_pdbx_validate_rmsd_angle.auth_seq_id_3 
_pdbx_validate_rmsd_angle.PDB_ins_code_3 
_pdbx_validate_rmsd_angle.label_alt_id_3 
_pdbx_validate_rmsd_angle.angle_value 
_pdbx_validate_rmsd_angle.angle_target_value 
_pdbx_validate_rmsd_angle.angle_deviation 
_pdbx_validate_rmsd_angle.angle_standard_deviation 
_pdbx_validate_rmsd_angle.linker_flag 
1 1 NE A ARG 2  ? ? CZ A ARG 2  ? ? NH1 A ARG 2  ? ? 124.00 120.30 3.70  0.50 N 
2 1 C  A ARG 2  ? ? N  A THR 3  ? ? CA  A THR 3  ? ? 137.59 121.70 15.89 2.50 Y 
3 1 N  A THR 3  ? ? CA A THR 3  ? ? CB  A THR 3  ? ? 123.77 110.30 13.47 1.90 N 
4 1 NE A ARG 40 ? ? CZ A ARG 40 ? ? NH1 A ARG 40 ? ? 123.94 120.30 3.64  0.50 N 
# 
loop_
_pdbx_validate_torsion.id 
_pdbx_validate_torsion.PDB_model_num 
_pdbx_validate_torsion.auth_comp_id 
_pdbx_validate_torsion.auth_asym_id 
_pdbx_validate_torsion.auth_seq_id 
_pdbx_validate_torsion.PDB_ins_code 
_pdbx_validate_torsion.label_alt_id 
_pdbx_validate_torsion.phi 
_pdbx_validate_torsion.psi 
1  1 ARG A 2  ? ? -89.36  -72.54  
2  1 THR A 4  ? ? -106.64 64.92   
3  1 ASN A 5  ? ? -99.95  -150.71 
4  1 SER A 22 ? ? -95.79  59.47   
5  1 LYS A 37 ? ? -55.96  -71.50  
6  1 HIS A 41 ? ? -64.91  4.48    
7  1 GLU A 44 ? ? -107.49 -67.32  
8  1 THR A 47 ? ? -86.38  -159.70 
9  1 THR A 48 ? ? -88.80  -151.80 
10 1 ASP A 55 ? ? -89.52  -72.43  
11 1 ALA A 58 ? ? -71.34  35.02   
12 1 ARG A 60 ? ? -117.56 -167.39 
13 1 ARG B 2  ? ? -66.81  -97.72  
14 1 THR B 4  ? ? -102.59 76.44   
15 1 ASN B 5  ? ? -99.88  -111.75 
16 1 GLU B 44 ? ? -108.14 -72.30  
17 1 ASP B 55 ? ? -91.27  -76.80  
18 1 ALA B 58 ? ? -73.26  26.27   
19 1 ARG B 60 ? ? -114.86 -162.47 
# 
loop_
_pdbx_validate_peptide_omega.id 
_pdbx_validate_peptide_omega.PDB_model_num 
_pdbx_validate_peptide_omega.auth_comp_id_1 
_pdbx_validate_peptide_omega.auth_asym_id_1 
_pdbx_validate_peptide_omega.auth_seq_id_1 
_pdbx_validate_peptide_omega.PDB_ins_code_1 
_pdbx_validate_peptide_omega.label_alt_id_1 
_pdbx_validate_peptide_omega.auth_comp_id_2 
_pdbx_validate_peptide_omega.auth_asym_id_2 
_pdbx_validate_peptide_omega.auth_seq_id_2 
_pdbx_validate_peptide_omega.PDB_ins_code_2 
_pdbx_validate_peptide_omega.label_alt_id_2 
_pdbx_validate_peptide_omega.omega 
1 1 ASP A 6 ? ? GLY A 7 ? ? 140.53 
2 1 ARG B 1 ? ? ARG B 2 ? ? 60.91  
3 1 ARG B 2 ? ? THR B 3 ? ? 38.39  
4 1 ASP B 6 ? ? GLY B 7 ? ? 86.43  
# 
loop_
_pdbx_validate_chiral.id 
_pdbx_validate_chiral.PDB_model_num 
_pdbx_validate_chiral.auth_atom_id 
_pdbx_validate_chiral.label_alt_id 
_pdbx_validate_chiral.auth_asym_id 
_pdbx_validate_chiral.auth_comp_id 
_pdbx_validate_chiral.auth_seq_id 
_pdbx_validate_chiral.PDB_ins_code 
_pdbx_validate_chiral.details 
_pdbx_validate_chiral.omega 
1 1 CA ? A ARG 1 ? 'WRONG HAND' . 
2 1 CA ? A THR 3 ? 'WRONG HAND' . 
3 1 CB ? A THR 3 ? 'WRONG HAND' . 
4 1 CA ? B ARG 1 ? 'WRONG HAND' . 
5 1 CA ? B ARG 2 ? 'WRONG HAND' . 
6 1 CA ? B THR 3 ? 'WRONG HAND' . 
7 1 CB ? B THR 3 ? 'WRONG HAND' . 
# 
loop_
_pdbx_validate_planes.id 
_pdbx_validate_planes.PDB_model_num 
_pdbx_validate_planes.auth_comp_id 
_pdbx_validate_planes.auth_asym_id 
_pdbx_validate_planes.auth_seq_id 
_pdbx_validate_planes.PDB_ins_code 
_pdbx_validate_planes.label_alt_id 
_pdbx_validate_planes.rmsd 
_pdbx_validate_planes.type 
1 1 ARG A 42 ? ? 0.100 'SIDE CHAIN' 
2 1 ARG A 60 ? ? 0.145 'SIDE CHAIN' 
3 1 ARG B 2  ? ? 0.155 'SIDE CHAIN' 
# 
_pdbx_nmr_ensemble.entry_id                                      1DBD 
_pdbx_nmr_ensemble.conformers_calculated_total_number            20 
_pdbx_nmr_ensemble.conformers_submitted_total_number             1 
_pdbx_nmr_ensemble.conformer_selection_criteria                  'MINIMIZED AVERAGE' 
_pdbx_nmr_ensemble.average_constraints_per_residue               ? 
_pdbx_nmr_ensemble.average_constraint_violations_per_residue     ? 
_pdbx_nmr_ensemble.maximum_distance_constraint_violation         ? 
_pdbx_nmr_ensemble.average_distance_constraint_violation         ? 
_pdbx_nmr_ensemble.maximum_upper_distance_constraint_violation   ? 
_pdbx_nmr_ensemble.maximum_lower_distance_constraint_violation   ? 
_pdbx_nmr_ensemble.distance_constraint_violation_method          ? 
_pdbx_nmr_ensemble.maximum_torsion_angle_constraint_violation    ? 
_pdbx_nmr_ensemble.average_torsion_angle_constraint_violation    ? 
_pdbx_nmr_ensemble.torsion_angle_constraint_violation_method     ? 
# 
_pdbx_nmr_exptl_sample_conditions.conditions_id       1 
_pdbx_nmr_exptl_sample_conditions.temperature         308.3 
_pdbx_nmr_exptl_sample_conditions.pressure            1 
_pdbx_nmr_exptl_sample_conditions.pH                  5.75 
_pdbx_nmr_exptl_sample_conditions.ionic_strength      0.1 
_pdbx_nmr_exptl_sample_conditions.pressure_units      atm 
_pdbx_nmr_exptl_sample_conditions.temperature_units   K 
# 
_pdbx_nmr_refine.entry_id           1DBD 
_pdbx_nmr_refine.method             DG/SA 
_pdbx_nmr_refine.details            ? 
_pdbx_nmr_refine.software_ordinal   1 
# 
loop_
_pdbx_nmr_software.classification 
_pdbx_nmr_software.name 
_pdbx_nmr_software.version 
_pdbx_nmr_software.authors 
_pdbx_nmr_software.ordinal 
refinement           X-PLOR  ? BRUNGER 1 
'structure solution' Insight ? ?       2 
'structure solution' X-PLOR  ? ?       3 
# 
loop_
_chem_comp_atom.comp_id 
_chem_comp_atom.atom_id 
_chem_comp_atom.type_symbol 
_chem_comp_atom.pdbx_aromatic_flag 
_chem_comp_atom.pdbx_stereo_config 
_chem_comp_atom.pdbx_ordinal 
ALA N    N N N 1   
ALA CA   C N S 2   
ALA C    C N N 3   
ALA O    O N N 4   
ALA CB   C N N 5   
ALA OXT  O N N 6   
ALA H    H N N 7   
ALA H2   H N N 8   
ALA HA   H N N 9   
ALA HB1  H N N 10  
ALA HB2  H N N 11  
ALA HB3  H N N 12  
ALA HXT  H N N 13  
ARG N    N N N 14  
ARG CA   C N S 15  
ARG C    C N N 16  
ARG O    O N N 17  
ARG CB   C N N 18  
ARG CG   C N N 19  
ARG CD   C N N 20  
ARG NE   N N N 21  
ARG CZ   C N N 22  
ARG NH1  N N N 23  
ARG NH2  N N N 24  
ARG OXT  O N N 25  
ARG H    H N N 26  
ARG H2   H N N 27  
ARG HA   H N N 28  
ARG HB2  H N N 29  
ARG HB3  H N N 30  
ARG HG2  H N N 31  
ARG HG3  H N N 32  
ARG HD2  H N N 33  
ARG HD3  H N N 34  
ARG HE   H N N 35  
ARG HH11 H N N 36  
ARG HH12 H N N 37  
ARG HH21 H N N 38  
ARG HH22 H N N 39  
ARG HXT  H N N 40  
ASN N    N N N 41  
ASN CA   C N S 42  
ASN C    C N N 43  
ASN O    O N N 44  
ASN CB   C N N 45  
ASN CG   C N N 46  
ASN OD1  O N N 47  
ASN ND2  N N N 48  
ASN OXT  O N N 49  
ASN H    H N N 50  
ASN H2   H N N 51  
ASN HA   H N N 52  
ASN HB2  H N N 53  
ASN HB3  H N N 54  
ASN HD21 H N N 55  
ASN HD22 H N N 56  
ASN HXT  H N N 57  
ASP N    N N N 58  
ASP CA   C N S 59  
ASP C    C N N 60  
ASP O    O N N 61  
ASP CB   C N N 62  
ASP CG   C N N 63  
ASP OD1  O N N 64  
ASP OD2  O N N 65  
ASP OXT  O N N 66  
ASP H    H N N 67  
ASP H2   H N N 68  
ASP HA   H N N 69  
ASP HB2  H N N 70  
ASP HB3  H N N 71  
ASP HD2  H N N 72  
ASP HXT  H N N 73  
CYS N    N N N 74  
CYS CA   C N R 75  
CYS C    C N N 76  
CYS O    O N N 77  
CYS CB   C N N 78  
CYS SG   S N N 79  
CYS OXT  O N N 80  
CYS H    H N N 81  
CYS H2   H N N 82  
CYS HA   H N N 83  
CYS HB2  H N N 84  
CYS HB3  H N N 85  
CYS HG   H N N 86  
CYS HXT  H N N 87  
GLN N    N N N 88  
GLN CA   C N S 89  
GLN C    C N N 90  
GLN O    O N N 91  
GLN CB   C N N 92  
GLN CG   C N N 93  
GLN CD   C N N 94  
GLN OE1  O N N 95  
GLN NE2  N N N 96  
GLN OXT  O N N 97  
GLN H    H N N 98  
GLN H2   H N N 99  
GLN HA   H N N 100 
GLN HB2  H N N 101 
GLN HB3  H N N 102 
GLN HG2  H N N 103 
GLN HG3  H N N 104 
GLN HE21 H N N 105 
GLN HE22 H N N 106 
GLN HXT  H N N 107 
GLU N    N N N 108 
GLU CA   C N S 109 
GLU C    C N N 110 
GLU O    O N N 111 
GLU CB   C N N 112 
GLU CG   C N N 113 
GLU CD   C N N 114 
GLU OE1  O N N 115 
GLU OE2  O N N 116 
GLU OXT  O N N 117 
GLU H    H N N 118 
GLU H2   H N N 119 
GLU HA   H N N 120 
GLU HB2  H N N 121 
GLU HB3  H N N 122 
GLU HG2  H N N 123 
GLU HG3  H N N 124 
GLU HE2  H N N 125 
GLU HXT  H N N 126 
GLY N    N N N 127 
GLY CA   C N N 128 
GLY C    C N N 129 
GLY O    O N N 130 
GLY OXT  O N N 131 
GLY H    H N N 132 
GLY H2   H N N 133 
GLY HA2  H N N 134 
GLY HA3  H N N 135 
GLY HXT  H N N 136 
HIS N    N N N 137 
HIS CA   C N S 138 
HIS C    C N N 139 
HIS O    O N N 140 
HIS CB   C N N 141 
HIS CG   C Y N 142 
HIS ND1  N Y N 143 
HIS CD2  C Y N 144 
HIS CE1  C Y N 145 
HIS NE2  N Y N 146 
HIS OXT  O N N 147 
HIS H    H N N 148 
HIS H2   H N N 149 
HIS HA   H N N 150 
HIS HB2  H N N 151 
HIS HB3  H N N 152 
HIS HD1  H N N 153 
HIS HD2  H N N 154 
HIS HE1  H N N 155 
HIS HE2  H N N 156 
HIS HXT  H N N 157 
ILE N    N N N 158 
ILE CA   C N S 159 
ILE C    C N N 160 
ILE O    O N N 161 
ILE CB   C N S 162 
ILE CG1  C N N 163 
ILE CG2  C N N 164 
ILE CD1  C N N 165 
ILE OXT  O N N 166 
ILE H    H N N 167 
ILE H2   H N N 168 
ILE HA   H N N 169 
ILE HB   H N N 170 
ILE HG12 H N N 171 
ILE HG13 H N N 172 
ILE HG21 H N N 173 
ILE HG22 H N N 174 
ILE HG23 H N N 175 
ILE HD11 H N N 176 
ILE HD12 H N N 177 
ILE HD13 H N N 178 
ILE HXT  H N N 179 
LEU N    N N N 180 
LEU CA   C N S 181 
LEU C    C N N 182 
LEU O    O N N 183 
LEU CB   C N N 184 
LEU CG   C N N 185 
LEU CD1  C N N 186 
LEU CD2  C N N 187 
LEU OXT  O N N 188 
LEU H    H N N 189 
LEU H2   H N N 190 
LEU HA   H N N 191 
LEU HB2  H N N 192 
LEU HB3  H N N 193 
LEU HG   H N N 194 
LEU HD11 H N N 195 
LEU HD12 H N N 196 
LEU HD13 H N N 197 
LEU HD21 H N N 198 
LEU HD22 H N N 199 
LEU HD23 H N N 200 
LEU HXT  H N N 201 
LYS N    N N N 202 
LYS CA   C N S 203 
LYS C    C N N 204 
LYS O    O N N 205 
LYS CB   C N N 206 
LYS CG   C N N 207 
LYS CD   C N N 208 
LYS CE   C N N 209 
LYS NZ   N N N 210 
LYS OXT  O N N 211 
LYS H    H N N 212 
LYS H2   H N N 213 
LYS HA   H N N 214 
LYS HB2  H N N 215 
LYS HB3  H N N 216 
LYS HG2  H N N 217 
LYS HG3  H N N 218 
LYS HD2  H N N 219 
LYS HD3  H N N 220 
LYS HE2  H N N 221 
LYS HE3  H N N 222 
LYS HZ1  H N N 223 
LYS HZ2  H N N 224 
LYS HZ3  H N N 225 
LYS HXT  H N N 226 
MET N    N N N 227 
MET CA   C N S 228 
MET C    C N N 229 
MET O    O N N 230 
MET CB   C N N 231 
MET CG   C N N 232 
MET SD   S N N 233 
MET CE   C N N 234 
MET OXT  O N N 235 
MET H    H N N 236 
MET H2   H N N 237 
MET HA   H N N 238 
MET HB2  H N N 239 
MET HB3  H N N 240 
MET HG2  H N N 241 
MET HG3  H N N 242 
MET HE1  H N N 243 
MET HE2  H N N 244 
MET HE3  H N N 245 
MET HXT  H N N 246 
PHE N    N N N 247 
PHE CA   C N S 248 
PHE C    C N N 249 
PHE O    O N N 250 
PHE CB   C N N 251 
PHE CG   C Y N 252 
PHE CD1  C Y N 253 
PHE CD2  C Y N 254 
PHE CE1  C Y N 255 
PHE CE2  C Y N 256 
PHE CZ   C Y N 257 
PHE OXT  O N N 258 
PHE H    H N N 259 
PHE H2   H N N 260 
PHE HA   H N N 261 
PHE HB2  H N N 262 
PHE HB3  H N N 263 
PHE HD1  H N N 264 
PHE HD2  H N N 265 
PHE HE1  H N N 266 
PHE HE2  H N N 267 
PHE HZ   H N N 268 
PHE HXT  H N N 269 
PRO N    N N N 270 
PRO CA   C N S 271 
PRO C    C N N 272 
PRO O    O N N 273 
PRO CB   C N N 274 
PRO CG   C N N 275 
PRO CD   C N N 276 
PRO OXT  O N N 277 
PRO H    H N N 278 
PRO HA   H N N 279 
PRO HB2  H N N 280 
PRO HB3  H N N 281 
PRO HG2  H N N 282 
PRO HG3  H N N 283 
PRO HD2  H N N 284 
PRO HD3  H N N 285 
PRO HXT  H N N 286 
SER N    N N N 287 
SER CA   C N S 288 
SER C    C N N 289 
SER O    O N N 290 
SER CB   C N N 291 
SER OG   O N N 292 
SER OXT  O N N 293 
SER H    H N N 294 
SER H2   H N N 295 
SER HA   H N N 296 
SER HB2  H N N 297 
SER HB3  H N N 298 
SER HG   H N N 299 
SER HXT  H N N 300 
THR N    N N N 301 
THR CA   C N S 302 
THR C    C N N 303 
THR O    O N N 304 
THR CB   C N R 305 
THR OG1  O N N 306 
THR CG2  C N N 307 
THR OXT  O N N 308 
THR H    H N N 309 
THR H2   H N N 310 
THR HA   H N N 311 
THR HB   H N N 312 
THR HG1  H N N 313 
THR HG21 H N N 314 
THR HG22 H N N 315 
THR HG23 H N N 316 
THR HXT  H N N 317 
TRP N    N N N 318 
TRP CA   C N S 319 
TRP C    C N N 320 
TRP O    O N N 321 
TRP CB   C N N 322 
TRP CG   C Y N 323 
TRP CD1  C Y N 324 
TRP CD2  C Y N 325 
TRP NE1  N Y N 326 
TRP CE2  C Y N 327 
TRP CE3  C Y N 328 
TRP CZ2  C Y N 329 
TRP CZ3  C Y N 330 
TRP CH2  C Y N 331 
TRP OXT  O N N 332 
TRP H    H N N 333 
TRP H2   H N N 334 
TRP HA   H N N 335 
TRP HB2  H N N 336 
TRP HB3  H N N 337 
TRP HD1  H N N 338 
TRP HE1  H N N 339 
TRP HE3  H N N 340 
TRP HZ2  H N N 341 
TRP HZ3  H N N 342 
TRP HH2  H N N 343 
TRP HXT  H N N 344 
TYR N    N N N 345 
TYR CA   C N S 346 
TYR C    C N N 347 
TYR O    O N N 348 
TYR CB   C N N 349 
TYR CG   C Y N 350 
TYR CD1  C Y N 351 
TYR CD2  C Y N 352 
TYR CE1  C Y N 353 
TYR CE2  C Y N 354 
TYR CZ   C Y N 355 
TYR OH   O N N 356 
TYR OXT  O N N 357 
TYR H    H N N 358 
TYR H2   H N N 359 
TYR HA   H N N 360 
TYR HB2  H N N 361 
TYR HB3  H N N 362 
TYR HD1  H N N 363 
TYR HD2  H N N 364 
TYR HE1  H N N 365 
TYR HE2  H N N 366 
TYR HH   H N N 367 
TYR HXT  H N N 368 
VAL N    N N N 369 
VAL CA   C N S 370 
VAL C    C N N 371 
VAL O    O N N 372 
VAL CB   C N N 373 
VAL CG1  C N N 374 
VAL CG2  C N N 375 
VAL OXT  O N N 376 
VAL H    H N N 377 
VAL H2   H N N 378 
VAL HA   H N N 379 
VAL HB   H N N 380 
VAL HG11 H N N 381 
VAL HG12 H N N 382 
VAL HG13 H N N 383 
VAL HG21 H N N 384 
VAL HG22 H N N 385 
VAL HG23 H N N 386 
VAL HXT  H N N 387 
# 
loop_
_chem_comp_bond.comp_id 
_chem_comp_bond.atom_id_1 
_chem_comp_bond.atom_id_2 
_chem_comp_bond.value_order 
_chem_comp_bond.pdbx_aromatic_flag 
_chem_comp_bond.pdbx_stereo_config 
_chem_comp_bond.pdbx_ordinal 
ALA N   CA   sing N N 1   
ALA N   H    sing N N 2   
ALA N   H2   sing N N 3   
ALA CA  C    sing N N 4   
ALA CA  CB   sing N N 5   
ALA CA  HA   sing N N 6   
ALA C   O    doub N N 7   
ALA C   OXT  sing N N 8   
ALA CB  HB1  sing N N 9   
ALA CB  HB2  sing N N 10  
ALA CB  HB3  sing N N 11  
ALA OXT HXT  sing N N 12  
ARG N   CA   sing N N 13  
ARG N   H    sing N N 14  
ARG N   H2   sing N N 15  
ARG CA  C    sing N N 16  
ARG CA  CB   sing N N 17  
ARG CA  HA   sing N N 18  
ARG C   O    doub N N 19  
ARG C   OXT  sing N N 20  
ARG CB  CG   sing N N 21  
ARG CB  HB2  sing N N 22  
ARG CB  HB3  sing N N 23  
ARG CG  CD   sing N N 24  
ARG CG  HG2  sing N N 25  
ARG CG  HG3  sing N N 26  
ARG CD  NE   sing N N 27  
ARG CD  HD2  sing N N 28  
ARG CD  HD3  sing N N 29  
ARG NE  CZ   sing N N 30  
ARG NE  HE   sing N N 31  
ARG CZ  NH1  sing N N 32  
ARG CZ  NH2  doub N N 33  
ARG NH1 HH11 sing N N 34  
ARG NH1 HH12 sing N N 35  
ARG NH2 HH21 sing N N 36  
ARG NH2 HH22 sing N N 37  
ARG OXT HXT  sing N N 38  
ASN N   CA   sing N N 39  
ASN N   H    sing N N 40  
ASN N   H2   sing N N 41  
ASN CA  C    sing N N 42  
ASN CA  CB   sing N N 43  
ASN CA  HA   sing N N 44  
ASN C   O    doub N N 45  
ASN C   OXT  sing N N 46  
ASN CB  CG   sing N N 47  
ASN CB  HB2  sing N N 48  
ASN CB  HB3  sing N N 49  
ASN CG  OD1  doub N N 50  
ASN CG  ND2  sing N N 51  
ASN ND2 HD21 sing N N 52  
ASN ND2 HD22 sing N N 53  
ASN OXT HXT  sing N N 54  
ASP N   CA   sing N N 55  
ASP N   H    sing N N 56  
ASP N   H2   sing N N 57  
ASP CA  C    sing N N 58  
ASP CA  CB   sing N N 59  
ASP CA  HA   sing N N 60  
ASP C   O    doub N N 61  
ASP C   OXT  sing N N 62  
ASP CB  CG   sing N N 63  
ASP CB  HB2  sing N N 64  
ASP CB  HB3  sing N N 65  
ASP CG  OD1  doub N N 66  
ASP CG  OD2  sing N N 67  
ASP OD2 HD2  sing N N 68  
ASP OXT HXT  sing N N 69  
CYS N   CA   sing N N 70  
CYS N   H    sing N N 71  
CYS N   H2   sing N N 72  
CYS CA  C    sing N N 73  
CYS CA  CB   sing N N 74  
CYS CA  HA   sing N N 75  
CYS C   O    doub N N 76  
CYS C   OXT  sing N N 77  
CYS CB  SG   sing N N 78  
CYS CB  HB2  sing N N 79  
CYS CB  HB3  sing N N 80  
CYS SG  HG   sing N N 81  
CYS OXT HXT  sing N N 82  
GLN N   CA   sing N N 83  
GLN N   H    sing N N 84  
GLN N   H2   sing N N 85  
GLN CA  C    sing N N 86  
GLN CA  CB   sing N N 87  
GLN CA  HA   sing N N 88  
GLN C   O    doub N N 89  
GLN C   OXT  sing N N 90  
GLN CB  CG   sing N N 91  
GLN CB  HB2  sing N N 92  
GLN CB  HB3  sing N N 93  
GLN CG  CD   sing N N 94  
GLN CG  HG2  sing N N 95  
GLN CG  HG3  sing N N 96  
GLN CD  OE1  doub N N 97  
GLN CD  NE2  sing N N 98  
GLN NE2 HE21 sing N N 99  
GLN NE2 HE22 sing N N 100 
GLN OXT HXT  sing N N 101 
GLU N   CA   sing N N 102 
GLU N   H    sing N N 103 
GLU N   H2   sing N N 104 
GLU CA  C    sing N N 105 
GLU CA  CB   sing N N 106 
GLU CA  HA   sing N N 107 
GLU C   O    doub N N 108 
GLU C   OXT  sing N N 109 
GLU CB  CG   sing N N 110 
GLU CB  HB2  sing N N 111 
GLU CB  HB3  sing N N 112 
GLU CG  CD   sing N N 113 
GLU CG  HG2  sing N N 114 
GLU CG  HG3  sing N N 115 
GLU CD  OE1  doub N N 116 
GLU CD  OE2  sing N N 117 
GLU OE2 HE2  sing N N 118 
GLU OXT HXT  sing N N 119 
GLY N   CA   sing N N 120 
GLY N   H    sing N N 121 
GLY N   H2   sing N N 122 
GLY CA  C    sing N N 123 
GLY CA  HA2  sing N N 124 
GLY CA  HA3  sing N N 125 
GLY C   O    doub N N 126 
GLY C   OXT  sing N N 127 
GLY OXT HXT  sing N N 128 
HIS N   CA   sing N N 129 
HIS N   H    sing N N 130 
HIS N   H2   sing N N 131 
HIS CA  C    sing N N 132 
HIS CA  CB   sing N N 133 
HIS CA  HA   sing N N 134 
HIS C   O    doub N N 135 
HIS C   OXT  sing N N 136 
HIS CB  CG   sing N N 137 
HIS CB  HB2  sing N N 138 
HIS CB  HB3  sing N N 139 
HIS CG  ND1  sing Y N 140 
HIS CG  CD2  doub Y N 141 
HIS ND1 CE1  doub Y N 142 
HIS ND1 HD1  sing N N 143 
HIS CD2 NE2  sing Y N 144 
HIS CD2 HD2  sing N N 145 
HIS CE1 NE2  sing Y N 146 
HIS CE1 HE1  sing N N 147 
HIS NE2 HE2  sing N N 148 
HIS OXT HXT  sing N N 149 
ILE N   CA   sing N N 150 
ILE N   H    sing N N 151 
ILE N   H2   sing N N 152 
ILE CA  C    sing N N 153 
ILE CA  CB   sing N N 154 
ILE CA  HA   sing N N 155 
ILE C   O    doub N N 156 
ILE C   OXT  sing N N 157 
ILE CB  CG1  sing N N 158 
ILE CB  CG2  sing N N 159 
ILE CB  HB   sing N N 160 
ILE CG1 CD1  sing N N 161 
ILE CG1 HG12 sing N N 162 
ILE CG1 HG13 sing N N 163 
ILE CG2 HG21 sing N N 164 
ILE CG2 HG22 sing N N 165 
ILE CG2 HG23 sing N N 166 
ILE CD1 HD11 sing N N 167 
ILE CD1 HD12 sing N N 168 
ILE CD1 HD13 sing N N 169 
ILE OXT HXT  sing N N 170 
LEU N   CA   sing N N 171 
LEU N   H    sing N N 172 
LEU N   H2   sing N N 173 
LEU CA  C    sing N N 174 
LEU CA  CB   sing N N 175 
LEU CA  HA   sing N N 176 
LEU C   O    doub N N 177 
LEU C   OXT  sing N N 178 
LEU CB  CG   sing N N 179 
LEU CB  HB2  sing N N 180 
LEU CB  HB3  sing N N 181 
LEU CG  CD1  sing N N 182 
LEU CG  CD2  sing N N 183 
LEU CG  HG   sing N N 184 
LEU CD1 HD11 sing N N 185 
LEU CD1 HD12 sing N N 186 
LEU CD1 HD13 sing N N 187 
LEU CD2 HD21 sing N N 188 
LEU CD2 HD22 sing N N 189 
LEU CD2 HD23 sing N N 190 
LEU OXT HXT  sing N N 191 
LYS N   CA   sing N N 192 
LYS N   H    sing N N 193 
LYS N   H2   sing N N 194 
LYS CA  C    sing N N 195 
LYS CA  CB   sing N N 196 
LYS CA  HA   sing N N 197 
LYS C   O    doub N N 198 
LYS C   OXT  sing N N 199 
LYS CB  CG   sing N N 200 
LYS CB  HB2  sing N N 201 
LYS CB  HB3  sing N N 202 
LYS CG  CD   sing N N 203 
LYS CG  HG2  sing N N 204 
LYS CG  HG3  sing N N 205 
LYS CD  CE   sing N N 206 
LYS CD  HD2  sing N N 207 
LYS CD  HD3  sing N N 208 
LYS CE  NZ   sing N N 209 
LYS CE  HE2  sing N N 210 
LYS CE  HE3  sing N N 211 
LYS NZ  HZ1  sing N N 212 
LYS NZ  HZ2  sing N N 213 
LYS NZ  HZ3  sing N N 214 
LYS OXT HXT  sing N N 215 
MET N   CA   sing N N 216 
MET N   H    sing N N 217 
MET N   H2   sing N N 218 
MET CA  C    sing N N 219 
MET CA  CB   sing N N 220 
MET CA  HA   sing N N 221 
MET C   O    doub N N 222 
MET C   OXT  sing N N 223 
MET CB  CG   sing N N 224 
MET CB  HB2  sing N N 225 
MET CB  HB3  sing N N 226 
MET CG  SD   sing N N 227 
MET CG  HG2  sing N N 228 
MET CG  HG3  sing N N 229 
MET SD  CE   sing N N 230 
MET CE  HE1  sing N N 231 
MET CE  HE2  sing N N 232 
MET CE  HE3  sing N N 233 
MET OXT HXT  sing N N 234 
PHE N   CA   sing N N 235 
PHE N   H    sing N N 236 
PHE N   H2   sing N N 237 
PHE CA  C    sing N N 238 
PHE CA  CB   sing N N 239 
PHE CA  HA   sing N N 240 
PHE C   O    doub N N 241 
PHE C   OXT  sing N N 242 
PHE CB  CG   sing N N 243 
PHE CB  HB2  sing N N 244 
PHE CB  HB3  sing N N 245 
PHE CG  CD1  doub Y N 246 
PHE CG  CD2  sing Y N 247 
PHE CD1 CE1  sing Y N 248 
PHE CD1 HD1  sing N N 249 
PHE CD2 CE2  doub Y N 250 
PHE CD2 HD2  sing N N 251 
PHE CE1 CZ   doub Y N 252 
PHE CE1 HE1  sing N N 253 
PHE CE2 CZ   sing Y N 254 
PHE CE2 HE2  sing N N 255 
PHE CZ  HZ   sing N N 256 
PHE OXT HXT  sing N N 257 
PRO N   CA   sing N N 258 
PRO N   CD   sing N N 259 
PRO N   H    sing N N 260 
PRO CA  C    sing N N 261 
PRO CA  CB   sing N N 262 
PRO CA  HA   sing N N 263 
PRO C   O    doub N N 264 
PRO C   OXT  sing N N 265 
PRO CB  CG   sing N N 266 
PRO CB  HB2  sing N N 267 
PRO CB  HB3  sing N N 268 
PRO CG  CD   sing N N 269 
PRO CG  HG2  sing N N 270 
PRO CG  HG3  sing N N 271 
PRO CD  HD2  sing N N 272 
PRO CD  HD3  sing N N 273 
PRO OXT HXT  sing N N 274 
SER N   CA   sing N N 275 
SER N   H    sing N N 276 
SER N   H2   sing N N 277 
SER CA  C    sing N N 278 
SER CA  CB   sing N N 279 
SER CA  HA   sing N N 280 
SER C   O    doub N N 281 
SER C   OXT  sing N N 282 
SER CB  OG   sing N N 283 
SER CB  HB2  sing N N 284 
SER CB  HB3  sing N N 285 
SER OG  HG   sing N N 286 
SER OXT HXT  sing N N 287 
THR N   CA   sing N N 288 
THR N   H    sing N N 289 
THR N   H2   sing N N 290 
THR CA  C    sing N N 291 
THR CA  CB   sing N N 292 
THR CA  HA   sing N N 293 
THR C   O    doub N N 294 
THR C   OXT  sing N N 295 
THR CB  OG1  sing N N 296 
THR CB  CG2  sing N N 297 
THR CB  HB   sing N N 298 
THR OG1 HG1  sing N N 299 
THR CG2 HG21 sing N N 300 
THR CG2 HG22 sing N N 301 
THR CG2 HG23 sing N N 302 
THR OXT HXT  sing N N 303 
TRP N   CA   sing N N 304 
TRP N   H    sing N N 305 
TRP N   H2   sing N N 306 
TRP CA  C    sing N N 307 
TRP CA  CB   sing N N 308 
TRP CA  HA   sing N N 309 
TRP C   O    doub N N 310 
TRP C   OXT  sing N N 311 
TRP CB  CG   sing N N 312 
TRP CB  HB2  sing N N 313 
TRP CB  HB3  sing N N 314 
TRP CG  CD1  doub Y N 315 
TRP CG  CD2  sing Y N 316 
TRP CD1 NE1  sing Y N 317 
TRP CD1 HD1  sing N N 318 
TRP CD2 CE2  doub Y N 319 
TRP CD2 CE3  sing Y N 320 
TRP NE1 CE2  sing Y N 321 
TRP NE1 HE1  sing N N 322 
TRP CE2 CZ2  sing Y N 323 
TRP CE3 CZ3  doub Y N 324 
TRP CE3 HE3  sing N N 325 
TRP CZ2 CH2  doub Y N 326 
TRP CZ2 HZ2  sing N N 327 
TRP CZ3 CH2  sing Y N 328 
TRP CZ3 HZ3  sing N N 329 
TRP CH2 HH2  sing N N 330 
TRP OXT HXT  sing N N 331 
TYR N   CA   sing N N 332 
TYR N   H    sing N N 333 
TYR N   H2   sing N N 334 
TYR CA  C    sing N N 335 
TYR CA  CB   sing N N 336 
TYR CA  HA   sing N N 337 
TYR C   O    doub N N 338 
TYR C   OXT  sing N N 339 
TYR CB  CG   sing N N 340 
TYR CB  HB2  sing N N 341 
TYR CB  HB3  sing N N 342 
TYR CG  CD1  doub Y N 343 
TYR CG  CD2  sing Y N 344 
TYR CD1 CE1  sing Y N 345 
TYR CD1 HD1  sing N N 346 
TYR CD2 CE2  doub Y N 347 
TYR CD2 HD2  sing N N 348 
TYR CE1 CZ   doub Y N 349 
TYR CE1 HE1  sing N N 350 
TYR CE2 CZ   sing Y N 351 
TYR CE2 HE2  sing N N 352 
TYR CZ  OH   sing N N 353 
TYR OH  HH   sing N N 354 
TYR OXT HXT  sing N N 355 
VAL N   CA   sing N N 356 
VAL N   H    sing N N 357 
VAL N   H2   sing N N 358 
VAL CA  C    sing N N 359 
VAL CA  CB   sing N N 360 
VAL CA  HA   sing N N 361 
VAL C   O    doub N N 362 
VAL C   OXT  sing N N 363 
VAL CB  CG1  sing N N 364 
VAL CB  CG2  sing N N 365 
VAL CB  HB   sing N N 366 
VAL CG1 HG11 sing N N 367 
VAL CG1 HG12 sing N N 368 
VAL CG1 HG13 sing N N 369 
VAL CG2 HG21 sing N N 370 
VAL CG2 HG22 sing N N 371 
VAL CG2 HG23 sing N N 372 
VAL OXT HXT  sing N N 373 
# 
loop_
_pdbx_nmr_spectrometer.spectrometer_id 
_pdbx_nmr_spectrometer.model 
_pdbx_nmr_spectrometer.manufacturer 
_pdbx_nmr_spectrometer.field_strength 
_pdbx_nmr_spectrometer.type 
1 AMX    Bruker 500 ? 
2 AVANCE Bruker 600 ? 
# 
_atom_sites.entry_id                    1DBD 
_atom_sites.fract_transf_matrix[1][1]   1.000000 
_atom_sites.fract_transf_matrix[1][2]   0.000000 
_atom_sites.fract_transf_matrix[1][3]   0.000000 
_atom_sites.fract_transf_matrix[2][1]   0.000000 
_atom_sites.fract_transf_matrix[2][2]   1.000000 
_atom_sites.fract_transf_matrix[2][3]   0.000000 
_atom_sites.fract_transf_matrix[3][1]   0.000000 
_atom_sites.fract_transf_matrix[3][2]   0.000000 
_atom_sites.fract_transf_matrix[3][3]   1.000000 
_atom_sites.fract_transf_vector[1]      0.00000 
_atom_sites.fract_transf_vector[2]      0.00000 
_atom_sites.fract_transf_vector[3]      0.00000 
# 
loop_
_atom_type.symbol 
C 
N 
O 
S 
# 
loop_
_atom_site.group_PDB 
_atom_site.id 
_atom_site.type_symbol 
_atom_site.label_atom_id 
_atom_site.label_alt_id 
_atom_site.label_comp_id 
_atom_site.label_asym_id 
_atom_site.label_entity_id 
_atom_site.label_seq_id 
_atom_site.pdbx_PDB_ins_code 
_atom_site.Cartn_x 
_atom_site.Cartn_y 
_atom_site.Cartn_z 
_atom_site.occupancy 
_atom_site.B_iso_or_equiv 
_atom_site.pdbx_formal_charge 
_atom_site.auth_seq_id 
_atom_site.auth_comp_id 
_atom_site.auth_asym_id 
_atom_site.auth_atom_id 
_atom_site.pdbx_PDB_model_num 
ATOM 1    N N   . ARG A 1 1   ? 24.309  15.544  -4.007  1.00 12.61 ? 1   ARG A N   1 
ATOM 2    C CA  . ARG A 1 1   ? 24.782  14.645  -5.101  1.00 12.08 ? 1   ARG A CA  1 
ATOM 3    C C   . ARG A 1 1   ? 24.559  15.295  -6.447  1.00 11.14 ? 1   ARG A C   1 
ATOM 4    O O   . ARG A 1 1   ? 25.409  16.026  -6.947  1.00 10.88 ? 1   ARG A O   1 
ATOM 5    C CB  . ARG A 1 1   ? 26.288  14.320  -4.892  1.00 12.51 ? 1   ARG A CB  1 
ATOM 6    C CG  . ARG A 1 1   ? 26.652  13.746  -3.503  1.00 12.96 ? 1   ARG A CG  1 
ATOM 7    C CD  . ARG A 1 1   ? 27.632  14.607  -2.684  1.00 13.28 ? 1   ARG A CD  1 
ATOM 8    N NE  . ARG A 1 1   ? 27.043  15.982  -2.470  1.00 13.98 ? 1   ARG A NE  1 
ATOM 9    C CZ  . ARG A 1 1   ? 26.347  16.365  -1.379  1.00 14.67 ? 1   ARG A CZ  1 
ATOM 10   N NH1 . ARG A 1 1   ? 25.949  15.487  -0.450  1.00 15.16 ? 1   ARG A NH1 1 
ATOM 11   N NH2 . ARG A 1 1   ? 26.019  17.657  -1.227  1.00 15.04 ? 1   ARG A NH2 1 
ATOM 12   N N   . ARG A 1 2   ? 23.398  15.048  -7.078  1.00 10.79 ? 2   ARG A N   1 
ATOM 13   C CA  . ARG A 1 2   ? 22.907  15.811  -8.198  1.00 10.05 ? 2   ARG A CA  1 
ATOM 14   C C   . ARG A 1 2   ? 22.049  17.007  -7.803  1.00 9.45  ? 2   ARG A C   1 
ATOM 15   O O   . ARG A 1 2   ? 22.523  18.125  -7.951  1.00 9.80  ? 2   ARG A O   1 
ATOM 16   C CB  . ARG A 1 2   ? 22.356  14.954  -9.356  1.00 10.22 ? 2   ARG A CB  1 
ATOM 17   C CG  . ARG A 1 2   ? 23.265  13.776  -9.791  1.00 10.55 ? 2   ARG A CG  1 
ATOM 18   C CD  . ARG A 1 2   ? 24.772  14.061  -9.950  1.00 10.73 ? 2   ARG A CD  1 
ATOM 19   N NE  . ARG A 1 2   ? 24.963  15.203  -10.903 1.00 11.24 ? 2   ARG A NE  1 
ATOM 20   C CZ  . ARG A 1 2   ? 25.717  16.302  -10.679 1.00 11.92 ? 2   ARG A CZ  1 
ATOM 21   N NH1 . ARG A 1 2   ? 26.217  16.636  -9.481  1.00 12.33 ? 2   ARG A NH1 1 
ATOM 22   N NH2 . ARG A 1 2   ? 25.971  17.120  -11.716 1.00 12.40 ? 2   ARG A NH2 1 
ATOM 23   N N   . THR A 1 3   ? 20.786  16.950  -7.314  1.00 8.73  ? 3   THR A N   1 
ATOM 24   C CA  . THR A 1 3   ? 19.903  15.944  -6.702  1.00 8.29  ? 3   THR A CA  1 
ATOM 25   C C   . THR A 1 3   ? 18.898  15.321  -7.635  1.00 7.53  ? 3   THR A C   1 
ATOM 26   O O   . THR A 1 3   ? 17.863  15.907  -7.935  1.00 7.68  ? 3   THR A O   1 
ATOM 27   C CB  . THR A 1 3   ? 20.345  14.984  -5.579  1.00 8.42  ? 3   THR A CB  1 
ATOM 28   O OG1 . THR A 1 3   ? 21.224  13.932  -5.975  1.00 8.80  ? 3   THR A OG1 1 
ATOM 29   C CG2 . THR A 1 3   ? 20.994  15.791  -4.441  1.00 8.72  ? 3   THR A CG2 1 
ATOM 30   N N   . THR A 1 4   ? 19.160  14.082  -8.076  1.00 6.98  ? 4   THR A N   1 
ATOM 31   C CA  . THR A 1 4   ? 18.218  13.227  -8.767  1.00 6.51  ? 4   THR A CA  1 
ATOM 32   C C   . THR A 1 4   ? 17.838  12.176  -7.750  1.00 5.86  ? 4   THR A C   1 
ATOM 33   O O   . THR A 1 4   ? 18.181  11.003  -7.887  1.00 6.17  ? 4   THR A O   1 
ATOM 34   C CB  . THR A 1 4   ? 18.799  12.584  -10.028 1.00 6.98  ? 4   THR A CB  1 
ATOM 35   O OG1 . THR A 1 4   ? 20.037  11.927  -9.764  1.00 7.36  ? 4   THR A OG1 1 
ATOM 36   C CG2 . THR A 1 4   ? 19.056  13.676  -11.082 1.00 7.22  ? 4   THR A CG2 1 
ATOM 37   N N   . ASN A 1 5   ? 17.168  12.617  -6.657  1.00 5.25  ? 5   ASN A N   1 
ATOM 38   C CA  . ASN A 1 5   ? 16.845  11.797  -5.506  1.00 4.87  ? 5   ASN A CA  1 
ATOM 39   C C   . ASN A 1 5   ? 15.403  11.328  -5.574  1.00 4.03  ? 5   ASN A C   1 
ATOM 40   O O   . ASN A 1 5   ? 14.840  11.139  -6.652  1.00 4.36  ? 5   ASN A O   1 
ATOM 41   C CB  . ASN A 1 5   ? 17.208  12.507  -4.162  1.00 5.62  ? 5   ASN A CB  1 
ATOM 42   C CG  . ASN A 1 5   ? 16.619  13.916  -4.003  1.00 6.30  ? 5   ASN A CG  1 
ATOM 43   O OD1 . ASN A 1 5   ? 17.340  14.904  -4.175  1.00 6.63  ? 5   ASN A OD1 1 
ATOM 44   N ND2 . ASN A 1 5   ? 15.317  14.035  -3.658  1.00 6.89  ? 5   ASN A ND2 1 
ATOM 45   N N   . ASP A 1 6   ? 14.760  11.101  -4.415  1.00 3.36  ? 6   ASP A N   1 
ATOM 46   C CA  . ASP A 1 6   ? 13.623  10.233  -4.339  1.00 2.97  ? 6   ASP A CA  1 
ATOM 47   C C   . ASP A 1 6   ? 12.306  10.972  -4.357  1.00 2.48  ? 6   ASP A C   1 
ATOM 48   O O   . ASP A 1 6   ? 12.091  12.001  -3.717  1.00 2.27  ? 6   ASP A O   1 
ATOM 49   C CB  . ASP A 1 6   ? 13.631  9.481   -2.974  1.00 3.41  ? 6   ASP A CB  1 
ATOM 50   C CG  . ASP A 1 6   ? 14.928  8.733   -2.740  1.00 4.38  ? 6   ASP A CG  1 
ATOM 51   O OD1 . ASP A 1 6   ? 15.957  9.426   -2.528  1.00 5.02  ? 6   ASP A OD1 1 
ATOM 52   O OD2 . ASP A 1 6   ? 14.912  7.477   -2.757  1.00 4.86  ? 6   ASP A OD2 1 
ATOM 53   N N   . GLY A 1 7   ? 11.335  10.371  -5.085  1.00 2.63  ? 7   GLY A N   1 
ATOM 54   C CA  . GLY A 1 7   ? 9.951   10.340  -4.640  1.00 2.36  ? 7   GLY A CA  1 
ATOM 55   C C   . GLY A 1 7   ? 9.885   9.340   -3.530  1.00 1.76  ? 7   GLY A C   1 
ATOM 56   O O   . GLY A 1 7   ? 10.503  8.283   -3.647  1.00 2.09  ? 7   GLY A O   1 
ATOM 57   N N   . PHE A 1 8   ? 9.186   9.619   -2.417  1.00 1.36  ? 8   PHE A N   1 
ATOM 58   C CA  . PHE A 1 8   ? 9.365   8.816   -1.216  1.00 1.36  ? 8   PHE A CA  1 
ATOM 59   C C   . PHE A 1 8   ? 8.555   7.531   -1.266  1.00 1.19  ? 8   PHE A C   1 
ATOM 60   O O   . PHE A 1 8   ? 7.589   7.353   -0.526  1.00 1.42  ? 8   PHE A O   1 
ATOM 61   C CB  . PHE A 1 8   ? 9.028   9.606   0.073   1.00 1.99  ? 8   PHE A CB  1 
ATOM 62   C CG  . PHE A 1 8   ? 9.748   10.925  0.074   1.00 2.22  ? 8   PHE A CG  1 
ATOM 63   C CD1 . PHE A 1 8   ? 9.159   12.045  -0.538  1.00 2.74  ? 8   PHE A CD1 1 
ATOM 64   C CD2 . PHE A 1 8   ? 11.031  11.048  0.634   1.00 2.58  ? 8   PHE A CD2 1 
ATOM 65   C CE1 . PHE A 1 8   ? 9.860   13.253  -0.637  1.00 3.12  ? 8   PHE A CE1 1 
ATOM 66   C CE2 . PHE A 1 8   ? 11.719  12.267  0.570   1.00 2.94  ? 8   PHE A CE2 1 
ATOM 67   C CZ  . PHE A 1 8   ? 11.138  13.364  -0.076  1.00 3.03  ? 8   PHE A CZ  1 
ATOM 68   N N   . HIS A 1 9   ? 8.939   6.619   -2.179  1.00 0.97  ? 9   HIS A N   1 
ATOM 69   C CA  . HIS A 1 9   ? 8.348   5.324   -2.425  1.00 0.91  ? 9   HIS A CA  1 
ATOM 70   C C   . HIS A 1 9   ? 9.413   4.285   -2.120  1.00 0.94  ? 9   HIS A C   1 
ATOM 71   O O   . HIS A 1 9   ? 10.511  4.364   -2.666  1.00 1.08  ? 9   HIS A O   1 
ATOM 72   C CB  . HIS A 1 9   ? 7.933   5.166   -3.921  1.00 0.96  ? 9   HIS A CB  1 
ATOM 73   C CG  . HIS A 1 9   ? 7.519   6.440   -4.633  1.00 1.03  ? 9   HIS A CG  1 
ATOM 74   N ND1 . HIS A 1 9   ? 8.218   6.931   -5.718  1.00 1.45  ? 9   HIS A ND1 1 
ATOM 75   C CD2 . HIS A 1 9   ? 6.432   7.258   -4.505  1.00 1.51  ? 9   HIS A CD2 1 
ATOM 76   C CE1 . HIS A 1 9   ? 7.529   7.996   -6.196  1.00 1.45  ? 9   HIS A CE1 1 
ATOM 77   N NE2 . HIS A 1 9   ? 6.446   8.238   -5.490  1.00 1.50  ? 9   HIS A NE2 1 
ATOM 78   N N   . LEU A 1 10  ? 9.124   3.288   -1.252  1.00 0.96  ? 10  LEU A N   1 
ATOM 79   C CA  . LEU A 1 10  ? 10.135  2.349   -0.757  1.00 1.07  ? 10  LEU A CA  1 
ATOM 80   C C   . LEU A 1 10  ? 10.158  0.994   -1.464  1.00 1.07  ? 10  LEU A C   1 
ATOM 81   O O   . LEU A 1 10  ? 11.023  0.160   -1.196  1.00 1.54  ? 10  LEU A O   1 
ATOM 82   C CB  . LEU A 1 10  ? 9.915   2.089   0.760   1.00 1.23  ? 10  LEU A CB  1 
ATOM 83   C CG  . LEU A 1 10  ? 10.397  3.240   1.673   1.00 1.59  ? 10  LEU A CG  1 
ATOM 84   C CD1 . LEU A 1 10  ? 9.782   3.130   3.075   1.00 2.29  ? 10  LEU A CD1 1 
ATOM 85   C CD2 . LEU A 1 10  ? 11.930  3.272   1.786   1.00 2.20  ? 10  LEU A CD2 1 
ATOM 86   N N   . LEU A 1 11  ? 9.230   0.737   -2.410  1.00 1.00  ? 11  LEU A N   1 
ATOM 87   C CA  . LEU A 1 11  ? 9.054   -0.576  -3.025  1.00 1.01  ? 11  LEU A CA  1 
ATOM 88   C C   . LEU A 1 11  ? 9.862   -0.736  -4.300  1.00 1.12  ? 11  LEU A C   1 
ATOM 89   O O   . LEU A 1 11  ? 9.645   -1.648  -5.092  1.00 1.53  ? 11  LEU A O   1 
ATOM 90   C CB  . LEU A 1 11  ? 7.566   -0.810  -3.374  1.00 1.01  ? 11  LEU A CB  1 
ATOM 91   C CG  . LEU A 1 11  ? 6.610   -0.663  -2.177  1.00 1.06  ? 11  LEU A CG  1 
ATOM 92   C CD1 . LEU A 1 11  ? 5.168   -0.546  -2.687  1.00 1.39  ? 11  LEU A CD1 1 
ATOM 93   C CD2 . LEU A 1 11  ? 6.766   -1.823  -1.183  1.00 1.47  ? 11  LEU A CD2 1 
ATOM 94   N N   . LYS A 1 12  ? 10.816  0.188   -4.525  1.00 1.25  ? 12  LYS A N   1 
ATOM 95   C CA  . LYS A 1 12  ? 11.609  0.326   -5.730  1.00 1.38  ? 12  LYS A CA  1 
ATOM 96   C C   . LYS A 1 12  ? 12.483  -0.866  -6.080  1.00 1.59  ? 12  LYS A C   1 
ATOM 97   O O   . LYS A 1 12  ? 12.547  -1.282  -7.238  1.00 1.98  ? 12  LYS A O   1 
ATOM 98   C CB  . LYS A 1 12  ? 12.497  1.593   -5.613  1.00 1.88  ? 12  LYS A CB  1 
ATOM 99   C CG  . LYS A 1 12  ? 13.331  1.904   -6.869  1.00 2.35  ? 12  LYS A CG  1 
ATOM 100  C CD  . LYS A 1 12  ? 13.930  3.321   -6.831  1.00 2.88  ? 12  LYS A CD  1 
ATOM 101  C CE  . LYS A 1 12  ? 14.583  3.776   -8.143  1.00 3.37  ? 12  LYS A CE  1 
ATOM 102  N NZ  . LYS A 1 12  ? 15.717  2.886   -8.481  1.00 3.85  ? 12  LYS A NZ  1 
ATOM 103  N N   . ALA A 1 13  ? 13.203  -1.427  -5.085  1.00 2.02  ? 13  ALA A N   1 
ATOM 104  C CA  . ALA A 1 13  ? 14.193  -2.461  -5.291  1.00 2.48  ? 13  ALA A CA  1 
ATOM 105  C C   . ALA A 1 13  ? 13.540  -3.796  -5.614  1.00 2.00  ? 13  ALA A C   1 
ATOM 106  O O   . ALA A 1 13  ? 12.586  -4.213  -4.956  1.00 1.96  ? 13  ALA A O   1 
ATOM 107  C CB  . ALA A 1 13  ? 15.106  -2.582  -4.057  1.00 3.46  ? 13  ALA A CB  1 
ATOM 108  N N   . GLY A 1 14  ? 14.039  -4.470  -6.682  1.00 2.08  ? 14  GLY A N   1 
ATOM 109  C CA  . GLY A 1 14  ? 13.389  -5.582  -7.378  1.00 2.19  ? 14  GLY A CA  1 
ATOM 110  C C   . GLY A 1 14  ? 13.384  -6.888  -6.646  1.00 2.16  ? 14  GLY A C   1 
ATOM 111  O O   . GLY A 1 14  ? 13.875  -7.903  -7.129  1.00 2.54  ? 14  GLY A O   1 
ATOM 112  N N   . GLY A 1 15  ? 12.789  -6.870  -5.458  1.00 2.14  ? 15  GLY A N   1 
ATOM 113  C CA  . GLY A 1 15  ? 12.496  -8.025  -4.652  1.00 2.42  ? 15  GLY A CA  1 
ATOM 114  C C   . GLY A 1 15  ? 11.871  -7.487  -3.419  1.00 1.92  ? 15  GLY A C   1 
ATOM 115  O O   . GLY A 1 15  ? 12.200  -7.893  -2.315  1.00 2.26  ? 15  GLY A O   1 
ATOM 116  N N   . SER A 1 16  ? 10.954  -6.515  -3.578  1.00 1.40  ? 16  SER A N   1 
ATOM 117  C CA  . SER A 1 16  ? 10.312  -5.847  -2.463  1.00 1.09  ? 16  SER A CA  1 
ATOM 118  C C   . SER A 1 16  ? 8.907   -6.366  -2.416  1.00 1.03  ? 16  SER A C   1 
ATOM 119  O O   . SER A 1 16  ? 7.984   -5.741  -2.938  1.00 1.74  ? 16  SER A O   1 
ATOM 120  C CB  . SER A 1 16  ? 10.262  -4.303  -2.599  1.00 1.26  ? 16  SER A CB  1 
ATOM 121  O OG  . SER A 1 16  ? 11.572  -3.737  -2.541  1.00 1.82  ? 16  SER A OG  1 
ATOM 122  N N   . CYS A 1 17  ? 8.715   -7.558  -1.811  1.00 1.05  ? 17  CYS A N   1 
ATOM 123  C CA  . CYS A 1 17  ? 7.416   -8.185  -1.756  1.00 0.95  ? 17  CYS A CA  1 
ATOM 124  C C   . CYS A 1 17  ? 6.654   -7.598  -0.590  1.00 0.88  ? 17  CYS A C   1 
ATOM 125  O O   . CYS A 1 17  ? 7.211   -7.378  0.487   1.00 0.90  ? 17  CYS A O   1 
ATOM 126  C CB  . CYS A 1 17  ? 7.541   -9.731  -1.635  1.00 1.07  ? 17  CYS A CB  1 
ATOM 127  S SG  . CYS A 1 17  ? 5.958   -10.653 -1.720  1.00 1.52  ? 17  CYS A SG  1 
ATOM 128  N N   . PHE A 1 18  ? 5.351   -7.323  -0.783  1.00 0.85  ? 18  PHE A N   1 
ATOM 129  C CA  . PHE A 1 18  ? 4.527   -6.829  0.293   1.00 0.87  ? 18  PHE A CA  1 
ATOM 130  C C   . PHE A 1 18  ? 3.477   -7.847  0.678   1.00 0.85  ? 18  PHE A C   1 
ATOM 131  O O   . PHE A 1 18  ? 2.615   -8.227  -0.112  1.00 0.93  ? 18  PHE A O   1 
ATOM 132  C CB  . PHE A 1 18  ? 3.959   -5.399  0.104   1.00 0.92  ? 18  PHE A CB  1 
ATOM 133  C CG  . PHE A 1 18  ? 3.084   -5.193  -1.096  1.00 0.94  ? 18  PHE A CG  1 
ATOM 134  C CD1 . PHE A 1 18  ? 3.636   -4.938  -2.363  1.00 1.47  ? 18  PHE A CD1 1 
ATOM 135  C CD2 . PHE A 1 18  ? 1.690   -5.149  -0.935  1.00 1.63  ? 18  PHE A CD2 1 
ATOM 136  C CE1 . PHE A 1 18  ? 2.806   -4.654  -3.452  1.00 1.51  ? 18  PHE A CE1 1 
ATOM 137  C CE2 . PHE A 1 18  ? 0.862   -4.836  -2.015  1.00 1.75  ? 18  PHE A CE2 1 
ATOM 138  C CZ  . PHE A 1 18  ? 1.418   -4.585  -3.276  1.00 1.19  ? 18  PHE A CZ  1 
ATOM 139  N N   . ALA A 1 19  ? 3.551   -8.350  1.925   1.00 0.78  ? 19  ALA A N   1 
ATOM 140  C CA  . ALA A 1 19  ? 2.453   -9.022  2.573   1.00 0.73  ? 19  ALA A CA  1 
ATOM 141  C C   . ALA A 1 19  ? 1.428   -7.996  2.996   1.00 0.69  ? 19  ALA A C   1 
ATOM 142  O O   . ALA A 1 19  ? 1.724   -7.134  3.821   1.00 0.73  ? 19  ALA A O   1 
ATOM 143  C CB  . ALA A 1 19  ? 2.904   -9.840  3.796   1.00 0.73  ? 19  ALA A CB  1 
ATOM 144  N N   . LEU A 1 20  ? 0.212   -8.047  2.434   1.00 0.70  ? 20  LEU A N   1 
ATOM 145  C CA  . LEU A 1 20  ? -0.881  -7.201  2.826   1.00 0.67  ? 20  LEU A CA  1 
ATOM 146  C C   . LEU A 1 20  ? -1.773  -8.047  3.698   1.00 0.66  ? 20  LEU A C   1 
ATOM 147  O O   . LEU A 1 20  ? -2.281  -9.070  3.231   1.00 0.71  ? 20  LEU A O   1 
ATOM 148  C CB  . LEU A 1 20  ? -1.640  -6.697  1.580   1.00 0.78  ? 20  LEU A CB  1 
ATOM 149  C CG  . LEU A 1 20  ? -2.582  -5.503  1.830   1.00 0.97  ? 20  LEU A CG  1 
ATOM 150  C CD1 . LEU A 1 20  ? -1.796  -4.236  2.206   1.00 1.59  ? 20  LEU A CD1 1 
ATOM 151  C CD2 . LEU A 1 20  ? -3.434  -5.229  0.583   1.00 1.48  ? 20  LEU A CD2 1 
ATOM 152  N N   . ILE A 1 21  ? -1.915  -7.684  4.993   1.00 0.67  ? 21  ILE A N   1 
ATOM 153  C CA  . ILE A 1 21  ? -2.621  -8.536  5.930   1.00 0.68  ? 21  ILE A CA  1 
ATOM 154  C C   . ILE A 1 21  ? -3.856  -7.797  6.370   1.00 0.70  ? 21  ILE A C   1 
ATOM 155  O O   . ILE A 1 21  ? -3.791  -6.848  7.155   1.00 0.73  ? 21  ILE A O   1 
ATOM 156  C CB  . ILE A 1 21  ? -1.804  -8.977  7.142   1.00 0.71  ? 21  ILE A CB  1 
ATOM 157  C CG1 . ILE A 1 21  ? -0.416  -9.543  6.745   1.00 0.75  ? 21  ILE A CG1 1 
ATOM 158  C CG2 . ILE A 1 21  ? -2.613  -10.032 7.933   1.00 0.73  ? 21  ILE A CG2 1 
ATOM 159  C CD1 . ILE A 1 21  ? 0.724   -8.517  6.730   1.00 1.19  ? 21  ILE A CD1 1 
ATOM 160  N N   . SER A 1 22  ? -5.027  -8.232  5.864   1.00 0.73  ? 22  SER A N   1 
ATOM 161  C CA  . SER A 1 22  ? -6.283  -7.550  6.160   1.00 0.76  ? 22  SER A CA  1 
ATOM 162  C C   . SER A 1 22  ? -6.992  -8.203  7.300   1.00 0.78  ? 22  SER A C   1 
ATOM 163  O O   . SER A 1 22  ? -8.112  -8.697  7.196   1.00 0.93  ? 22  SER A O   1 
ATOM 164  C CB  . SER A 1 22  ? -7.241  -7.481  4.966   1.00 0.86  ? 22  SER A CB  1 
ATOM 165  O OG  . SER A 1 22  ? -6.738  -6.520  4.052   1.00 1.69  ? 22  SER A OG  1 
ATOM 166  N N   . GLY A 1 23  ? -6.309  -8.237  8.449   1.00 0.79  ? 23  GLY A N   1 
ATOM 167  C CA  . GLY A 1 23  ? -6.853  -8.751  9.686   1.00 0.90  ? 23  GLY A CA  1 
ATOM 168  C C   . GLY A 1 23  ? -7.851  -7.852  10.365  1.00 0.92  ? 23  GLY A C   1 
ATOM 169  O O   . GLY A 1 23  ? -7.850  -6.632  10.253  1.00 1.01  ? 23  GLY A O   1 
ATOM 170  N N   . THR A 1 24  ? -8.718  -8.451  11.183  1.00 0.93  ? 24  THR A N   1 
ATOM 171  C CA  . THR A 1 24  ? -9.676  -7.755  12.026  1.00 0.97  ? 24  THR A CA  1 
ATOM 172  C C   . THR A 1 24  ? -8.982  -6.888  13.070  1.00 1.02  ? 24  THR A C   1 
ATOM 173  O O   . THR A 1 24  ? -8.013  -7.310  13.697  1.00 1.06  ? 24  THR A O   1 
ATOM 174  C CB  . THR A 1 24  ? -10.611 -8.765  12.668  1.00 0.99  ? 24  THR A CB  1 
ATOM 175  O OG1 . THR A 1 24  ? -11.088 -9.640  11.650  1.00 1.49  ? 24  THR A OG1 1 
ATOM 176  C CG2 . THR A 1 24  ? -11.828 -8.085  13.317  1.00 1.56  ? 24  THR A CG2 1 
ATOM 177  N N   . ALA A 1 25  ? -9.435  -5.626  13.258  1.00 1.11  ? 25  ALA A N   1 
ATOM 178  C CA  . ALA A 1 25  ? -8.751  -4.545  13.961  1.00 1.21  ? 25  ALA A CA  1 
ATOM 179  C C   . ALA A 1 25  ? -8.085  -4.907  15.283  1.00 1.24  ? 25  ALA A C   1 
ATOM 180  O O   . ALA A 1 25  ? -6.871  -4.771  15.446  1.00 1.30  ? 25  ALA A O   1 
ATOM 181  C CB  . ALA A 1 25  ? -9.742  -3.384  14.186  1.00 1.36  ? 25  ALA A CB  1 
ATOM 182  N N   . ASN A 1 26  ? -8.891  -5.426  16.238  1.00 1.25  ? 26  ASN A N   1 
ATOM 183  C CA  . ASN A 1 26  ? -8.501  -5.894  17.554  1.00 1.32  ? 26  ASN A CA  1 
ATOM 184  C C   . ASN A 1 26  ? -7.404  -6.940  17.461  1.00 1.26  ? 26  ASN A C   1 
ATOM 185  O O   . ASN A 1 26  ? -6.395  -6.872  18.161  1.00 1.33  ? 26  ASN A O   1 
ATOM 186  C CB  . ASN A 1 26  ? -9.704  -6.525  18.326  1.00 1.41  ? 26  ASN A CB  1 
ATOM 187  C CG  . ASN A 1 26  ? -10.876 -5.550  18.498  1.00 1.79  ? 26  ASN A CG  1 
ATOM 188  O OD1 . ASN A 1 26  ? -10.827 -4.389  18.094  1.00 2.32  ? 26  ASN A OD1 1 
ATOM 189  N ND2 . ASN A 1 26  ? -11.985 -6.043  19.109  1.00 2.24  ? 26  ASN A ND2 1 
ATOM 190  N N   . GLN A 1 27  ? -7.566  -7.908  16.536  1.00 1.17  ? 27  GLN A N   1 
ATOM 191  C CA  . GLN A 1 27  ? -6.625  -8.973  16.280  1.00 1.15  ? 27  GLN A CA  1 
ATOM 192  C C   . GLN A 1 27  ? -5.333  -8.443  15.688  1.00 1.09  ? 27  GLN A C   1 
ATOM 193  O O   . GLN A 1 27  ? -4.259  -8.830  16.133  1.00 1.12  ? 27  GLN A O   1 
ATOM 194  C CB  . GLN A 1 27  ? -7.247  -10.045 15.356  1.00 1.16  ? 27  GLN A CB  1 
ATOM 195  C CG  . GLN A 1 27  ? -6.335  -11.261 15.092  1.00 1.25  ? 27  GLN A CG  1 
ATOM 196  C CD  . GLN A 1 27  ? -7.089  -12.303 14.266  1.00 1.71  ? 27  GLN A CD  1 
ATOM 197  O OE1 . GLN A 1 27  ? -7.941  -11.962 13.441  1.00 2.50  ? 27  GLN A OE1 1 
ATOM 198  N NE2 . GLN A 1 27  ? -6.768  -13.601 14.479  1.00 2.08  ? 27  GLN A NE2 1 
ATOM 199  N N   . VAL A 1 28  ? -5.382  -7.513  14.714  1.00 1.04  ? 28  VAL A N   1 
ATOM 200  C CA  . VAL A 1 28  ? -4.193  -6.855  14.179  1.00 1.01  ? 28  VAL A CA  1 
ATOM 201  C C   . VAL A 1 28  ? -3.450  -6.020  15.212  1.00 1.04  ? 28  VAL A C   1 
ATOM 202  O O   . VAL A 1 28  ? -2.220  -6.071  15.319  1.00 1.04  ? 28  VAL A O   1 
ATOM 203  C CB  . VAL A 1 28  ? -4.523  -6.050  12.948  1.00 1.06  ? 28  VAL A CB  1 
ATOM 204  C CG1 . VAL A 1 28  ? -3.368  -5.142  12.493  1.00 1.34  ? 28  VAL A CG1 1 
ATOM 205  C CG2 . VAL A 1 28  ? -4.843  -7.058  11.838  1.00 1.49  ? 28  VAL A CG2 1 
ATOM 206  N N   . LYS A 1 29  ? -4.197  -5.284  16.061  1.00 1.11  ? 29  LYS A N   1 
ATOM 207  C CA  . LYS A 1 29  ? -3.676  -4.529  17.184  1.00 1.22  ? 29  LYS A CA  1 
ATOM 208  C C   . LYS A 1 29  ? -2.936  -5.422  18.176  1.00 1.20  ? 29  LYS A C   1 
ATOM 209  O O   . LYS A 1 29  ? -1.797  -5.137  18.544  1.00 1.23  ? 29  LYS A O   1 
ATOM 210  C CB  . LYS A 1 29  ? -4.842  -3.763  17.856  1.00 1.36  ? 29  LYS A CB  1 
ATOM 211  C CG  . LYS A 1 29  ? -4.443  -2.619  18.806  1.00 1.59  ? 29  LYS A CG  1 
ATOM 212  C CD  . LYS A 1 29  ? -5.691  -1.851  19.289  1.00 1.98  ? 29  LYS A CD  1 
ATOM 213  C CE  . LYS A 1 29  ? -5.425  -0.593  20.131  1.00 2.80  ? 29  LYS A CE  1 
ATOM 214  N NZ  . LYS A 1 29  ? -4.753  -0.950  21.398  1.00 3.49  ? 29  LYS A NZ  1 
ATOM 215  N N   . CYS A 1 30  ? -3.546  -6.566  18.569  1.00 1.19  ? 30  CYS A N   1 
ATOM 216  C CA  . CYS A 1 30  ? -2.897  -7.594  19.359  1.00 1.25  ? 30  CYS A CA  1 
ATOM 217  C C   . CYS A 1 30  ? -1.696  -8.195  18.646  1.00 1.18  ? 30  CYS A C   1 
ATOM 218  O O   . CYS A 1 30  ? -0.610  -8.246  19.221  1.00 1.25  ? 30  CYS A O   1 
ATOM 219  C CB  . CYS A 1 30  ? -3.878  -8.728  19.746  1.00 1.37  ? 30  CYS A CB  1 
ATOM 220  S SG  . CYS A 1 30  ? -5.170  -8.145  20.891  1.00 2.17  ? 30  CYS A SG  1 
ATOM 221  N N   . TYR A 1 31  ? -1.852  -8.628  17.370  1.00 1.10  ? 31  TYR A N   1 
ATOM 222  C CA  . TYR A 1 31  ? -0.816  -9.176  16.504  1.00 1.07  ? 31  TYR A CA  1 
ATOM 223  C C   . TYR A 1 31  ? 0.452   -8.341  16.499  1.00 1.04  ? 31  TYR A C   1 
ATOM 224  O O   . TYR A 1 31  ? 1.513   -8.841  16.868  1.00 1.08  ? 31  TYR A O   1 
ATOM 225  C CB  . TYR A 1 31  ? -1.348  -9.356  15.047  1.00 1.08  ? 31  TYR A CB  1 
ATOM 226  C CG  . TYR A 1 31  ? -0.381  -10.071 14.142  1.00 1.11  ? 31  TYR A CG  1 
ATOM 227  C CD1 . TYR A 1 31  ? -0.273  -11.471 14.178  1.00 1.56  ? 31  TYR A CD1 1 
ATOM 228  C CD2 . TYR A 1 31  ? 0.436   -9.341  13.260  1.00 1.38  ? 31  TYR A CD2 1 
ATOM 229  C CE1 . TYR A 1 31  ? 0.647   -12.132 13.354  1.00 1.72  ? 31  TYR A CE1 1 
ATOM 230  C CE2 . TYR A 1 31  ? 1.364   -10.001 12.440  1.00 1.48  ? 31  TYR A CE2 1 
ATOM 231  C CZ  . TYR A 1 31  ? 1.464   -11.393 12.488  1.00 1.43  ? 31  TYR A CZ  1 
ATOM 232  O OH  . TYR A 1 31  ? 2.414   -12.046 11.684  1.00 1.68  ? 31  TYR A OH  1 
ATOM 233  N N   . ARG A 1 32  ? 0.362   -7.038  16.128  1.00 1.03  ? 32  ARG A N   1 
ATOM 234  C CA  . ARG A 1 32  ? 1.521   -6.169  16.028  1.00 1.09  ? 32  ARG A CA  1 
ATOM 235  C C   . ARG A 1 32  ? 2.211   -5.982  17.365  1.00 1.16  ? 32  ARG A C   1 
ATOM 236  O O   . ARG A 1 32  ? 3.438   -6.010  17.457  1.00 1.23  ? 32  ARG A O   1 
ATOM 237  C CB  . ARG A 1 32  ? 1.166   -4.766  15.483  1.00 1.25  ? 32  ARG A CB  1 
ATOM 238  C CG  . ARG A 1 32  ? 2.406   -3.964  15.038  1.00 1.39  ? 32  ARG A CG  1 
ATOM 239  C CD  . ARG A 1 32  ? 2.130   -2.470  14.868  1.00 1.43  ? 32  ARG A CD  1 
ATOM 240  N NE  . ARG A 1 32  ? 3.420   -1.819  14.444  1.00 1.83  ? 32  ARG A NE  1 
ATOM 241  C CZ  . ARG A 1 32  ? 3.605   -1.212  13.257  1.00 2.40  ? 32  ARG A CZ  1 
ATOM 242  N NH1 . ARG A 1 32  ? 2.750   -1.369  12.239  1.00 2.94  ? 32  ARG A NH1 1 
ATOM 243  N NH2 . ARG A 1 32  ? 4.677   -0.432  13.081  1.00 3.08  ? 32  ARG A NH2 1 
ATOM 244  N N   . PHE A 1 33  ? 1.406   -5.819  18.446  1.00 1.22  ? 33  PHE A N   1 
ATOM 245  C CA  . PHE A 1 33  ? 1.895   -5.678  19.804  1.00 1.37  ? 33  PHE A CA  1 
ATOM 246  C C   . PHE A 1 33  ? 2.667   -6.907  20.256  1.00 1.34  ? 33  PHE A C   1 
ATOM 247  O O   . PHE A 1 33  ? 3.710   -6.806  20.899  1.00 1.44  ? 33  PHE A O   1 
ATOM 248  C CB  . PHE A 1 33  ? 0.698   -5.417  20.757  1.00 1.51  ? 33  PHE A CB  1 
ATOM 249  C CG  . PHE A 1 33  ? 1.137   -4.873  22.089  1.00 1.88  ? 33  PHE A CG  1 
ATOM 250  C CD1 . PHE A 1 33  ? 1.333   -3.492  22.241  1.00 2.14  ? 33  PHE A CD1 1 
ATOM 251  C CD2 . PHE A 1 33  ? 1.346   -5.720  23.193  1.00 2.69  ? 33  PHE A CD2 1 
ATOM 252  C CE1 . PHE A 1 33  ? 1.718   -2.959  23.478  1.00 2.67  ? 33  PHE A CE1 1 
ATOM 253  C CE2 . PHE A 1 33  ? 1.738   -5.191  24.430  1.00 3.16  ? 33  PHE A CE2 1 
ATOM 254  C CZ  . PHE A 1 33  ? 1.921   -3.810  24.571  1.00 2.98  ? 33  PHE A CZ  1 
ATOM 255  N N   . ARG A 1 34  ? 2.156   -8.108  19.915  1.00 1.28  ? 34  ARG A N   1 
ATOM 256  C CA  . ARG A 1 34  ? 2.728   -9.395  20.249  1.00 1.36  ? 34  ARG A CA  1 
ATOM 257  C C   . ARG A 1 34  ? 3.973   -9.697  19.428  1.00 1.28  ? 34  ARG A C   1 
ATOM 258  O O   . ARG A 1 34  ? 5.013   -10.086 19.959  1.00 1.35  ? 34  ARG A O   1 
ATOM 259  C CB  . ARG A 1 34  ? 1.640   -10.476 20.035  1.00 1.54  ? 34  ARG A CB  1 
ATOM 260  C CG  . ARG A 1 34  ? 1.858   -11.816 20.761  1.00 1.82  ? 34  ARG A CG  1 
ATOM 261  C CD  . ARG A 1 34  ? 0.615   -12.709 20.636  1.00 2.34  ? 34  ARG A CD  1 
ATOM 262  N NE  . ARG A 1 34  ? 0.846   -13.983 21.401  1.00 2.63  ? 34  ARG A NE  1 
ATOM 263  C CZ  . ARG A 1 34  ? 0.372   -15.187 21.019  1.00 3.10  ? 34  ARG A CZ  1 
ATOM 264  N NH1 . ARG A 1 34  ? -0.356  -15.338 19.904  1.00 3.51  ? 34  ARG A NH1 1 
ATOM 265  N NH2 . ARG A 1 34  ? 0.587   -16.268 21.786  1.00 3.72  ? 34  ARG A NH2 1 
ATOM 266  N N   . VAL A 1 35  ? 3.897   -9.489  18.092  1.00 1.19  ? 35  VAL A N   1 
ATOM 267  C CA  . VAL A 1 35  ? 4.966   -9.708  17.129  1.00 1.22  ? 35  VAL A CA  1 
ATOM 268  C C   . VAL A 1 35  ? 6.206   -8.877  17.363  1.00 1.20  ? 35  VAL A C   1 
ATOM 269  O O   . VAL A 1 35  ? 7.311   -9.416  17.290  1.00 1.25  ? 35  VAL A O   1 
ATOM 270  C CB  . VAL A 1 35  ? 4.463   -9.562  15.689  1.00 1.33  ? 35  VAL A CB  1 
ATOM 271  C CG1 . VAL A 1 35  ? 5.456   -8.920  14.688  1.00 1.94  ? 35  VAL A CG1 1 
ATOM 272  C CG2 . VAL A 1 35  ? 4.020   -10.955 15.203  1.00 2.00  ? 35  VAL A CG2 1 
ATOM 273  N N   . LYS A 1 36  ? 6.075   -7.557  17.655  1.00 1.23  ? 36  LYS A N   1 
ATOM 274  C CA  . LYS A 1 36  ? 7.202   -6.627  17.668  1.00 1.36  ? 36  LYS A CA  1 
ATOM 275  C C   . LYS A 1 36  ? 8.401   -7.022  18.530  1.00 1.48  ? 36  LYS A C   1 
ATOM 276  O O   . LYS A 1 36  ? 9.543   -6.745  18.171  1.00 1.72  ? 36  LYS A O   1 
ATOM 277  C CB  . LYS A 1 36  ? 6.760   -5.194  18.059  1.00 1.48  ? 36  LYS A CB  1 
ATOM 278  C CG  . LYS A 1 36  ? 7.759   -4.135  17.552  1.00 1.83  ? 36  LYS A CG  1 
ATOM 279  C CD  . LYS A 1 36  ? 7.453   -2.693  17.982  1.00 1.80  ? 36  LYS A CD  1 
ATOM 280  C CE  . LYS A 1 36  ? 7.776   -2.411  19.452  1.00 2.06  ? 36  LYS A CE  1 
ATOM 281  N NZ  . LYS A 1 36  ? 7.624   -0.965  19.731  1.00 2.71  ? 36  LYS A NZ  1 
ATOM 282  N N   . LYS A 1 37  ? 8.149   -7.705  19.668  1.00 1.56  ? 37  LYS A N   1 
ATOM 283  C CA  . LYS A 1 37  ? 9.137   -8.237  20.596  1.00 1.79  ? 37  LYS A CA  1 
ATOM 284  C C   . LYS A 1 37  ? 10.142  -9.171  19.938  1.00 1.69  ? 37  LYS A C   1 
ATOM 285  O O   . LYS A 1 37  ? 11.315  -8.842  19.790  1.00 1.87  ? 37  LYS A O   1 
ATOM 286  C CB  . LYS A 1 37  ? 8.455   -9.035  21.745  1.00 2.25  ? 37  LYS A CB  1 
ATOM 287  C CG  . LYS A 1 37  ? 7.790   -8.187  22.841  1.00 2.61  ? 37  LYS A CG  1 
ATOM 288  C CD  . LYS A 1 37  ? 7.414   -9.058  24.056  1.00 3.06  ? 37  LYS A CD  1 
ATOM 289  C CE  . LYS A 1 37  ? 6.998   -8.255  25.292  1.00 3.60  ? 37  LYS A CE  1 
ATOM 290  N NZ  . LYS A 1 37  ? 6.702   -9.175  26.414  1.00 4.15  ? 37  LYS A NZ  1 
ATOM 291  N N   . ASN A 1 38  ? 9.705   -10.383 19.553  1.00 1.68  ? 38  ASN A N   1 
ATOM 292  C CA  . ASN A 1 38  ? 10.605  -11.431 19.102  1.00 1.81  ? 38  ASN A CA  1 
ATOM 293  C C   . ASN A 1 38  ? 10.637  -11.501 17.598  1.00 1.60  ? 38  ASN A C   1 
ATOM 294  O O   . ASN A 1 38  ? 11.635  -11.885 16.987  1.00 1.78  ? 38  ASN A O   1 
ATOM 295  C CB  . ASN A 1 38  ? 10.139  -12.805 19.635  1.00 2.28  ? 38  ASN A CB  1 
ATOM 296  C CG  . ASN A 1 38  ? 10.511  -12.860 21.111  1.00 2.90  ? 38  ASN A CG  1 
ATOM 297  O OD1 . ASN A 1 38  ? 9.846   -12.281 21.972  1.00 3.39  ? 38  ASN A OD1 1 
ATOM 298  N ND2 . ASN A 1 38  ? 11.636  -13.561 21.408  1.00 3.41  ? 38  ASN A ND2 1 
ATOM 299  N N   . HIS A 1 39  ? 9.526   -11.112 16.948  1.00 1.37  ? 39  HIS A N   1 
ATOM 300  C CA  . HIS A 1 39  ? 9.326   -11.316 15.533  1.00 1.25  ? 39  HIS A CA  1 
ATOM 301  C C   . HIS A 1 39  ? 9.544   -10.038 14.766  1.00 1.22  ? 39  HIS A C   1 
ATOM 302  O O   . HIS A 1 39  ? 8.897   -9.767  13.759  1.00 1.18  ? 39  HIS A O   1 
ATOM 303  C CB  . HIS A 1 39  ? 7.947   -11.915 15.237  1.00 1.17  ? 39  HIS A CB  1 
ATOM 304  C CG  . HIS A 1 39  ? 7.756   -13.136 16.069  1.00 1.19  ? 39  HIS A CG  1 
ATOM 305  N ND1 . HIS A 1 39  ? 8.415   -14.333 15.903  1.00 1.22  ? 39  HIS A ND1 1 
ATOM 306  C CD2 . HIS A 1 39  ? 7.095   -13.232 17.245  1.00 1.29  ? 39  HIS A CD2 1 
ATOM 307  C CE1 . HIS A 1 39  ? 8.109   -15.097 16.983  1.00 1.26  ? 39  HIS A CE1 1 
ATOM 308  N NE2 . HIS A 1 39  ? 7.319   -14.463 17.827  1.00 1.32  ? 39  HIS A NE2 1 
ATOM 309  N N   . ARG A 1 40  ? 10.539  -9.233  15.196  1.00 1.30  ? 40  ARG A N   1 
ATOM 310  C CA  . ARG A 1 40  ? 11.013  -8.082  14.440  1.00 1.35  ? 40  ARG A CA  1 
ATOM 311  C C   . ARG A 1 40  ? 11.753  -8.527  13.187  1.00 1.38  ? 40  ARG A C   1 
ATOM 312  O O   . ARG A 1 40  ? 11.571  -7.982  12.102  1.00 1.44  ? 40  ARG A O   1 
ATOM 313  C CB  . ARG A 1 40  ? 11.928  -7.188  15.307  1.00 1.50  ? 40  ARG A CB  1 
ATOM 314  C CG  . ARG A 1 40  ? 11.961  -5.695  14.907  1.00 1.67  ? 40  ARG A CG  1 
ATOM 315  C CD  . ARG A 1 40  ? 12.454  -5.347  13.494  1.00 1.67  ? 40  ARG A CD  1 
ATOM 316  N NE  . ARG A 1 40  ? 12.653  -3.866  13.479  1.00 2.05  ? 40  ARG A NE  1 
ATOM 317  C CZ  . ARG A 1 40  ? 13.093  -3.161  12.425  1.00 2.58  ? 40  ARG A CZ  1 
ATOM 318  N NH1 . ARG A 1 40  ? 13.217  -3.661  11.194  1.00 3.20  ? 40  ARG A NH1 1 
ATOM 319  N NH2 . ARG A 1 40  ? 13.455  -1.882  12.578  1.00 3.12  ? 40  ARG A NH2 1 
ATOM 320  N N   . HIS A 1 41  ? 12.566  -9.601  13.301  1.00 1.44  ? 41  HIS A N   1 
ATOM 321  C CA  . HIS A 1 41  ? 13.283  -10.226 12.204  1.00 1.57  ? 41  HIS A CA  1 
ATOM 322  C C   . HIS A 1 41  ? 12.411  -10.875 11.131  1.00 1.50  ? 41  HIS A C   1 
ATOM 323  O O   . HIS A 1 41  ? 12.937  -11.476 10.193  1.00 1.73  ? 41  HIS A O   1 
ATOM 324  C CB  . HIS A 1 41  ? 14.282  -11.291 12.713  1.00 1.76  ? 41  HIS A CB  1 
ATOM 325  C CG  . HIS A 1 41  ? 13.560  -12.507 13.204  1.00 1.67  ? 41  HIS A CG  1 
ATOM 326  N ND1 . HIS A 1 41  ? 12.852  -12.555 14.377  1.00 1.66  ? 41  HIS A ND1 1 
ATOM 327  C CD2 . HIS A 1 41  ? 13.180  -13.602 12.496  1.00 1.90  ? 41  HIS A CD2 1 
ATOM 328  C CE1 . HIS A 1 41  ? 12.077  -13.657 14.326  1.00 1.52  ? 41  HIS A CE1 1 
ATOM 329  N NE2 . HIS A 1 41  ? 12.233  -14.331 13.205  1.00 1.75  ? 41  HIS A NE2 1 
ATOM 330  N N   . ARG A 1 42  ? 11.067  -10.743 11.231  1.00 1.29  ? 42  ARG A N   1 
ATOM 331  C CA  . ARG A 1 42  ? 10.129  -11.176 10.218  1.00 1.33  ? 42  ARG A CA  1 
ATOM 332  C C   . ARG A 1 42  ? 9.854   -10.088 9.205   1.00 1.39  ? 42  ARG A C   1 
ATOM 333  O O   . ARG A 1 42  ? 9.161   -10.347 8.223   1.00 2.05  ? 42  ARG A O   1 
ATOM 334  C CB  . ARG A 1 42  ? 8.739   -11.497 10.821  1.00 1.34  ? 42  ARG A CB  1 
ATOM 335  C CG  . ARG A 1 42  ? 8.658   -12.784 11.653  1.00 1.87  ? 42  ARG A CG  1 
ATOM 336  C CD  . ARG A 1 42  ? 8.902   -14.065 10.854  1.00 2.12  ? 42  ARG A CD  1 
ATOM 337  N NE  . ARG A 1 42  ? 10.305  -14.513 11.121  1.00 2.75  ? 42  ARG A NE  1 
ATOM 338  C CZ  . ARG A 1 42  ? 10.886  -15.529 10.457  1.00 3.43  ? 42  ARG A CZ  1 
ATOM 339  N NH1 . ARG A 1 42  ? 10.421  -15.986 9.297   1.00 3.92  ? 42  ARG A NH1 1 
ATOM 340  N NH2 . ARG A 1 42  ? 11.954  -16.121 11.016  1.00 4.15  ? 42  ARG A NH2 1 
ATOM 341  N N   . TYR A 1 43  ? 10.357  -8.859  9.421   1.00 1.08  ? 43  TYR A N   1 
ATOM 342  C CA  . TYR A 1 43  ? 10.152  -7.802  8.464   1.00 1.07  ? 43  TYR A CA  1 
ATOM 343  C C   . TYR A 1 43  ? 11.356  -6.883  8.507   1.00 1.06  ? 43  TYR A C   1 
ATOM 344  O O   . TYR A 1 43  ? 12.216  -6.993  9.384   1.00 1.17  ? 43  TYR A O   1 
ATOM 345  C CB  . TYR A 1 43  ? 8.799   -7.048  8.677   1.00 1.09  ? 43  TYR A CB  1 
ATOM 346  C CG  . TYR A 1 43  ? 8.709   -6.395  10.034  1.00 1.04  ? 43  TYR A CG  1 
ATOM 347  C CD1 . TYR A 1 43  ? 8.223   -7.088  11.157  1.00 1.62  ? 43  TYR A CD1 1 
ATOM 348  C CD2 . TYR A 1 43  ? 9.151   -5.072  10.194  1.00 1.56  ? 43  TYR A CD2 1 
ATOM 349  C CE1 . TYR A 1 43  ? 8.208   -6.477  12.420  1.00 1.71  ? 43  TYR A CE1 1 
ATOM 350  C CE2 . TYR A 1 43  ? 9.161   -4.466  11.452  1.00 1.59  ? 43  TYR A CE2 1 
ATOM 351  C CZ  . TYR A 1 43  ? 8.688   -5.170  12.565  1.00 1.21  ? 43  TYR A CZ  1 
ATOM 352  O OH  . TYR A 1 43  ? 8.710   -4.533  13.819  1.00 1.43  ? 43  TYR A OH  1 
ATOM 353  N N   . GLU A 1 44  ? 11.430  -5.972  7.513   1.00 1.02  ? 44  GLU A N   1 
ATOM 354  C CA  . GLU A 1 44  ? 12.391  -4.904  7.440   1.00 1.00  ? 44  GLU A CA  1 
ATOM 355  C C   . GLU A 1 44  ? 11.620  -3.646  7.736   1.00 0.99  ? 44  GLU A C   1 
ATOM 356  O O   . GLU A 1 44  ? 11.764  -3.049  8.796   1.00 1.09  ? 44  GLU A O   1 
ATOM 357  C CB  . GLU A 1 44  ? 13.027  -4.849  6.035   1.00 1.03  ? 44  GLU A CB  1 
ATOM 358  C CG  . GLU A 1 44  ? 13.848  -6.119  5.727   1.00 1.30  ? 44  GLU A CG  1 
ATOM 359  C CD  . GLU A 1 44  ? 14.296  -6.101  4.276   1.00 2.06  ? 44  GLU A CD  1 
ATOM 360  O OE1 . GLU A 1 44  ? 15.172  -5.268  3.928   1.00 2.73  ? 44  GLU A OE1 1 
ATOM 361  O OE2 . GLU A 1 44  ? 13.741  -6.923  3.501   1.00 2.69  ? 44  GLU A OE2 1 
ATOM 362  N N   . ASN A 1 45  ? 10.702  -3.261  6.829   1.00 0.95  ? 45  ASN A N   1 
ATOM 363  C CA  . ASN A 1 45  ? 9.834   -2.119  7.016   1.00 0.94  ? 45  ASN A CA  1 
ATOM 364  C C   . ASN A 1 45  ? 8.385   -2.558  6.924   1.00 0.88  ? 45  ASN A C   1 
ATOM 365  O O   . ASN A 1 45  ? 8.042   -3.603  6.370   1.00 0.87  ? 45  ASN A O   1 
ATOM 366  C CB  . ASN A 1 45  ? 10.163  -0.992  5.998   1.00 0.98  ? 45  ASN A CB  1 
ATOM 367  C CG  . ASN A 1 45  ? 11.481  -0.350  6.429   1.00 1.25  ? 45  ASN A CG  1 
ATOM 368  O OD1 . ASN A 1 45  ? 11.797  -0.330  7.618   1.00 1.94  ? 45  ASN A OD1 1 
ATOM 369  N ND2 . ASN A 1 45  ? 12.258  0.255   5.493   1.00 1.61  ? 45  ASN A ND2 1 
ATOM 370  N N   . CYS A 1 46  ? 7.486   -1.781  7.553   1.00 0.93  ? 46  CYS A N   1 
ATOM 371  C CA  . CYS A 1 46  ? 6.069   -2.011  7.490   1.00 0.88  ? 46  CYS A CA  1 
ATOM 372  C C   . CYS A 1 46  ? 5.392   -0.668  7.645   1.00 0.89  ? 46  CYS A C   1 
ATOM 373  O O   . CYS A 1 46  ? 6.041   0.340   7.923   1.00 1.03  ? 46  CYS A O   1 
ATOM 374  C CB  . CYS A 1 46  ? 5.585   -3.005  8.585   1.00 0.91  ? 46  CYS A CB  1 
ATOM 375  S SG  . CYS A 1 46  ? 5.798   -2.422  10.304  1.00 1.51  ? 46  CYS A SG  1 
ATOM 376  N N   . THR A 1 47  ? 4.060   -0.643  7.512   1.00 0.80  ? 47  THR A N   1 
ATOM 377  C CA  . THR A 1 47  ? 3.228   0.535   7.710   1.00 0.80  ? 47  THR A CA  1 
ATOM 378  C C   . THR A 1 47  ? 2.816   0.738   9.169   1.00 0.84  ? 47  THR A C   1 
ATOM 379  O O   . THR A 1 47  ? 3.377   0.174   10.118  1.00 0.93  ? 47  THR A O   1 
ATOM 380  C CB  . THR A 1 47  ? 1.962   0.427   6.852   1.00 0.76  ? 47  THR A CB  1 
ATOM 381  O OG1 . THR A 1 47  ? 1.274   -0.805  7.088   1.00 0.82  ? 47  THR A OG1 1 
ATOM 382  C CG2 . THR A 1 47  ? 2.387   0.475   5.381   1.00 0.83  ? 47  THR A CG2 1 
ATOM 383  N N   . THR A 1 48  ? 1.731   1.525   9.361   1.00 0.87  ? 48  THR A N   1 
ATOM 384  C CA  . THR A 1 48  ? 0.882   1.540   10.532  1.00 0.91  ? 48  THR A CA  1 
ATOM 385  C C   . THR A 1 48  ? -0.179  0.494   10.253  1.00 0.91  ? 48  THR A C   1 
ATOM 386  O O   . THR A 1 48  ? 0.034   -0.416  9.448   1.00 1.05  ? 48  THR A O   1 
ATOM 387  C CB  . THR A 1 48  ? 0.190   2.907   10.697  1.00 0.95  ? 48  THR A CB  1 
ATOM 388  O OG1 . THR A 1 48  ? -0.575  3.280   9.542   1.00 1.57  ? 48  THR A OG1 1 
ATOM 389  C CG2 . THR A 1 48  ? 1.273   3.981   10.894  1.00 1.39  ? 48  THR A CG2 1 
ATOM 390  N N   . THR A 1 49  ? -1.384  0.661   10.829  1.00 0.88  ? 49  THR A N   1 
ATOM 391  C CA  . THR A 1 49  ? -2.581  0.006   10.364  1.00 0.85  ? 49  THR A CA  1 
ATOM 392  C C   . THR A 1 49  ? -3.240  1.061   9.519   1.00 0.84  ? 49  THR A C   1 
ATOM 393  O O   . THR A 1 49  ? -3.077  2.260   9.774   1.00 0.99  ? 49  THR A O   1 
ATOM 394  C CB  . THR A 1 49  ? -3.534  -0.379  11.492  1.00 0.91  ? 49  THR A CB  1 
ATOM 395  O OG1 . THR A 1 49  ? -3.587  0.614   12.509  1.00 1.66  ? 49  THR A OG1 1 
ATOM 396  C CG2 . THR A 1 49  ? -3.002  -1.646  12.162  1.00 1.46  ? 49  THR A CG2 1 
ATOM 397  N N   . TRP A 1 50  ? -3.887  0.633   8.417   1.00 0.78  ? 50  TRP A N   1 
ATOM 398  C CA  . TRP A 1 50  ? -4.662  1.528   7.589   1.00 0.80  ? 50  TRP A CA  1 
ATOM 399  C C   . TRP A 1 50  ? -5.899  0.803   7.122   1.00 0.72  ? 50  TRP A C   1 
ATOM 400  O O   . TRP A 1 50  ? -6.123  -0.364  7.458   1.00 0.73  ? 50  TRP A O   1 
ATOM 401  C CB  . TRP A 1 50  ? -3.844  2.202   6.452   1.00 0.88  ? 50  TRP A CB  1 
ATOM 402  C CG  . TRP A 1 50  ? -2.958  1.287   5.634   1.00 0.87  ? 50  TRP A CG  1 
ATOM 403  C CD1 . TRP A 1 50  ? -1.779  0.703   6.004   1.00 0.95  ? 50  TRP A CD1 1 
ATOM 404  C CD2 . TRP A 1 50  ? -3.195  0.895   4.270   1.00 0.82  ? 50  TRP A CD2 1 
ATOM 405  N NE1 . TRP A 1 50  ? -1.270  -0.043  4.971   1.00 0.95  ? 50  TRP A NE1 1 
ATOM 406  C CE2 . TRP A 1 50  ? -2.117  0.065   3.892   1.00 0.86  ? 50  TRP A CE2 1 
ATOM 407  C CE3 . TRP A 1 50  ? -4.225  1.191   3.379   1.00 0.80  ? 50  TRP A CE3 1 
ATOM 408  C CZ2 . TRP A 1 50  ? -2.055  -0.487  2.622   1.00 0.87  ? 50  TRP A CZ2 1 
ATOM 409  C CZ3 . TRP A 1 50  ? -4.156  0.630   2.095   1.00 0.84  ? 50  TRP A CZ3 1 
ATOM 410  C CH2 . TRP A 1 50  ? -3.087  -0.198  1.722   1.00 0.86  ? 50  TRP A CH2 1 
ATOM 411  N N   . PHE A 1 51  ? -6.752  1.501   6.354   1.00 0.71  ? 51  PHE A N   1 
ATOM 412  C CA  . PHE A 1 51  ? -8.052  1.034   5.967   1.00 0.68  ? 51  PHE A CA  1 
ATOM 413  C C   . PHE A 1 51  ? -8.162  1.444   4.527   1.00 0.71  ? 51  PHE A C   1 
ATOM 414  O O   . PHE A 1 51  ? -7.539  2.420   4.105   1.00 0.77  ? 51  PHE A O   1 
ATOM 415  C CB  . PHE A 1 51  ? -9.196  1.714   6.773   1.00 0.75  ? 51  PHE A CB  1 
ATOM 416  C CG  . PHE A 1 51  ? -8.978  1.494   8.247   1.00 0.79  ? 51  PHE A CG  1 
ATOM 417  C CD1 . PHE A 1 51  ? -9.233  0.238   8.820   1.00 1.56  ? 51  PHE A CD1 1 
ATOM 418  C CD2 . PHE A 1 51  ? -8.474  2.522   9.064   1.00 1.36  ? 51  PHE A CD2 1 
ATOM 419  C CE1 . PHE A 1 51  ? -8.957  -0.004  10.171  1.00 1.62  ? 51  PHE A CE1 1 
ATOM 420  C CE2 . PHE A 1 51  ? -8.205  2.287   10.420  1.00 1.47  ? 51  PHE A CE2 1 
ATOM 421  C CZ  . PHE A 1 51  ? -8.436  1.021   10.973  1.00 1.06  ? 51  PHE A CZ  1 
ATOM 422  N N   . THR A 1 52  ? -8.970  0.709   3.744   1.00 0.78  ? 52  THR A N   1 
ATOM 423  C CA  . THR A 1 52  ? -9.216  1.053   2.358   1.00 0.85  ? 52  THR A CA  1 
ATOM 424  C C   . THR A 1 52  ? -10.696 1.346   2.293   1.00 1.12  ? 52  THR A C   1 
ATOM 425  O O   . THR A 1 52  ? -11.485 0.757   3.034   1.00 1.66  ? 52  THR A O   1 
ATOM 426  C CB  . THR A 1 52  ? -8.759  -0.023  1.372   1.00 1.03  ? 52  THR A CB  1 
ATOM 427  O OG1 . THR A 1 52  ? -7.339  -0.132  1.439   1.00 1.88  ? 52  THR A OG1 1 
ATOM 428  C CG2 . THR A 1 52  ? -9.089  0.374   -0.079  1.00 1.27  ? 52  THR A CG2 1 
ATOM 429  N N   . VAL A 1 53  ? -11.090 2.327   1.455   1.00 1.17  ? 53  VAL A N   1 
ATOM 430  C CA  . VAL A 1 53  ? -12.465 2.668   1.173   1.00 1.45  ? 53  VAL A CA  1 
ATOM 431  C C   . VAL A 1 53  ? -12.992 1.839   0.012   1.00 1.84  ? 53  VAL A C   1 
ATOM 432  O O   . VAL A 1 53  ? -12.238 1.434   -0.879  1.00 2.32  ? 53  VAL A O   1 
ATOM 433  C CB  . VAL A 1 53  ? -12.678 4.159   0.907   1.00 1.84  ? 53  VAL A CB  1 
ATOM 434  C CG1 . VAL A 1 53  ? -12.170 4.971   2.117   1.00 2.25  ? 53  VAL A CG1 1 
ATOM 435  C CG2 . VAL A 1 53  ? -11.976 4.616   -0.385  1.00 2.57  ? 53  VAL A CG2 1 
ATOM 436  N N   . ALA A 1 54  ? -14.320 1.582   0.015   1.00 2.28  ? 54  ALA A N   1 
ATOM 437  C CA  . ALA A 1 54  ? -15.036 1.027   -1.116  1.00 3.03  ? 54  ALA A CA  1 
ATOM 438  C C   . ALA A 1 54  ? -15.527 2.141   -2.031  1.00 3.36  ? 54  ALA A C   1 
ATOM 439  O O   . ALA A 1 54  ? -15.390 3.323   -1.713  1.00 3.65  ? 54  ALA A O   1 
ATOM 440  C CB  . ALA A 1 54  ? -16.240 0.195   -0.621  1.00 3.70  ? 54  ALA A CB  1 
ATOM 441  N N   . ASP A 1 55  ? -16.150 1.790   -3.178  1.00 3.67  ? 55  ASP A N   1 
ATOM 442  C CA  . ASP A 1 55  ? -16.682 2.794   -4.076  1.00 4.17  ? 55  ASP A CA  1 
ATOM 443  C C   . ASP A 1 55  ? -18.125 3.109   -3.683  1.00 3.97  ? 55  ASP A C   1 
ATOM 444  O O   . ASP A 1 55  ? -18.432 4.187   -3.181  1.00 4.31  ? 55  ASP A O   1 
ATOM 445  C CB  . ASP A 1 55  ? -16.528 2.345   -5.564  1.00 4.97  ? 55  ASP A CB  1 
ATOM 446  C CG  . ASP A 1 55  ? -17.005 3.427   -6.527  1.00 5.64  ? 55  ASP A CG  1 
ATOM 447  O OD1 . ASP A 1 55  ? -18.236 3.694   -6.554  1.00 5.97  ? 55  ASP A OD1 1 
ATOM 448  O OD2 . ASP A 1 55  ? -16.149 4.073   -7.188  1.00 6.16  ? 55  ASP A OD2 1 
ATOM 449  N N   . ASN A 1 56  ? -19.069 2.183   -3.948  1.00 3.81  ? 56  ASN A N   1 
ATOM 450  C CA  . ASN A 1 56  ? -20.474 2.538   -4.057  1.00 4.06  ? 56  ASN A CA  1 
ATOM 451  C C   . ASN A 1 56  ? -21.230 2.470   -2.735  1.00 4.04  ? 56  ASN A C   1 
ATOM 452  O O   . ASN A 1 56  ? -22.044 3.343   -2.433  1.00 4.29  ? 56  ASN A O   1 
ATOM 453  C CB  . ASN A 1 56  ? -21.148 1.634   -5.132  1.00 4.62  ? 56  ASN A CB  1 
ATOM 454  C CG  . ASN A 1 56  ? -21.703 2.442   -6.309  1.00 5.01  ? 56  ASN A CG  1 
ATOM 455  O OD1 . ASN A 1 56  ? -22.878 2.306   -6.656  1.00 5.31  ? 56  ASN A OD1 1 
ATOM 456  N ND2 . ASN A 1 56  ? -20.852 3.266   -6.973  1.00 5.44  ? 56  ASN A ND2 1 
ATOM 457  N N   . GLY A 1 57  ? -21.005 1.426   -1.906  1.00 4.34  ? 57  GLY A N   1 
ATOM 458  C CA  . GLY A 1 57  ? -21.569 1.365   -0.564  1.00 4.85  ? 57  GLY A CA  1 
ATOM 459  C C   . GLY A 1 57  ? -20.850 2.318   0.353   1.00 4.72  ? 57  GLY A C   1 
ATOM 460  O O   . GLY A 1 57  ? -19.684 2.621   0.116   1.00 4.80  ? 57  GLY A O   1 
ATOM 461  N N   . ALA A 1 58  ? -21.484 2.777   1.462   1.00 4.97  ? 58  ALA A N   1 
ATOM 462  C CA  . ALA A 1 58  ? -20.877 3.721   2.400   1.00 5.16  ? 58  ALA A CA  1 
ATOM 463  C C   . ALA A 1 58  ? -19.751 3.121   3.255   1.00 4.67  ? 58  ALA A C   1 
ATOM 464  O O   . ALA A 1 58  ? -19.564 3.451   4.431   1.00 4.85  ? 58  ALA A O   1 
ATOM 465  C CB  . ALA A 1 58  ? -21.975 4.271   3.335   1.00 6.05  ? 58  ALA A CB  1 
ATOM 466  N N   . GLU A 1 59  ? -18.974 2.200   2.662   1.00 4.48  ? 59  GLU A N   1 
ATOM 467  C CA  . GLU A 1 59  ? -18.105 1.301   3.355   1.00 4.42  ? 59  GLU A CA  1 
ATOM 468  C C   . GLU A 1 59  ? -16.646 1.579   3.202   1.00 3.76  ? 59  GLU A C   1 
ATOM 469  O O   . GLU A 1 59  ? -16.135 2.181   2.257   1.00 4.05  ? 59  GLU A O   1 
ATOM 470  C CB  . GLU A 1 59  ? -18.377 -0.192  3.045   1.00 5.17  ? 59  GLU A CB  1 
ATOM 471  C CG  . GLU A 1 59  ? -19.253 -0.865  4.122   1.00 5.99  ? 59  GLU A CG  1 
ATOM 472  C CD  . GLU A 1 59  ? -18.598 -0.951  5.512   1.00 6.67  ? 59  GLU A CD  1 
ATOM 473  O OE1 . GLU A 1 59  ? -17.505 -0.366  5.749   1.00 7.04  ? 59  GLU A OE1 1 
ATOM 474  O OE2 . GLU A 1 59  ? -19.231 -1.612  6.368   1.00 7.13  ? 59  GLU A OE2 1 
ATOM 475  N N   . ARG A 1 60  ? -15.947 1.066   4.208   1.00 3.25  ? 60  ARG A N   1 
ATOM 476  C CA  . ARG A 1 60  ? -14.527 0.974   4.294   1.00 2.81  ? 60  ARG A CA  1 
ATOM 477  C C   . ARG A 1 60  ? -14.269 -0.519  4.357   1.00 2.63  ? 60  ARG A C   1 
ATOM 478  O O   . ARG A 1 60  ? -15.152 -1.353  4.179   1.00 3.35  ? 60  ARG A O   1 
ATOM 479  C CB  . ARG A 1 60  ? -14.033 1.700   5.587   1.00 3.29  ? 60  ARG A CB  1 
ATOM 480  C CG  . ARG A 1 60  ? -13.779 3.226   5.490   1.00 3.95  ? 60  ARG A CG  1 
ATOM 481  C CD  . ARG A 1 60  ? -14.894 4.122   4.920   1.00 4.77  ? 60  ARG A CD  1 
ATOM 482  N NE  . ARG A 1 60  ? -16.182 3.896   5.660   1.00 5.32  ? 60  ARG A NE  1 
ATOM 483  C CZ  . ARG A 1 60  ? -16.905 4.855   6.270   1.00 5.94  ? 60  ARG A CZ  1 
ATOM 484  N NH1 . ARG A 1 60  ? -16.317 5.947   6.776   1.00 6.44  ? 60  ARG A NH1 1 
ATOM 485  N NH2 . ARG A 1 60  ? -18.236 4.724   6.360   1.00 6.33  ? 60  ARG A NH2 1 
ATOM 486  N N   . GLN A 1 61  ? -13.031 -0.878  4.705   1.00 2.01  ? 61  GLN A N   1 
ATOM 487  C CA  . GLN A 1 61  ? -12.709 -2.134  5.324   1.00 2.14  ? 61  GLN A CA  1 
ATOM 488  C C   . GLN A 1 61  ? -12.618 -1.785  6.788   1.00 1.56  ? 61  GLN A C   1 
ATOM 489  O O   . GLN A 1 61  ? -11.951 -0.827  7.173   1.00 1.99  ? 61  GLN A O   1 
ATOM 490  C CB  . GLN A 1 61  ? -11.338 -2.688  4.844   1.00 3.02  ? 61  GLN A CB  1 
ATOM 491  C CG  . GLN A 1 61  ? -11.448 -3.713  3.695   1.00 3.63  ? 61  GLN A CG  1 
ATOM 492  C CD  . GLN A 1 61  ? -12.306 -3.185  2.545   1.00 4.59  ? 61  GLN A CD  1 
ATOM 493  O OE1 . GLN A 1 61  ? -11.940 -2.281  1.792   1.00 5.25  ? 61  GLN A OE1 1 
ATOM 494  N NE2 . GLN A 1 61  ? -13.538 -3.734  2.438   1.00 5.11  ? 61  GLN A NE2 1 
ATOM 495  N N   . GLY A 1 62  ? -13.361 -2.531  7.637   1.00 1.69  ? 62  GLY A N   1 
ATOM 496  C CA  . GLY A 1 62  ? -13.298 -2.401  9.089   1.00 2.08  ? 62  GLY A CA  1 
ATOM 497  C C   . GLY A 1 62  ? -12.027 -2.993  9.628   1.00 1.74  ? 62  GLY A C   1 
ATOM 498  O O   . GLY A 1 62  ? -11.469 -2.546  10.625  1.00 1.90  ? 62  GLY A O   1 
ATOM 499  N N   . GLN A 1 63  ? -11.562 -4.051  8.938   1.00 1.40  ? 63  GLN A N   1 
ATOM 500  C CA  . GLN A 1 63  ? -10.304 -4.714  9.071   1.00 1.13  ? 63  GLN A CA  1 
ATOM 501  C C   . GLN A 1 63  ? -9.117  -3.800  8.834   1.00 1.03  ? 63  GLN A C   1 
ATOM 502  O O   . GLN A 1 63  ? -9.084  -2.957  7.935   1.00 1.19  ? 63  GLN A O   1 
ATOM 503  C CB  . GLN A 1 63  ? -10.234 -5.914  8.095   1.00 1.12  ? 63  GLN A CB  1 
ATOM 504  C CG  . GLN A 1 63  ? -11.238 -7.052  8.415   1.00 1.37  ? 63  GLN A CG  1 
ATOM 505  C CD  . GLN A 1 63  ? -12.690 -6.784  7.989   1.00 1.95  ? 63  GLN A CD  1 
ATOM 506  O OE1 . GLN A 1 63  ? -13.050 -5.738  7.440   1.00 2.71  ? 63  GLN A OE1 1 
ATOM 507  N NE2 . GLN A 1 63  ? -13.567 -7.778  8.279   1.00 2.52  ? 63  GLN A NE2 1 
ATOM 508  N N   . ALA A 1 64  ? -8.096  -3.984  9.689   1.00 0.94  ? 64  ALA A N   1 
ATOM 509  C CA  . ALA A 1 64  ? -6.893  -3.206  9.703   1.00 0.94  ? 64  ALA A CA  1 
ATOM 510  C C   . ALA A 1 64  ? -5.916  -3.821  8.734   1.00 0.87  ? 64  ALA A C   1 
ATOM 511  O O   . ALA A 1 64  ? -5.391  -4.914  8.929   1.00 0.97  ? 64  ALA A O   1 
ATOM 512  C CB  . ALA A 1 64  ? -6.295  -3.174  11.117  1.00 1.10  ? 64  ALA A CB  1 
ATOM 513  N N   . GLN A 1 65  ? -5.670  -3.108  7.632   1.00 0.80  ? 65  GLN A N   1 
ATOM 514  C CA  . GLN A 1 65  ? -4.954  -3.580  6.490   1.00 0.77  ? 65  GLN A CA  1 
ATOM 515  C C   . GLN A 1 65  ? -3.506  -3.200  6.666   1.00 0.72  ? 65  GLN A C   1 
ATOM 516  O O   . GLN A 1 65  ? -3.106  -2.082  6.362   1.00 0.74  ? 65  GLN A O   1 
ATOM 517  C CB  . GLN A 1 65  ? -5.623  -2.891  5.278   1.00 0.85  ? 65  GLN A CB  1 
ATOM 518  C CG  . GLN A 1 65  ? -5.317  -3.493  3.895   1.00 0.92  ? 65  GLN A CG  1 
ATOM 519  C CD  . GLN A 1 65  ? -6.482  -3.215  2.941   1.00 1.28  ? 65  GLN A CD  1 
ATOM 520  O OE1 . GLN A 1 65  ? -6.370  -2.484  1.952   1.00 1.86  ? 65  GLN A OE1 1 
ATOM 521  N NE2 . GLN A 1 65  ? -7.658  -3.820  3.239   1.00 1.97  ? 65  GLN A NE2 1 
ATOM 522  N N   . ILE A 1 66  ? -2.670  -4.091  7.244   1.00 0.72  ? 66  ILE A N   1 
ATOM 523  C CA  . ILE A 1 66  ? -1.251  -3.786  7.409   1.00 0.71  ? 66  ILE A CA  1 
ATOM 524  C C   . ILE A 1 66  ? -0.466  -4.210  6.187   1.00 0.63  ? 66  ILE A C   1 
ATOM 525  O O   . ILE A 1 66  ? -0.812  -5.181  5.517   1.00 0.62  ? 66  ILE A O   1 
ATOM 526  C CB  . ILE A 1 66  ? -0.594  -4.334  8.675   1.00 0.84  ? 66  ILE A CB  1 
ATOM 527  C CG1 . ILE A 1 66  ? -0.699  -5.865  8.817   1.00 1.45  ? 66  ILE A CG1 1 
ATOM 528  C CG2 . ILE A 1 66  ? -1.222  -3.620  9.880   1.00 1.51  ? 66  ILE A CG2 1 
ATOM 529  C CD1 . ILE A 1 66  ? 0.050   -6.418  10.034  1.00 1.78  ? 66  ILE A CD1 1 
ATOM 530  N N   . LEU A 1 67  ? 0.624   -3.487  5.862   1.00 0.68  ? 67  LEU A N   1 
ATOM 531  C CA  . LEU A 1 67  ? 1.449   -3.816  4.721   1.00 0.66  ? 67  LEU A CA  1 
ATOM 532  C C   . LEU A 1 67  ? 2.851   -4.080  5.251   1.00 0.69  ? 67  LEU A C   1 
ATOM 533  O O   . LEU A 1 67  ? 3.376   -3.298  6.042   1.00 0.73  ? 67  LEU A O   1 
ATOM 534  C CB  . LEU A 1 67  ? 1.334   -2.651  3.702   1.00 0.72  ? 67  LEU A CB  1 
ATOM 535  C CG  . LEU A 1 67  ? 1.930   -2.840  2.293   1.00 0.80  ? 67  LEU A CG  1 
ATOM 536  C CD1 . LEU A 1 67  ? 1.272   -1.858  1.305   1.00 0.86  ? 67  LEU A CD1 1 
ATOM 537  C CD2 . LEU A 1 67  ? 3.451   -2.654  2.262   1.00 1.32  ? 67  LEU A CD2 1 
ATOM 538  N N   . ILE A 1 68  ? 3.451   -5.240  4.882   1.00 0.71  ? 68  ILE A N   1 
ATOM 539  C CA  . ILE A 1 68  ? 4.724   -5.726  5.414   1.00 0.74  ? 68  ILE A CA  1 
ATOM 540  C C   . ILE A 1 68  ? 5.654   -6.020  4.254   1.00 0.77  ? 68  ILE A C   1 
ATOM 541  O O   . ILE A 1 68  ? 5.318   -6.821  3.385   1.00 0.79  ? 68  ILE A O   1 
ATOM 542  C CB  . ILE A 1 68  ? 4.506   -6.959  6.312   1.00 0.75  ? 68  ILE A CB  1 
ATOM 543  C CG1 . ILE A 1 68  ? 4.314   -6.484  7.770   1.00 1.01  ? 68  ILE A CG1 1 
ATOM 544  C CG2 . ILE A 1 68  ? 5.614   -8.038  6.191   1.00 1.24  ? 68  ILE A CG2 1 
ATOM 545  C CD1 . ILE A 1 68  ? 4.004   -7.602  8.772   1.00 1.17  ? 68  ILE A CD1 1 
ATOM 546  N N   . THR A 1 69  ? 6.829   -5.339  4.188   1.00 0.82  ? 69  THR A N   1 
ATOM 547  C CA  . THR A 1 69  ? 7.805   -5.415  3.107   1.00 0.89  ? 69  THR A CA  1 
ATOM 548  C C   . THR A 1 69  ? 9.081   -6.143  3.503   1.00 0.96  ? 69  THR A C   1 
ATOM 549  O O   . THR A 1 69  ? 9.915   -5.578  4.215   1.00 1.00  ? 69  THR A O   1 
ATOM 550  C CB  . THR A 1 69  ? 8.213   -4.049  2.559   1.00 0.95  ? 69  THR A CB  1 
ATOM 551  O OG1 . THR A 1 69  ? 8.717   -3.201  3.583   1.00 1.04  ? 69  THR A OG1 1 
ATOM 552  C CG2 . THR A 1 69  ? 6.980   -3.380  1.926   1.00 0.98  ? 69  THR A CG2 1 
ATOM 553  N N   . PHE A 1 70  ? 9.273   -7.390  3.021   1.00 1.00  ? 70  PHE A N   1 
ATOM 554  C CA  . PHE A 1 70  ? 10.480  -8.174  3.154   1.00 1.07  ? 70  PHE A CA  1 
ATOM 555  C C   . PHE A 1 70  ? 11.119  -8.404  1.788   1.00 1.17  ? 70  PHE A C   1 
ATOM 556  O O   . PHE A 1 70  ? 10.449  -8.628  0.777   1.00 1.26  ? 70  PHE A O   1 
ATOM 557  C CB  . PHE A 1 70  ? 10.242  -9.542  3.872   1.00 1.02  ? 70  PHE A CB  1 
ATOM 558  C CG  . PHE A 1 70  ? 8.998   -10.266 3.411   1.00 0.99  ? 70  PHE A CG  1 
ATOM 559  C CD1 . PHE A 1 70  ? 8.966   -10.977 2.197   1.00 1.62  ? 70  PHE A CD1 1 
ATOM 560  C CD2 . PHE A 1 70  ? 7.841   -10.239 4.207   1.00 1.49  ? 70  PHE A CD2 1 
ATOM 561  C CE1 . PHE A 1 70  ? 7.785   -11.588 1.754   1.00 1.63  ? 70  PHE A CE1 1 
ATOM 562  C CE2 . PHE A 1 70  ? 6.664   -10.866 3.777   1.00 1.53  ? 70  PHE A CE2 1 
ATOM 563  C CZ  . PHE A 1 70  ? 6.628   -11.523 2.541   1.00 1.06  ? 70  PHE A CZ  1 
ATOM 564  N N   . GLY A 1 71  ? 12.469  -8.354  1.756   1.00 1.21  ? 71  GLY A N   1 
ATOM 565  C CA  . GLY A 1 71  ? 13.288  -8.930  0.710   1.00 1.30  ? 71  GLY A CA  1 
ATOM 566  C C   . GLY A 1 71  ? 13.361  -10.426 0.786   1.00 1.31  ? 71  GLY A C   1 
ATOM 567  O O   . GLY A 1 71  ? 13.304  -11.121 -0.224  1.00 1.38  ? 71  GLY A O   1 
ATOM 568  N N   . SER A 1 72  ? 13.547  -10.983 2.004   1.00 1.28  ? 72  SER A N   1 
ATOM 569  C CA  . SER A 1 72  ? 13.773  -12.413 2.183   1.00 1.36  ? 72  SER A CA  1 
ATOM 570  C C   . SER A 1 72  ? 12.519  -13.247 1.991   1.00 1.37  ? 72  SER A C   1 
ATOM 571  O O   . SER A 1 72  ? 11.560  -13.030 2.735   1.00 1.34  ? 72  SER A O   1 
ATOM 572  C CB  . SER A 1 72  ? 14.363  -12.823 3.562   1.00 1.42  ? 72  SER A CB  1 
ATOM 573  O OG  . SER A 1 72  ? 15.680  -12.311 3.747   1.00 2.13  ? 72  SER A OG  1 
ATOM 574  N N   . PRO A 1 73  ? 12.471  -14.265 1.115   1.00 1.43  ? 73  PRO A N   1 
ATOM 575  C CA  . PRO A 1 73  ? 11.394  -15.243 1.127   1.00 1.45  ? 73  PRO A CA  1 
ATOM 576  C C   . PRO A 1 73  ? 11.519  -16.150 2.330   1.00 1.43  ? 73  PRO A C   1 
ATOM 577  O O   . PRO A 1 73  ? 10.545  -16.804 2.695   1.00 1.43  ? 73  PRO A O   1 
ATOM 578  C CB  . PRO A 1 73  ? 11.563  -16.023 -0.186  1.00 1.55  ? 73  PRO A CB  1 
ATOM 579  C CG  . PRO A 1 73  ? 13.054  -15.896 -0.521  1.00 1.63  ? 73  PRO A CG  1 
ATOM 580  C CD  . PRO A 1 73  ? 13.424  -14.514 0.027   1.00 1.52  ? 73  PRO A CD  1 
ATOM 581  N N   . SER A 1 74  ? 12.697  -16.193 2.991   1.00 1.44  ? 74  SER A N   1 
ATOM 582  C CA  . SER A 1 74  ? 12.892  -16.885 4.251   1.00 1.47  ? 74  SER A CA  1 
ATOM 583  C C   . SER A 1 74  ? 12.044  -16.336 5.361   1.00 1.44  ? 74  SER A C   1 
ATOM 584  O O   . SER A 1 74  ? 11.549  -17.046 6.221   1.00 1.52  ? 74  SER A O   1 
ATOM 585  C CB  . SER A 1 74  ? 14.366  -16.905 4.724   1.00 1.55  ? 74  SER A CB  1 
ATOM 586  O OG  . SER A 1 74  ? 15.226  -17.158 3.618   1.00 2.13  ? 74  SER A OG  1 
ATOM 587  N N   . GLN A 1 75  ? 11.785  -15.031 5.339   1.00 1.38  ? 75  GLN A N   1 
ATOM 588  C CA  . GLN A 1 75  ? 10.894  -14.395 6.287   1.00 1.36  ? 75  GLN A CA  1 
ATOM 589  C C   . GLN A 1 75  ? 9.451   -14.874 6.142   1.00 1.32  ? 75  GLN A C   1 
ATOM 590  O O   . GLN A 1 75  ? 8.833   -15.218 7.153   1.00 1.32  ? 75  GLN A O   1 
ATOM 591  C CB  . GLN A 1 75  ? 11.095  -12.868 6.270   1.00 1.40  ? 75  GLN A CB  1 
ATOM 592  C CG  . GLN A 1 75  ? 12.398  -12.536 7.043   1.00 1.47  ? 75  GLN A CG  1 
ATOM 593  C CD  . GLN A 1 75  ? 12.984  -11.161 6.714   1.00 1.89  ? 75  GLN A CD  1 
ATOM 594  O OE1 . GLN A 1 75  ? 12.790  -10.621 5.628   1.00 2.47  ? 75  GLN A OE1 1 
ATOM 595  N NE2 . GLN A 1 75  ? 13.782  -10.606 7.658   1.00 2.43  ? 75  GLN A NE2 1 
ATOM 596  N N   . ARG A 1 76  ? 8.963   -14.986 4.877   1.00 1.33  ? 76  ARG A N   1 
ATOM 597  C CA  . ARG A 1 76  ? 7.678   -15.525 4.451   1.00 1.35  ? 76  ARG A CA  1 
ATOM 598  C C   . ARG A 1 76  ? 7.529   -17.008 4.710   1.00 1.37  ? 76  ARG A C   1 
ATOM 599  O O   . ARG A 1 76  ? 6.453   -17.487 5.056   1.00 1.40  ? 76  ARG A O   1 
ATOM 600  C CB  . ARG A 1 76  ? 7.491   -15.306 2.911   1.00 1.41  ? 76  ARG A CB  1 
ATOM 601  C CG  . ARG A 1 76  ? 6.109   -15.691 2.321   1.00 1.51  ? 76  ARG A CG  1 
ATOM 602  C CD  . ARG A 1 76  ? 5.914   -15.401 0.809   1.00 1.81  ? 76  ARG A CD  1 
ATOM 603  N NE  . ARG A 1 76  ? 6.146   -16.641 -0.026  1.00 2.44  ? 76  ARG A NE  1 
ATOM 604  C CZ  . ARG A 1 76  ? 5.963   -16.688 -1.367  1.00 2.95  ? 76  ARG A CZ  1 
ATOM 605  N NH1 . ARG A 1 76  ? 5.628   -15.599 -2.069  1.00 3.46  ? 76  ARG A NH1 1 
ATOM 606  N NH2 . ARG A 1 76  ? 6.115   -17.832 -2.057  1.00 3.53  ? 76  ARG A NH2 1 
ATOM 607  N N   . GLN A 1 77  ? 8.610   -17.786 4.521   1.00 1.40  ? 77  GLN A N   1 
ATOM 608  C CA  . GLN A 1 77  ? 8.566   -19.232 4.601   1.00 1.43  ? 77  GLN A CA  1 
ATOM 609  C C   . GLN A 1 77  ? 8.870   -19.746 5.993   1.00 1.40  ? 77  GLN A C   1 
ATOM 610  O O   . GLN A 1 77  ? 8.165   -20.614 6.503   1.00 1.43  ? 77  GLN A O   1 
ATOM 611  C CB  . GLN A 1 77  ? 9.488   -19.857 3.531   1.00 1.47  ? 77  GLN A CB  1 
ATOM 612  C CG  . GLN A 1 77  ? 9.129   -21.320 3.192   1.00 1.82  ? 77  GLN A CG  1 
ATOM 613  C CD  . GLN A 1 77  ? 9.424   -21.610 1.721   1.00 2.06  ? 77  GLN A CD  1 
ATOM 614  O OE1 . GLN A 1 77  ? 8.639   -21.231 0.847   1.00 2.40  ? 77  GLN A OE1 1 
ATOM 615  N NE2 . GLN A 1 77  ? 10.568  -22.270 1.421   1.00 2.72  ? 77  GLN A NE2 1 
ATOM 616  N N   . ASP A 1 78  ? 9.892   -19.184 6.690   1.00 1.37  ? 78  ASP A N   1 
ATOM 617  C CA  . ASP A 1 78  ? 10.166  -19.502 8.079   1.00 1.35  ? 78  ASP A CA  1 
ATOM 618  C C   . ASP A 1 78  ? 9.139   -18.870 9.012   1.00 1.29  ? 78  ASP A C   1 
ATOM 619  O O   . ASP A 1 78  ? 9.130   -19.145 10.213  1.00 1.29  ? 78  ASP A O   1 
ATOM 620  C CB  . ASP A 1 78  ? 11.615  -19.133 8.508   1.00 1.41  ? 78  ASP A CB  1 
ATOM 621  C CG  . ASP A 1 78  ? 12.606  -20.011 7.761   1.00 1.72  ? 78  ASP A CG  1 
ATOM 622  O OD1 . ASP A 1 78  ? 12.588  -21.244 8.027   1.00 2.23  ? 78  ASP A OD1 1 
ATOM 623  O OD2 . ASP A 1 78  ? 13.377  -19.483 6.921   1.00 2.21  ? 78  ASP A OD2 1 
ATOM 624  N N   . PHE A 1 79  ? 8.209   -18.052 8.455   1.00 1.29  ? 79  PHE A N   1 
ATOM 625  C CA  . PHE A 1 79  ? 7.051   -17.463 9.106   1.00 1.24  ? 79  PHE A CA  1 
ATOM 626  C C   . PHE A 1 79  ? 6.346   -18.453 9.998   1.00 1.22  ? 79  PHE A C   1 
ATOM 627  O O   . PHE A 1 79  ? 6.292   -18.235 11.200  1.00 1.21  ? 79  PHE A O   1 
ATOM 628  C CB  . PHE A 1 79  ? 6.112   -16.915 7.990   1.00 1.28  ? 79  PHE A CB  1 
ATOM 629  C CG  . PHE A 1 79  ? 5.009   -15.947 8.325   1.00 1.20  ? 79  PHE A CG  1 
ATOM 630  C CD1 . PHE A 1 79  ? 4.633   -15.604 9.628   1.00 1.82  ? 79  PHE A CD1 1 
ATOM 631  C CD2 . PHE A 1 79  ? 4.320   -15.351 7.250   1.00 1.59  ? 79  PHE A CD2 1 
ATOM 632  C CE1 . PHE A 1 79  ? 3.568   -14.729 9.861   1.00 1.94  ? 79  PHE A CE1 1 
ATOM 633  C CE2 . PHE A 1 79  ? 3.274   -14.446 7.475   1.00 1.65  ? 79  PHE A CE2 1 
ATOM 634  C CZ  . PHE A 1 79  ? 2.889   -14.145 8.788   1.00 1.44  ? 79  PHE A CZ  1 
ATOM 635  N N   . LEU A 1 80  ? 5.871   -19.592 9.460   1.00 1.25  ? 80  LEU A N   1 
ATOM 636  C CA  . LEU A 1 80  ? 5.057   -20.542 10.178  1.00 1.28  ? 80  LEU A CA  1 
ATOM 637  C C   . LEU A 1 80  ? 5.725   -21.267 11.332  1.00 1.30  ? 80  LEU A C   1 
ATOM 638  O O   . LEU A 1 80  ? 5.070   -21.755 12.249  1.00 1.36  ? 80  LEU A O   1 
ATOM 639  C CB  . LEU A 1 80  ? 4.456   -21.551 9.174   1.00 1.36  ? 80  LEU A CB  1 
ATOM 640  C CG  . LEU A 1 80  ? 2.956   -21.796 9.409   1.00 1.57  ? 80  LEU A CG  1 
ATOM 641  C CD1 . LEU A 1 80  ? 2.112   -20.575 9.000   1.00 2.07  ? 80  LEU A CD1 1 
ATOM 642  C CD2 . LEU A 1 80  ? 2.475   -23.052 8.663   1.00 2.34  ? 80  LEU A CD2 1 
ATOM 643  N N   . LYS A 1 81  ? 7.067   -21.327 11.300  1.00 1.31  ? 81  LYS A N   1 
ATOM 644  C CA  . LYS A 1 81  ? 7.897   -21.834 12.380  1.00 1.36  ? 81  LYS A CA  1 
ATOM 645  C C   . LYS A 1 81  ? 7.941   -20.846 13.532  1.00 1.35  ? 81  LYS A C   1 
ATOM 646  O O   . LYS A 1 81  ? 7.594   -21.153 14.672  1.00 1.39  ? 81  LYS A O   1 
ATOM 647  C CB  . LYS A 1 81  ? 9.352   -22.065 11.899  1.00 1.41  ? 81  LYS A CB  1 
ATOM 648  C CG  . LYS A 1 81  ? 9.547   -23.251 10.946  1.00 1.72  ? 81  LYS A CG  1 
ATOM 649  C CD  . LYS A 1 81  ? 10.649  -22.941 9.918   1.00 2.43  ? 81  LYS A CD  1 
ATOM 650  C CE  . LYS A 1 81  ? 11.248  -24.159 9.212   1.00 3.00  ? 81  LYS A CE  1 
ATOM 651  N NZ  . LYS A 1 81  ? 12.139  -23.732 8.109   1.00 3.45  ? 81  LYS A NZ  1 
ATOM 652  N N   . HIS A 1 82  ? 8.408   -19.617 13.221  1.00 1.35  ? 82  HIS A N   1 
ATOM 653  C CA  . HIS A 1 82  ? 8.726   -18.608 14.204  1.00 1.38  ? 82  HIS A CA  1 
ATOM 654  C C   . HIS A 1 82  ? 7.508   -17.866 14.675  1.00 1.32  ? 82  HIS A C   1 
ATOM 655  O O   . HIS A 1 82  ? 7.362   -17.662 15.877  1.00 1.37  ? 82  HIS A O   1 
ATOM 656  C CB  . HIS A 1 82  ? 9.791   -17.621 13.686  1.00 1.44  ? 82  HIS A CB  1 
ATOM 657  C CG  . HIS A 1 82  ? 11.113  -18.313 13.508  1.00 1.51  ? 82  HIS A CG  1 
ATOM 658  N ND1 . HIS A 1 82  ? 12.103  -18.384 14.467  1.00 1.62  ? 82  HIS A ND1 1 
ATOM 659  C CD2 . HIS A 1 82  ? 11.545  -19.088 12.477  1.00 1.75  ? 82  HIS A CD2 1 
ATOM 660  C CE1 . HIS A 1 82  ? 13.085  -19.175 13.959  1.00 1.64  ? 82  HIS A CE1 1 
ATOM 661  N NE2 . HIS A 1 82  ? 12.788  -19.619 12.758  1.00 1.70  ? 82  HIS A NE2 1 
ATOM 662  N N   . VAL A 1 83  ? 6.598   -17.431 13.777  1.00 1.23  ? 83  VAL A N   1 
ATOM 663  C CA  . VAL A 1 83  ? 5.327   -16.904 14.200  1.00 1.20  ? 83  VAL A CA  1 
ATOM 664  C C   . VAL A 1 83  ? 4.222   -17.477 13.333  1.00 1.15  ? 83  VAL A C   1 
ATOM 665  O O   . VAL A 1 83  ? 3.907   -16.926 12.280  1.00 1.12  ? 83  VAL A O   1 
ATOM 666  C CB  . VAL A 1 83  ? 5.363   -15.391 14.276  1.00 1.21  ? 83  VAL A CB  1 
ATOM 667  C CG1 . VAL A 1 83  ? 5.744   -14.679 12.965  1.00 1.17  ? 83  VAL A CG1 1 
ATOM 668  C CG2 . VAL A 1 83  ? 4.056   -14.850 14.889  1.00 1.24  ? 83  VAL A CG2 1 
ATOM 669  N N   . PRO A 1 84  ? 3.580   -18.590 13.698  1.00 1.21  ? 84  PRO A N   1 
ATOM 670  C CA  . PRO A 1 84  ? 2.496   -19.144 12.903  1.00 1.20  ? 84  PRO A CA  1 
ATOM 671  C C   . PRO A 1 84  ? 1.310   -18.210 12.902  1.00 1.12  ? 84  PRO A C   1 
ATOM 672  O O   . PRO A 1 84  ? 1.034   -17.553 13.906  1.00 1.21  ? 84  PRO A O   1 
ATOM 673  C CB  . PRO A 1 84  ? 2.179   -20.490 13.576  1.00 1.33  ? 84  PRO A CB  1 
ATOM 674  C CG  . PRO A 1 84  ? 2.624   -20.300 15.027  1.00 1.40  ? 84  PRO A CG  1 
ATOM 675  C CD  . PRO A 1 84  ? 3.851   -19.398 14.890  1.00 1.32  ? 84  PRO A CD  1 
ATOM 676  N N   . LEU A 1 85  ? 0.630   -18.106 11.746  1.00 1.14  ? 85  LEU A N   1 
ATOM 677  C CA  . LEU A 1 85  ? -0.446  -17.180 11.527  1.00 1.12  ? 85  LEU A CA  1 
ATOM 678  C C   . LEU A 1 85  ? -1.699  -17.576 12.307  1.00 1.01  ? 85  LEU A C   1 
ATOM 679  O O   . LEU A 1 85  ? -2.076  -18.749 12.265  1.00 1.10  ? 85  LEU A O   1 
ATOM 680  C CB  . LEU A 1 85  ? -0.766  -17.155 10.014  1.00 1.34  ? 85  LEU A CB  1 
ATOM 681  C CG  . LEU A 1 85  ? -1.655  -15.992 9.542   1.00 1.49  ? 85  LEU A CG  1 
ATOM 682  C CD1 . LEU A 1 85  ? -0.919  -14.648 9.624   1.00 2.02  ? 85  LEU A CD1 1 
ATOM 683  C CD2 . LEU A 1 85  ? -2.132  -16.268 8.109   1.00 1.88  ? 85  LEU A CD2 1 
ATOM 684  N N   . PRO A 1 86  ? -2.384  -16.682 13.018  1.00 1.10  ? 86  PRO A N   1 
ATOM 685  C CA  . PRO A 1 86  ? -3.693  -16.982 13.587  1.00 1.22  ? 86  PRO A CA  1 
ATOM 686  C C   . PRO A 1 86  ? -4.787  -17.072 12.522  1.00 1.11  ? 86  PRO A C   1 
ATOM 687  O O   . PRO A 1 86  ? -4.635  -16.403 11.498  1.00 1.07  ? 86  PRO A O   1 
ATOM 688  C CB  . PRO A 1 86  ? -3.965  -15.775 14.507  1.00 1.56  ? 86  PRO A CB  1 
ATOM 689  C CG  . PRO A 1 86  ? -2.577  -15.246 14.872  1.00 1.76  ? 86  PRO A CG  1 
ATOM 690  C CD  . PRO A 1 86  ? -1.808  -15.457 13.572  1.00 1.40  ? 86  PRO A CD  1 
ATOM 691  N N   . PRO A 1 87  ? -5.875  -17.823 12.690  1.00 1.28  ? 87  PRO A N   1 
ATOM 692  C CA  . PRO A 1 87  ? -7.025  -17.752 11.795  1.00 1.31  ? 87  PRO A CA  1 
ATOM 693  C C   . PRO A 1 87  ? -7.780  -16.443 11.965  1.00 1.28  ? 87  PRO A C   1 
ATOM 694  O O   . PRO A 1 87  ? -7.566  -15.724 12.939  1.00 1.53  ? 87  PRO A O   1 
ATOM 695  C CB  . PRO A 1 87  ? -7.892  -18.937 12.255  1.00 1.71  ? 87  PRO A CB  1 
ATOM 696  C CG  . PRO A 1 87  ? -7.603  -19.041 13.755  1.00 1.84  ? 87  PRO A CG  1 
ATOM 697  C CD  . PRO A 1 87  ? -6.111  -18.718 13.826  1.00 1.67  ? 87  PRO A CD  1 
ATOM 698  N N   . GLY A 1 88  ? -8.667  -16.091 11.009  1.00 1.32  ? 88  GLY A N   1 
ATOM 699  C CA  . GLY A 1 88  ? -9.458  -14.862 11.091  1.00 1.63  ? 88  GLY A CA  1 
ATOM 700  C C   . GLY A 1 88  ? -8.929  -13.789 10.185  1.00 1.46  ? 88  GLY A C   1 
ATOM 701  O O   . GLY A 1 88  ? -9.686  -12.993 9.636   1.00 1.67  ? 88  GLY A O   1 
ATOM 702  N N   . MET A 1 89  ? -7.598  -13.744 10.002  1.00 1.21  ? 89  MET A N   1 
ATOM 703  C CA  . MET A 1 89  ? -6.989  -12.941 8.976   1.00 1.10  ? 89  MET A CA  1 
ATOM 704  C C   . MET A 1 89  ? -6.574  -13.834 7.828   1.00 0.98  ? 89  MET A C   1 
ATOM 705  O O   . MET A 1 89  ? -6.523  -15.056 7.933   1.00 1.15  ? 89  MET A O   1 
ATOM 706  C CB  . MET A 1 89  ? -5.782  -12.144 9.523   1.00 1.11  ? 89  MET A CB  1 
ATOM 707  C CG  . MET A 1 89  ? -4.622  -12.998 10.077  1.00 1.08  ? 89  MET A CG  1 
ATOM 708  S SD  . MET A 1 89  ? -4.292  -12.752 11.851  1.00 1.53  ? 89  MET A SD  1 
ATOM 709  C CE  . MET A 1 89  ? -3.655  -11.056 11.710  1.00 1.14  ? 89  MET A CE  1 
ATOM 710  N N   . ASN A 1 90  ? -6.256  -13.210 6.686   1.00 0.91  ? 90  ASN A N   1 
ATOM 711  C CA  . ASN A 1 90  ? -5.658  -13.850 5.547   1.00 0.93  ? 90  ASN A CA  1 
ATOM 712  C C   . ASN A 1 90  ? -4.516  -12.921 5.197   1.00 0.75  ? 90  ASN A C   1 
ATOM 713  O O   . ASN A 1 90  ? -4.552  -11.737 5.549   1.00 0.74  ? 90  ASN A O   1 
ATOM 714  C CB  . ASN A 1 90  ? -6.648  -13.983 4.364   1.00 1.21  ? 90  ASN A CB  1 
ATOM 715  C CG  . ASN A 1 90  ? -7.572  -15.186 4.568   1.00 1.60  ? 90  ASN A CG  1 
ATOM 716  O OD1 . ASN A 1 90  ? -7.218  -16.301 4.184   1.00 2.18  ? 90  ASN A OD1 1 
ATOM 717  N ND2 . ASN A 1 90  ? -8.783  -14.987 5.143   1.00 2.07  ? 90  ASN A ND2 1 
ATOM 718  N N   . ILE A 1 91  ? -3.465  -13.448 4.531   1.00 0.73  ? 91  ILE A N   1 
ATOM 719  C CA  . ILE A 1 91  ? -2.255  -12.726 4.222   1.00 0.67  ? 91  ILE A CA  1 
ATOM 720  C C   . ILE A 1 91  ? -2.184  -12.764 2.727   1.00 0.74  ? 91  ILE A C   1 
ATOM 721  O O   . ILE A 1 91  ? -2.592  -13.736 2.093   1.00 0.87  ? 91  ILE A O   1 
ATOM 722  C CB  . ILE A 1 91  ? -0.991  -13.363 4.820   1.00 0.70  ? 91  ILE A CB  1 
ATOM 723  C CG1 . ILE A 1 91  ? -0.809  -14.859 4.441   1.00 1.11  ? 91  ILE A CG1 1 
ATOM 724  C CG2 . ILE A 1 91  ? -1.066  -13.176 6.351   1.00 0.86  ? 91  ILE A CG2 1 
ATOM 725  C CD1 . ILE A 1 91  ? 0.559   -15.440 4.834   1.00 1.54  ? 91  ILE A CD1 1 
ATOM 726  N N   . SER A 1 92  ? -1.725  -11.707 2.053   1.00 0.73  ? 92  SER A N   1 
ATOM 727  C CA  . SER A 1 92  ? -1.470  -11.861 0.626   1.00 0.82  ? 92  SER A CA  1 
ATOM 728  C C   . SER A 1 92  ? -0.230  -11.136 0.217   1.00 0.79  ? 92  SER A C   1 
ATOM 729  O O   . SER A 1 92  ? -0.092  -9.931  0.423   1.00 0.83  ? 92  SER A O   1 
ATOM 730  C CB  . SER A 1 92  ? -2.675  -11.519 -0.271  1.00 0.95  ? 92  SER A CB  1 
ATOM 731  O OG  . SER A 1 92  ? -3.671  -12.525 -0.099  1.00 1.68  ? 92  SER A OG  1 
ATOM 732  N N   . GLY A 1 93  ? 0.719   -11.923 -0.336  1.00 0.84  ? 93  GLY A N   1 
ATOM 733  C CA  . GLY A 1 93  ? 2.033   -11.487 -0.750  1.00 0.88  ? 93  GLY A CA  1 
ATOM 734  C C   . GLY A 1 93  ? 1.981   -11.017 -2.160  1.00 0.93  ? 93  GLY A C   1 
ATOM 735  O O   . GLY A 1 93  ? 1.779   -11.818 -3.074  1.00 1.12  ? 93  GLY A O   1 
ATOM 736  N N   . PHE A 1 94  ? 2.179   -9.711  -2.366  1.00 0.88  ? 94  PHE A N   1 
ATOM 737  C CA  . PHE A 1 94  ? 2.188   -9.148  -3.685  1.00 0.87  ? 94  PHE A CA  1 
ATOM 738  C C   . PHE A 1 94  ? 3.606   -8.764  -3.975  1.00 0.90  ? 94  PHE A C   1 
ATOM 739  O O   . PHE A 1 94  ? 4.316   -8.218  -3.132  1.00 0.91  ? 94  PHE A O   1 
ATOM 740  C CB  . PHE A 1 94  ? 1.285   -7.906  -3.800  1.00 0.85  ? 94  PHE A CB  1 
ATOM 741  C CG  . PHE A 1 94  ? -0.161  -8.315  -3.786  1.00 0.89  ? 94  PHE A CG  1 
ATOM 742  C CD1 . PHE A 1 94  ? -0.864  -8.435  -2.576  1.00 1.40  ? 94  PHE A CD1 1 
ATOM 743  C CD2 . PHE A 1 94  ? -0.829  -8.588  -4.990  1.00 1.67  ? 94  PHE A CD2 1 
ATOM 744  C CE1 . PHE A 1 94  ? -2.203  -8.847  -2.566  1.00 1.48  ? 94  PHE A CE1 1 
ATOM 745  C CE2 . PHE A 1 94  ? -2.161  -9.017  -4.984  1.00 1.91  ? 94  PHE A CE2 1 
ATOM 746  C CZ  . PHE A 1 94  ? -2.843  -9.165  -3.770  1.00 1.37  ? 94  PHE A CZ  1 
ATOM 747  N N   . THR A 1 95  ? 4.051   -9.056  -5.200  1.00 0.98  ? 95  THR A N   1 
ATOM 748  C CA  . THR A 1 95  ? 5.359   -8.801  -5.731  1.00 0.96  ? 95  THR A CA  1 
ATOM 749  C C   . THR A 1 95  ? 5.171   -7.546  -6.537  1.00 0.92  ? 95  THR A C   1 
ATOM 750  O O   . THR A 1 95  ? 4.240   -7.424  -7.334  1.00 1.08  ? 95  THR A O   1 
ATOM 751  C CB  . THR A 1 95  ? 5.860   -9.945  -6.608  1.00 1.09  ? 95  THR A CB  1 
ATOM 752  O OG1 . THR A 1 95  ? 5.876   -11.145 -5.839  1.00 1.26  ? 95  THR A OG1 1 
ATOM 753  C CG2 . THR A 1 95  ? 7.295   -9.661  -7.085  1.00 1.54  ? 95  THR A CG2 1 
ATOM 754  N N   . ALA A 1 96  ? 6.011   -6.538  -6.266  1.00 0.88  ? 96  ALA A N   1 
ATOM 755  C CA  . ALA A 1 96  ? 5.809   -5.188  -6.734  1.00 0.93  ? 96  ALA A CA  1 
ATOM 756  C C   . ALA A 1 96  ? 6.667   -4.903  -7.946  1.00 0.81  ? 96  ALA A C   1 
ATOM 757  O O   . ALA A 1 96  ? 7.888   -4.784  -7.834  1.00 1.27  ? 96  ALA A O   1 
ATOM 758  C CB  . ALA A 1 96  ? 6.171   -4.193  -5.609  1.00 1.41  ? 96  ALA A CB  1 
ATOM 759  N N   . SER A 1 97  ? 6.047   -4.751  -9.139  1.00 0.72  ? 97  SER A N   1 
ATOM 760  C CA  . SER A 1 97  ? 6.801   -4.393  -10.327 1.00 1.00  ? 97  SER A CA  1 
ATOM 761  C C   . SER A 1 97  ? 6.657   -2.923  -10.584 1.00 0.87  ? 97  SER A C   1 
ATOM 762  O O   . SER A 1 97  ? 5.597   -2.431  -10.956 1.00 1.28  ? 97  SER A O   1 
ATOM 763  C CB  . SER A 1 97  ? 6.381   -5.155  -11.602 1.00 1.58  ? 97  SER A CB  1 
ATOM 764  O OG  . SER A 1 97  ? 6.825   -6.505  -11.501 1.00 2.31  ? 97  SER A OG  1 
ATOM 765  N N   . LEU A 1 98  ? 7.754   -2.162  -10.398 1.00 1.36  ? 98  LEU A N   1 
ATOM 766  C CA  . LEU A 1 98  ? 7.808   -0.750  -10.737 1.00 1.28  ? 98  LEU A CA  1 
ATOM 767  C C   . LEU A 1 98  ? 7.772   -0.635  -12.249 1.00 1.13  ? 98  LEU A C   1 
ATOM 768  O O   . LEU A 1 98  ? 8.566   -1.281  -12.929 1.00 2.03  ? 98  LEU A O   1 
ATOM 769  C CB  . LEU A 1 98  ? 9.091   -0.084  -10.164 1.00 2.37  ? 98  LEU A CB  1 
ATOM 770  C CG  . LEU A 1 98  ? 9.134   1.468   -10.098 1.00 2.47  ? 98  LEU A CG  1 
ATOM 771  C CD1 . LEU A 1 98  ? 10.415  1.925   -9.387  1.00 3.03  ? 98  LEU A CD1 1 
ATOM 772  C CD2 . LEU A 1 98  ? 9.084   2.165   -11.459 1.00 3.06  ? 98  LEU A CD2 1 
ATOM 773  N N   . ASP A 1 99  ? 6.827   0.164   -12.793 1.00 1.22  ? 99  ASP A N   1 
ATOM 774  C CA  . ASP A 1 99  ? 6.459   0.081   -14.189 1.00 2.26  ? 99  ASP A CA  1 
ATOM 775  C C   . ASP A 1 99  ? 7.155   1.148   -15.029 1.00 2.32  ? 99  ASP A C   1 
ATOM 776  O O   . ASP A 1 99  ? 7.473   0.920   -16.193 1.00 3.16  ? 99  ASP A O   1 
ATOM 777  C CB  . ASP A 1 99  ? 4.928   0.338   -14.205 1.00 3.16  ? 99  ASP A CB  1 
ATOM 778  C CG  . ASP A 1 99  ? 4.220   -0.251  -15.410 1.00 4.07  ? 99  ASP A CG  1 
ATOM 779  O OD1 . ASP A 1 99  ? 3.904   -1.469  -15.335 1.00 4.48  ? 99  ASP A OD1 1 
ATOM 780  O OD2 . ASP A 1 99  ? 3.909   0.520   -16.362 1.00 4.72  ? 99  ASP A OD2 1 
ATOM 781  N N   . PHE A 1 100 ? 7.390   2.339   -14.431 1.00 1.58  ? 100 PHE A N   1 
ATOM 782  C CA  . PHE A 1 100 ? 7.977   3.497   -15.082 1.00 1.71  ? 100 PHE A CA  1 
ATOM 783  C C   . PHE A 1 100 ? 9.493   3.297   -15.328 1.00 2.48  ? 100 PHE A C   1 
ATOM 784  O O   . PHE A 1 100 ? 9.926   3.350   -16.509 1.00 2.95  ? 100 PHE A O   1 
ATOM 785  C CB  . PHE A 1 100 ? 7.875   4.788   -14.209 1.00 1.32  ? 100 PHE A CB  1 
ATOM 786  C CG  . PHE A 1 100 ? 6.507   5.427   -14.157 1.00 1.25  ? 100 PHE A CG  1 
ATOM 787  C CD1 . PHE A 1 100 ? 5.379   4.757   -13.649 1.00 1.68  ? 100 PHE A CD1 1 
ATOM 788  C CD2 . PHE A 1 100 ? 6.363   6.771   -14.556 1.00 1.74  ? 100 PHE A CD2 1 
ATOM 789  C CE1 . PHE A 1 100 ? 4.143   5.406   -13.568 1.00 1.78  ? 100 PHE A CE1 1 
ATOM 790  C CE2 . PHE A 1 100 ? 5.126   7.421   -14.471 1.00 1.84  ? 100 PHE A CE2 1 
ATOM 791  C CZ  . PHE A 1 100 ? 4.011   6.736   -13.980 1.00 1.51  ? 100 PHE A CZ  1 
ATOM 792  O OXT . PHE A 1 100 ? 10.229  3.158   -14.313 1.00 3.13  ? 100 PHE A OXT 1 
ATOM 793  N N   . ARG B 1 1   ? -22.164 -21.214 -0.406  1.00 12.59 ? 1   ARG B N   1 
ATOM 794  C CA  . ARG B 1 1   ? -21.613 -20.086 -1.206  1.00 12.07 ? 1   ARG B CA  1 
ATOM 795  C C   . ARG B 1 1   ? -20.282 -20.392 -1.875  1.00 11.13 ? 1   ARG B C   1 
ATOM 796  O O   . ARG B 1 1   ? -20.244 -20.841 -3.022  1.00 10.88 ? 1   ARG B O   1 
ATOM 797  C CB  . ARG B 1 1   ? -22.662 -19.598 -2.250  1.00 12.50 ? 1   ARG B CB  1 
ATOM 798  C CG  . ARG B 1 1   ? -23.582 -18.435 -1.800  1.00 12.96 ? 1   ARG B CG  1 
ATOM 799  C CD  . ARG B 1 1   ? -24.687 -18.698 -0.748  1.00 13.28 ? 1   ARG B CD  1 
ATOM 800  N NE  . ARG B 1 1   ? -24.127 -18.841 0.651   1.00 13.97 ? 1   ARG B NE  1 
ATOM 801  C CZ  . ARG B 1 1   ? -23.542 -17.836 1.343   1.00 14.67 ? 1   ARG B CZ  1 
ATOM 802  N NH1 . ARG B 1 1   ? -23.407 -16.598 0.848   1.00 15.16 ? 1   ARG B NH1 1 
ATOM 803  N NH2 . ARG B 1 1   ? -23.114 -18.061 2.593   1.00 15.05 ? 1   ARG B NH2 1 
ATOM 804  N N   . ARG B 1 2   ? -19.124 -20.110 -1.239  1.00 10.77 ? 2   ARG B N   1 
ATOM 805  C CA  . ARG B 1 2   ? -18.686 -20.668 0.039   1.00 10.04 ? 2   ARG B CA  1 
ATOM 806  C C   . ARG B 1 2   ? -19.466 -20.301 1.301   1.00 9.46  ? 2   ARG B C   1 
ATOM 807  O O   . ARG B 1 2   ? -20.464 -20.951 1.598   1.00 9.82  ? 2   ARG B O   1 
ATOM 808  C CB  . ARG B 1 2   ? -18.471 -22.207 0.008   1.00 10.21 ? 2   ARG B CB  1 
ATOM 809  C CG  . ARG B 1 2   ? -17.345 -22.695 -0.934  1.00 10.50 ? 2   ARG B CG  1 
ATOM 810  C CD  . ARG B 1 2   ? -17.724 -22.907 -2.406  1.00 10.71 ? 2   ARG B CD  1 
ATOM 811  N NE  . ARG B 1 2   ? -18.719 -24.032 -2.456  1.00 11.17 ? 2   ARG B NE  1 
ATOM 812  C CZ  . ARG B 1 2   ? -19.545 -24.245 -3.499  1.00 11.90 ? 2   ARG B CZ  1 
ATOM 813  N NH1 . ARG B 1 2   ? -20.039 -23.239 -4.232  1.00 12.38 ? 2   ARG B NH1 1 
ATOM 814  N NH2 . ARG B 1 2   ? -19.924 -25.499 -3.792  1.00 12.33 ? 2   ARG B NH2 1 
ATOM 815  N N   . THR B 1 3   ? -19.065 -19.323 2.139   1.00 8.75  ? 3   THR B N   1 
ATOM 816  C CA  . THR B 1 3   ? -18.464 -18.032 1.830   1.00 8.33  ? 3   THR B CA  1 
ATOM 817  C C   . THR B 1 3   ? -16.964 -18.018 1.980   1.00 7.58  ? 3   THR B C   1 
ATOM 818  O O   . THR B 1 3   ? -16.428 -17.670 3.028   1.00 7.74  ? 3   THR B O   1 
ATOM 819  C CB  . THR B 1 3   ? -18.931 -17.293 0.576   1.00 8.48  ? 3   THR B CB  1 
ATOM 820  O OG1 . THR B 1 3   ? -20.340 -17.335 0.443   1.00 8.85  ? 3   THR B OG1 1 
ATOM 821  C CG2 . THR B 1 3   ? -18.580 -15.820 0.715   1.00 8.80  ? 3   THR B CG2 1 
ATOM 822  N N   . THR B 1 4   ? -16.245 -18.379 0.905   1.00 7.03  ? 4   THR B N   1 
ATOM 823  C CA  . THR B 1 4   ? -14.812 -18.286 0.765   1.00 6.57  ? 4   THR B CA  1 
ATOM 824  C C   . THR B 1 4   ? -14.589 -17.066 -0.100  1.00 5.89  ? 4   THR B C   1 
ATOM 825  O O   . THR B 1 4   ? -14.361 -17.184 -1.304  1.00 6.20  ? 4   THR B O   1 
ATOM 826  C CB  . THR B 1 4   ? -14.265 -19.516 0.048   1.00 7.04  ? 4   THR B CB  1 
ATOM 827  O OG1 . THR B 1 4   ? -15.024 -19.774 -1.137  1.00 7.41  ? 4   THR B OG1 1 
ATOM 828  C CG2 . THR B 1 4   ? -14.382 -20.740 0.974   1.00 7.31  ? 4   THR B CG2 1 
ATOM 829  N N   . ASN B 1 5   ? -14.728 -15.863 0.489   1.00 5.28  ? 5   ASN B N   1 
ATOM 830  C CA  . ASN B 1 5   ? -14.690 -14.619 -0.260  1.00 4.87  ? 5   ASN B CA  1 
ATOM 831  C C   . ASN B 1 5   ? -13.325 -13.986 -0.133  1.00 4.04  ? 5   ASN B C   1 
ATOM 832  O O   . ASN B 1 5   ? -12.311 -14.501 -0.600  1.00 4.37  ? 5   ASN B O   1 
ATOM 833  C CB  . ASN B 1 5   ? -15.847 -13.636 0.148   1.00 5.61  ? 5   ASN B CB  1 
ATOM 834  C CG  . ASN B 1 5   ? -16.224 -13.514 1.643   1.00 6.28  ? 5   ASN B CG  1 
ATOM 835  O OD1 . ASN B 1 5   ? -17.400 -13.304 1.941   1.00 6.64  ? 5   ASN B OD1 1 
ATOM 836  N ND2 . ASN B 1 5   ? -15.283 -13.627 2.609   1.00 6.84  ? 5   ASN B ND2 1 
ATOM 837  N N   . ASP B 1 6   ? -13.292 -12.851 0.566   1.00 3.37  ? 6   ASP B N   1 
ATOM 838  C CA  . ASP B 1 6   ? -12.167 -12.035 0.853   1.00 2.98  ? 6   ASP B CA  1 
ATOM 839  C C   . ASP B 1 6   ? -11.751 -12.442 2.258   1.00 2.48  ? 6   ASP B C   1 
ATOM 840  O O   . ASP B 1 6   ? -12.583 -12.654 3.141   1.00 2.28  ? 6   ASP B O   1 
ATOM 841  C CB  . ASP B 1 6   ? -12.656 -10.568 0.808   1.00 3.40  ? 6   ASP B CB  1 
ATOM 842  C CG  . ASP B 1 6   ? -13.322 -10.260 -0.529  1.00 4.35  ? 6   ASP B CG  1 
ATOM 843  O OD1 . ASP B 1 6   ? -14.518 -10.618 -0.695  1.00 4.96  ? 6   ASP B OD1 1 
ATOM 844  O OD2 . ASP B 1 6   ? -12.636 -9.646  -1.385  1.00 4.85  ? 6   ASP B OD2 1 
ATOM 845  N N   . GLY B 1 7   ? -10.456 -12.743 2.475   1.00 2.63  ? 7   GLY B N   1 
ATOM 846  C CA  . GLY B 1 7   ? -9.394  -11.790 2.806   1.00 2.35  ? 7   GLY B CA  1 
ATOM 847  C C   . GLY B 1 7   ? -9.398  -10.508 2.040   1.00 1.73  ? 7   GLY B C   1 
ATOM 848  O O   . GLY B 1 7   ? -9.312  -10.491 0.819   1.00 2.10  ? 7   GLY B O   1 
ATOM 849  N N   . PHE B 1 8   ? -9.538  -9.384  2.761   1.00 1.30  ? 8   PHE B N   1 
ATOM 850  C CA  . PHE B 1 8   ? -9.964  -8.124  2.185   1.00 1.32  ? 8   PHE B CA  1 
ATOM 851  C C   . PHE B 1 8   ? -8.816  -7.382  1.530   1.00 1.16  ? 8   PHE B C   1 
ATOM 852  O O   . PHE B 1 8   ? -8.344  -6.360  2.023   1.00 1.41  ? 8   PHE B O   1 
ATOM 853  C CB  . PHE B 1 8   ? -10.667 -7.242  3.254   1.00 1.94  ? 8   PHE B CB  1 
ATOM 854  C CG  . PHE B 1 8   ? -11.675 -8.057  4.025   1.00 2.17  ? 8   PHE B CG  1 
ATOM 855  C CD1 . PHE B 1 8   ? -12.994 -8.182  3.566   1.00 2.54  ? 8   PHE B CD1 1 
ATOM 856  C CD2 . PHE B 1 8   ? -11.289 -8.752  5.189   1.00 2.69  ? 8   PHE B CD2 1 
ATOM 857  C CE1 . PHE B 1 8   ? -13.910 -8.997  4.245   1.00 2.92  ? 8   PHE B CE1 1 
ATOM 858  C CE2 . PHE B 1 8   ? -12.192 -9.591  5.852   1.00 3.09  ? 8   PHE B CE2 1 
ATOM 859  C CZ  . PHE B 1 8   ? -13.506 -9.710  5.381   1.00 3.00  ? 8   PHE B CZ  1 
ATOM 860  N N   . HIS B 1 9   ? -8.319  -7.906  0.398   1.00 0.96  ? 9   HIS B N   1 
ATOM 861  C CA  . HIS B 1 9   ? -7.214  -7.341  -0.351  1.00 0.91  ? 9   HIS B CA  1 
ATOM 862  C C   . HIS B 1 9   ? -7.702  -7.029  -1.755  1.00 0.95  ? 9   HIS B C   1 
ATOM 863  O O   . HIS B 1 9   ? -8.189  -7.923  -2.438  1.00 1.08  ? 9   HIS B O   1 
ATOM 864  C CB  . HIS B 1 9   ? -6.032  -8.350  -0.467  1.00 0.97  ? 9   HIS B CB  1 
ATOM 865  C CG  . HIS B 1 9   ? -5.775  -9.175  0.780   1.00 1.03  ? 9   HIS B CG  1 
ATOM 866  N ND1 . HIS B 1 9   ? -5.897  -10.546 0.788   1.00 1.45  ? 9   HIS B ND1 1 
ATOM 867  C CD2 . HIS B 1 9   ? -5.384  -8.840  2.043   1.00 1.49  ? 9   HIS B CD2 1 
ATOM 868  C CE1 . HIS B 1 9   ? -5.591  -10.974 2.037   1.00 1.42  ? 9   HIS B CE1 1 
ATOM 869  N NE2 . HIS B 1 9   ? -5.275  -9.976  2.835   1.00 1.47  ? 9   HIS B NE2 1 
ATOM 870  N N   . LEU B 1 10  ? -7.584  -5.780  -2.258  1.00 0.97  ? 10  LEU B N   1 
ATOM 871  C CA  . LEU B 1 10  ? -8.246  -5.399  -3.510  1.00 1.10  ? 10  LEU B CA  1 
ATOM 872  C C   . LEU B 1 10  ? -7.322  -5.423  -4.730  1.00 1.10  ? 10  LEU B C   1 
ATOM 873  O O   . LEU B 1 10  ? -7.644  -4.863  -5.777  1.00 1.58  ? 10  LEU B O   1 
ATOM 874  C CB  . LEU B 1 10  ? -8.855  -3.977  -3.374  1.00 1.26  ? 10  LEU B CB  1 
ATOM 875  C CG  . LEU B 1 10  ? -10.139 -3.909  -2.514  1.00 1.60  ? 10  LEU B CG  1 
ATOM 876  C CD1 . LEU B 1 10  ? -10.444 -2.461  -2.094  1.00 2.30  ? 10  LEU B CD1 1 
ATOM 877  C CD2 . LEU B 1 10  ? -11.350 -4.497  -3.261  1.00 2.18  ? 10  LEU B CD2 1 
ATOM 878  N N   . LEU B 1 11  ? -6.160  -6.103  -4.646  1.00 1.01  ? 11  LEU B N   1 
ATOM 879  C CA  . LEU B 1 11  ? -5.166  -6.090  -5.714  1.00 1.02  ? 11  LEU B CA  1 
ATOM 880  C C   . LEU B 1 11  ? -5.156  -7.373  -6.515  1.00 1.13  ? 11  LEU B C   1 
ATOM 881  O O   . LEU B 1 11  ? -4.261  -7.612  -7.321  1.00 1.55  ? 11  LEU B O   1 
ATOM 882  C CB  . LEU B 1 11  ? -3.753  -5.889  -5.129  1.00 1.02  ? 11  LEU B CB  1 
ATOM 883  C CG  . LEU B 1 11  ? -3.550  -4.540  -4.423  1.00 1.04  ? 11  LEU B CG  1 
ATOM 884  C CD1 . LEU B 1 11  ? -2.163  -4.519  -3.772  1.00 1.39  ? 11  LEU B CD1 1 
ATOM 885  C CD2 . LEU B 1 11  ? -3.714  -3.355  -5.385  1.00 1.43  ? 11  LEU B CD2 1 
ATOM 886  N N   . LYS B 1 12  ? -6.170  -8.232  -6.287  1.00 1.25  ? 12  LYS B N   1 
ATOM 887  C CA  . LYS B 1 12  ? -6.244  -9.613  -6.720  1.00 1.38  ? 12  LYS B CA  1 
ATOM 888  C C   . LYS B 1 12  ? -6.216  -9.853  -8.224  1.00 1.59  ? 12  LYS B C   1 
ATOM 889  O O   . LYS B 1 12  ? -5.426  -10.663 -8.704  1.00 1.98  ? 12  LYS B O   1 
ATOM 890  C CB  . LYS B 1 12  ? -7.497  -10.285 -6.095  1.00 1.88  ? 12  LYS B CB  1 
ATOM 891  C CG  . LYS B 1 12  ? -7.580  -11.802 -6.345  1.00 2.35  ? 12  LYS B CG  1 
ATOM 892  C CD  . LYS B 1 12  ? -8.618  -12.489 -5.439  1.00 2.87  ? 12  LYS B CD  1 
ATOM 893  C CE  . LYS B 1 12  ? -8.637  -14.022 -5.538  1.00 3.38  ? 12  LYS B CE  1 
ATOM 894  N NZ  . LYS B 1 12  ? -8.960  -14.443 -6.920  1.00 3.86  ? 12  LYS B NZ  1 
ATOM 895  N N   . ALA B 1 13  ? -7.083  -9.177  -9.006  1.00 2.03  ? 13  ALA B N   1 
ATOM 896  C CA  . ALA B 1 13  ? -7.183  -9.397  -10.433 1.00 2.48  ? 13  ALA B CA  1 
ATOM 897  C C   . ALA B 1 13  ? -5.960  -8.876  -11.164 1.00 2.00  ? 13  ALA B C   1 
ATOM 898  O O   . ALA B 1 13  ? -5.414  -7.835  -10.798 1.00 1.97  ? 13  ALA B O   1 
ATOM 899  C CB  . ALA B 1 13  ? -8.437  -8.701  -10.989 1.00 3.46  ? 13  ALA B CB  1 
ATOM 900  N N   . GLY B 1 14  ? -5.505  -9.590  -12.227 1.00 2.08  ? 14  GLY B N   1 
ATOM 901  C CA  . GLY B 1 14  ? -4.270  -9.297  -12.954 1.00 2.18  ? 14  GLY B CA  1 
ATOM 902  C C   . GLY B 1 14  ? -4.322  -8.082  -13.844 1.00 2.15  ? 14  GLY B C   1 
ATOM 903  O O   . GLY B 1 14  ? -4.073  -8.153  -15.042 1.00 2.51  ? 14  GLY B O   1 
ATOM 904  N N   . GLY B 1 15  ? -4.639  -6.934  -13.236 1.00 2.12  ? 15  GLY B N   1 
ATOM 905  C CA  . GLY B 1 15  ? -4.618  -5.636  -13.872 1.00 2.40  ? 15  GLY B CA  1 
ATOM 906  C C   . GLY B 1 15  ? -5.035  -4.597  -12.883 1.00 1.90  ? 15  GLY B C   1 
ATOM 907  O O   . GLY B 1 15  ? -5.804  -3.698  -13.199 1.00 2.23  ? 15  GLY B O   1 
ATOM 908  N N   . SER B 1 16  ? -4.522  -4.701  -11.637 1.00 1.40  ? 16  SER B N   1 
ATOM 909  C CA  . SER B 1 16  ? -4.779  -3.727  -10.587 1.00 1.10  ? 16  SER B CA  1 
ATOM 910  C C   . SER B 1 16  ? -3.484  -3.005  -10.288 1.00 1.05  ? 16  SER B C   1 
ATOM 911  O O   . SER B 1 16  ? -2.762  -3.374  -9.365  1.00 1.75  ? 16  SER B O   1 
ATOM 912  C CB  . SER B 1 16  ? -5.280  -4.364  -9.261  1.00 1.27  ? 16  SER B CB  1 
ATOM 913  O OG  . SER B 1 16  ? -6.494  -5.082  -9.466  1.00 1.82  ? 16  SER B OG  1 
ATOM 914  N N   . CYS B 1 17  ? -3.122  -1.961  -11.062 1.00 1.06  ? 17  CYS B N   1 
ATOM 915  C CA  . CYS B 1 17  ? -1.899  -1.209  -10.822 1.00 0.96  ? 17  CYS B CA  1 
ATOM 916  C C   . CYS B 1 17  ? -2.092  -0.282  -9.634  1.00 0.89  ? 17  CYS B C   1 
ATOM 917  O O   . CYS B 1 17  ? -3.211  0.160   -9.382  1.00 0.91  ? 17  CYS B O   1 
ATOM 918  C CB  . CYS B 1 17  ? -1.516  -0.378  -12.085 1.00 1.08  ? 17  CYS B CB  1 
ATOM 919  S SG  . CYS B 1 17  ? 0.135   0.428   -12.048 1.00 1.54  ? 17  CYS B SG  1 
ATOM 920  N N   . PHE B 1 18  ? -1.016  0.048   -8.878  1.00 0.86  ? 18  PHE B N   1 
ATOM 921  C CA  . PHE B 1 18  ? -1.129  1.082   -7.870  1.00 0.86  ? 18  PHE B CA  1 
ATOM 922  C C   . PHE B 1 18  ? -0.209  2.240   -8.163  1.00 0.84  ? 18  PHE B C   1 
ATOM 923  O O   . PHE B 1 18  ? 1.008   2.110   -8.245  1.00 0.91  ? 18  PHE B O   1 
ATOM 924  C CB  . PHE B 1 18  ? -1.071  0.603   -6.400  1.00 0.91  ? 18  PHE B CB  1 
ATOM 925  C CG  . PHE B 1 18  ? 0.195   -0.076  -5.970  1.00 0.94  ? 18  PHE B CG  1 
ATOM 926  C CD1 . PHE B 1 18  ? 0.401   -1.436  -6.247  1.00 1.45  ? 18  PHE B CD1 1 
ATOM 927  C CD2 . PHE B 1 18  ? 1.134   0.613   -5.188  1.00 1.64  ? 18  PHE B CD2 1 
ATOM 928  C CE1 . PHE B 1 18  ? 1.533   -2.096  -5.762  1.00 1.51  ? 18  PHE B CE1 1 
ATOM 929  C CE2 . PHE B 1 18  ? 2.250   -0.052  -4.672  1.00 1.76  ? 18  PHE B CE2 1 
ATOM 930  C CZ  . PHE B 1 18  ? 2.449   -1.409  -4.958  1.00 1.20  ? 18  PHE B CZ  1 
ATOM 931  N N   . ALA B 1 19  ? -0.795  3.426   -8.396  1.00 0.76  ? 19  ALA B N   1 
ATOM 932  C CA  . ALA B 1 19  ? -0.084  4.680   -8.316  1.00 0.71  ? 19  ALA B CA  1 
ATOM 933  C C   . ALA B 1 19  ? 0.141   5.027   -6.857  1.00 0.68  ? 19  ALA B C   1 
ATOM 934  O O   . ALA B 1 19  ? -0.816  5.156   -6.100  1.00 0.72  ? 19  ALA B O   1 
ATOM 935  C CB  . ALA B 1 19  ? -0.788  5.814   -9.079  1.00 0.71  ? 19  ALA B CB  1 
ATOM 936  N N   . LEU B 1 20  ? 1.389   5.156   -6.402  1.00 0.68  ? 20  LEU B N   1 
ATOM 937  C CA  . LEU B 1 20  ? 1.718   5.430   -5.033  1.00 0.66  ? 20  LEU B CA  1 
ATOM 938  C C   . LEU B 1 20  ? 2.203   6.845   -5.021  1.00 0.64  ? 20  LEU B C   1 
ATOM 939  O O   . LEU B 1 20  ? 3.266   7.125   -5.574  1.00 0.66  ? 20  LEU B O   1 
ATOM 940  C CB  . LEU B 1 20  ? 2.828   4.467   -4.560  1.00 0.77  ? 20  LEU B CB  1 
ATOM 941  C CG  . LEU B 1 20  ? 3.098   4.485   -3.045  1.00 0.96  ? 20  LEU B CG  1 
ATOM 942  C CD1 . LEU B 1 20  ? 1.844   4.115   -2.240  1.00 1.60  ? 20  LEU B CD1 1 
ATOM 943  C CD2 . LEU B 1 20  ? 4.238   3.519   -2.685  1.00 1.47  ? 20  LEU B CD2 1 
ATOM 944  N N   . ILE B 1 21  ? 1.402   7.780   -4.473  1.00 0.65  ? 21  ILE B N   1 
ATOM 945  C CA  . ILE B 1 21  ? 1.703   9.185   -4.641  1.00 0.67  ? 21  ILE B CA  1 
ATOM 946  C C   . ILE B 1 21  ? 2.184   9.720   -3.312  1.00 0.69  ? 21  ILE B C   1 
ATOM 947  O O   . ILE B 1 21  ? 1.406   9.945   -2.386  1.00 0.72  ? 21  ILE B O   1 
ATOM 948  C CB  . ILE B 1 21  ? 0.546   10.010  -5.199  1.00 0.71  ? 21  ILE B CB  1 
ATOM 949  C CG1 . ILE B 1 21  ? -0.061  9.402   -6.494  1.00 0.74  ? 21  ILE B CG1 1 
ATOM 950  C CG2 . ILE B 1 21  ? 1.025   11.453  -5.465  1.00 0.74  ? 21  ILE B CG2 1 
ATOM 951  C CD1 . ILE B 1 21  ? -1.269  8.488   -6.281  1.00 1.20  ? 21  ILE B CD1 1 
ATOM 952  N N   . SER B 1 22  ? 3.512   9.945   -3.224  1.00 0.72  ? 22  SER B N   1 
ATOM 953  C CA  . SER B 1 22  ? 4.185   10.465  -2.035  1.00 0.75  ? 22  SER B CA  1 
ATOM 954  C C   . SER B 1 22  ? 4.446   11.936  -2.157  1.00 0.78  ? 22  SER B C   1 
ATOM 955  O O   . SER B 1 22  ? 5.585   12.401  -2.139  1.00 0.94  ? 22  SER B O   1 
ATOM 956  C CB  . SER B 1 22  ? 5.559   9.819   -1.762  1.00 0.83  ? 22  SER B CB  1 
ATOM 957  O OG  . SER B 1 22  ? 5.353   8.493   -1.313  1.00 1.65  ? 22  SER B OG  1 
ATOM 958  N N   . GLY B 1 23  ? 3.368   12.720  -2.300  1.00 0.78  ? 23  GLY B N   1 
ATOM 959  C CA  . GLY B 1 23  ? 3.429   14.170  -2.272  1.00 0.90  ? 23  GLY B CA  1 
ATOM 960  C C   . GLY B 1 23  ? 3.625   14.743  -0.896  1.00 0.90  ? 23  GLY B C   1 
ATOM 961  O O   . GLY B 1 23  ? 3.250   14.148  0.109   1.00 0.99  ? 23  GLY B O   1 
ATOM 962  N N   . THR B 1 24  ? 4.140   15.982  -0.799  1.00 0.91  ? 24  THR B N   1 
ATOM 963  C CA  . THR B 1 24  ? 4.172   16.751  0.443   1.00 0.96  ? 24  THR B CA  1 
ATOM 964  C C   . THR B 1 24  ? 2.757   16.958  0.969   1.00 1.01  ? 24  THR B C   1 
ATOM 965  O O   . THR B 1 24  ? 1.813   17.053  0.192   1.00 1.05  ? 24  THR B O   1 
ATOM 966  C CB  . THR B 1 24  ? 4.912   18.072  0.252   1.00 0.98  ? 24  THR B CB  1 
ATOM 967  O OG1 . THR B 1 24  ? 6.164   17.802  -0.368  1.00 1.47  ? 24  THR B OG1 1 
ATOM 968  C CG2 . THR B 1 24  ? 5.216   18.773  1.587   1.00 1.57  ? 24  THR B CG2 1 
ATOM 969  N N   . ALA B 1 25  ? 2.540   16.963  2.308   1.00 1.10  ? 25  ALA B N   1 
ATOM 970  C CA  . ALA B 1 25  ? 1.234   16.765  2.922   1.00 1.21  ? 25  ALA B CA  1 
ATOM 971  C C   . ALA B 1 25  ? 0.170   17.764  2.493   1.00 1.24  ? 25  ALA B C   1 
ATOM 972  O O   . ALA B 1 25  ? -0.925  17.402  2.055   1.00 1.30  ? 25  ALA B O   1 
ATOM 973  C CB  . ALA B 1 25  ? 1.383   16.796  4.456   1.00 1.36  ? 25  ALA B CB  1 
ATOM 974  N N   . ASN B 1 26  ? 0.521   19.067  2.565   1.00 1.25  ? 26  ASN B N   1 
ATOM 975  C CA  . ASN B 1 26  ? -0.276  20.196  2.131   1.00 1.32  ? 26  ASN B CA  1 
ATOM 976  C C   . ASN B 1 26  ? -0.619  20.074  0.656   1.00 1.25  ? 26  ASN B C   1 
ATOM 977  O O   . ASN B 1 26  ? -1.752  20.311  0.249   1.00 1.34  ? 26  ASN B O   1 
ATOM 978  C CB  . ASN B 1 26  ? 0.463   21.550  2.367   1.00 1.41  ? 26  ASN B CB  1 
ATOM 979  C CG  . ASN B 1 26  ? 0.728   21.799  3.857   1.00 1.77  ? 26  ASN B CG  1 
ATOM 980  O OD1 . ASN B 1 26  ? 0.285   21.051  4.729   1.00 2.28  ? 26  ASN B OD1 1 
ATOM 981  N ND2 . ASN B 1 26  ? 1.485   22.884  4.169   1.00 2.23  ? 26  ASN B ND2 1 
ATOM 982  N N   . GLN B 1 27  ? 0.353   19.624  -0.172  1.00 1.16  ? 27  GLN B N   1 
ATOM 983  C CA  . GLN B 1 27  ? 0.183   19.406  -1.588  1.00 1.14  ? 27  GLN B CA  1 
ATOM 984  C C   . GLN B 1 27  ? -0.780  18.267  -1.845  1.00 1.08  ? 27  GLN B C   1 
ATOM 985  O O   . GLN B 1 27  ? -1.724  18.445  -2.610  1.00 1.13  ? 27  GLN B O   1 
ATOM 986  C CB  . GLN B 1 27  ? 1.542   19.183  -2.294  1.00 1.14  ? 27  GLN B CB  1 
ATOM 987  C CG  . GLN B 1 27  ? 1.444   19.213  -3.830  1.00 1.23  ? 27  GLN B CG  1 
ATOM 988  C CD  . GLN B 1 27  ? 2.839   19.253  -4.459  1.00 1.68  ? 27  GLN B CD  1 
ATOM 989  O OE1 . GLN B 1 27  ? 3.741   18.509  -4.065  1.00 2.47  ? 27  GLN B OE1 1 
ATOM 990  N NE2 . GLN B 1 27  ? 3.020   20.135  -5.472  1.00 2.05  ? 27  GLN B NE2 1 
ATOM 991  N N   . VAL B 1 28  ? -0.628  17.105  -1.163  1.00 1.03  ? 28  VAL B N   1 
ATOM 992  C CA  . VAL B 1 28  ? -1.583  15.989  -1.201  1.00 1.00  ? 28  VAL B CA  1 
ATOM 993  C C   . VAL B 1 28  ? -3.002  16.375  -0.794  1.00 1.03  ? 28  VAL B C   1 
ATOM 994  O O   . VAL B 1 28  ? -3.987  16.017  -1.450  1.00 1.02  ? 28  VAL B O   1 
ATOM 995  C CB  . VAL B 1 28  ? -1.102  14.813  -0.381  1.00 1.05  ? 28  VAL B CB  1 
ATOM 996  C CG1 . VAL B 1 28  ? -2.140  13.682  -0.265  1.00 1.34  ? 28  VAL B CG1 1 
ATOM 997  C CG2 . VAL B 1 28  ? 0.151   14.265  -1.068  1.00 1.49  ? 28  VAL B CG2 1 
ATOM 998  N N   . LYS B 1 29  ? -3.124  17.189  0.275   1.00 1.10  ? 29  LYS B N   1 
ATOM 999  C CA  . LYS B 1 29  ? -4.377  17.734  0.757   1.00 1.21  ? 29  LYS B CA  1 
ATOM 1000 C C   . LYS B 1 29  ? -5.061  18.611  -0.287  1.00 1.19  ? 29  LYS B C   1 
ATOM 1001 O O   . LYS B 1 29  ? -6.234  18.411  -0.603  1.00 1.23  ? 29  LYS B O   1 
ATOM 1002 C CB  . LYS B 1 29  ? -4.105  18.510  2.068   1.00 1.36  ? 29  LYS B CB  1 
ATOM 1003 C CG  . LYS B 1 29  ? -5.327  18.752  2.971   1.00 1.57  ? 29  LYS B CG  1 
ATOM 1004 C CD  . LYS B 1 29  ? -4.895  19.332  4.332   1.00 1.97  ? 29  LYS B CD  1 
ATOM 1005 C CE  . LYS B 1 29  ? -5.959  19.302  5.438   1.00 2.78  ? 29  LYS B CE  1 
ATOM 1006 N NZ  . LYS B 1 29  ? -7.105  20.173  5.101   1.00 3.47  ? 29  LYS B NZ  1 
ATOM 1007 N N   . CYS B 1 30  ? -4.310  19.560  -0.893  1.00 1.18  ? 30  CYS B N   1 
ATOM 1008 C CA  . CYS B 1 30  ? -4.789  20.393  -1.982  1.00 1.26  ? 30  CYS B CA  1 
ATOM 1009 C C   . CYS B 1 30  ? -5.118  19.586  -3.224  1.00 1.19  ? 30  CYS B C   1 
ATOM 1010 O O   . CYS B 1 30  ? -6.205  19.742  -3.778  1.00 1.26  ? 30  CYS B O   1 
ATOM 1011 C CB  . CYS B 1 30  ? -3.782  21.511  -2.344  1.00 1.38  ? 30  CYS B CB  1 
ATOM 1012 S SG  . CYS B 1 30  ? -3.598  22.724  -0.996  1.00 2.18  ? 30  CYS B SG  1 
ATOM 1013 N N   . TYR B 1 31  ? -4.210  18.673  -3.661  1.00 1.10  ? 31  TYR B N   1 
ATOM 1014 C CA  . TYR B 1 31  ? -4.349  17.734  -4.769  1.00 1.06  ? 31  TYR B CA  1 
ATOM 1015 C C   . TYR B 1 31  ? -5.714  17.076  -4.791  1.00 1.03  ? 31  TYR B C   1 
ATOM 1016 O O   . TYR B 1 31  ? -6.470  17.262  -5.742  1.00 1.07  ? 31  TYR B O   1 
ATOM 1017 C CB  . TYR B 1 31  ? -3.223  16.651  -4.685  1.00 1.08  ? 31  TYR B CB  1 
ATOM 1018 C CG  . TYR B 1 31  ? -3.094  15.717  -5.861  1.00 1.11  ? 31  TYR B CG  1 
ATOM 1019 C CD1 . TYR B 1 31  ? -2.829  16.207  -7.152  1.00 1.56  ? 31  TYR B CD1 1 
ATOM 1020 C CD2 . TYR B 1 31  ? -3.113  14.325  -5.654  1.00 1.38  ? 31  TYR B CD2 1 
ATOM 1021 C CE1 . TYR B 1 31  ? -2.604  15.322  -8.218  1.00 1.73  ? 31  TYR B CE1 1 
ATOM 1022 C CE2 . TYR B 1 31  ? -2.871  13.439  -6.712  1.00 1.49  ? 31  TYR B CE2 1 
ATOM 1023 C CZ  . TYR B 1 31  ? -2.631  13.939  -7.993  1.00 1.45  ? 31  TYR B CZ  1 
ATOM 1024 O OH  . TYR B 1 31  ? -2.418  13.046  -9.058  1.00 1.70  ? 31  TYR B OH  1 
ATOM 1025 N N   . ARG B 1 32  ? -6.086  16.362  -3.706  1.00 1.02  ? 32  ARG B N   1 
ATOM 1026 C CA  . ARG B 1 32  ? -7.317  15.590  -3.643  1.00 1.08  ? 32  ARG B CA  1 
ATOM 1027 C C   . ARG B 1 32  ? -8.558  16.457  -3.676  1.00 1.16  ? 32  ARG B C   1 
ATOM 1028 O O   . ARG B 1 32  ? -9.524  16.172  -4.386  1.00 1.24  ? 32  ARG B O   1 
ATOM 1029 C CB  . ARG B 1 32  ? -7.372  14.730  -2.358  1.00 1.25  ? 32  ARG B CB  1 
ATOM 1030 C CG  . ARG B 1 32  ? -8.477  13.652  -2.380  1.00 1.38  ? 32  ARG B CG  1 
ATOM 1031 C CD  . ARG B 1 32  ? -8.579  12.913  -1.045  1.00 1.43  ? 32  ARG B CD  1 
ATOM 1032 N NE  . ARG B 1 32  ? -9.586  11.800  -1.192  1.00 1.81  ? 32  ARG B NE  1 
ATOM 1033 C CZ  . ARG B 1 32  ? -9.345  10.516  -0.856  1.00 2.37  ? 32  ARG B CZ  1 
ATOM 1034 N NH1 . ARG B 1 32  ? -8.107  10.063  -0.613  1.00 2.91  ? 32  ARG B NH1 1 
ATOM 1035 N NH2 . ARG B 1 32  ? -10.371 9.665   -0.723  1.00 3.05  ? 32  ARG B NH2 1 
ATOM 1036 N N   . PHE B 1 33  ? -8.529  17.571  -2.903  1.00 1.22  ? 33  PHE B N   1 
ATOM 1037 C CA  . PHE B 1 33  ? -9.613  18.524  -2.784  1.00 1.38  ? 33  PHE B CA  1 
ATOM 1038 C C   . PHE B 1 33  ? -9.962  19.122  -4.130  1.00 1.35  ? 33  PHE B C   1 
ATOM 1039 O O   . PHE B 1 33  ? -11.131 19.270  -4.484  1.00 1.45  ? 33  PHE B O   1 
ATOM 1040 C CB  . PHE B 1 33  ? -9.200  19.645  -1.791  1.00 1.52  ? 33  PHE B CB  1 
ATOM 1041 C CG  . PHE B 1 33  ? -10.389 20.426  -1.307  1.00 1.90  ? 33  PHE B CG  1 
ATOM 1042 C CD1 . PHE B 1 33  ? -11.081 19.995  -0.164  1.00 2.14  ? 33  PHE B CD1 1 
ATOM 1043 C CD2 . PHE B 1 33  ? -10.828 21.581  -1.979  1.00 2.72  ? 33  PHE B CD2 1 
ATOM 1044 C CE1 . PHE B 1 33  ? -12.195 20.703  0.301   1.00 2.66  ? 33  PHE B CE1 1 
ATOM 1045 C CE2 . PHE B 1 33  ? -11.947 22.288  -1.518  1.00 3.19  ? 33  PHE B CE2 1 
ATOM 1046 C CZ  . PHE B 1 33  ? -12.628 21.848  -0.379  1.00 2.99  ? 33  PHE B CZ  1 
ATOM 1047 N N   . ARG B 1 34  ? -8.911  19.435  -4.919  1.00 1.28  ? 34  ARG B N   1 
ATOM 1048 C CA  . ARG B 1 34  ? -8.988  19.953  -6.269  1.00 1.36  ? 34  ARG B CA  1 
ATOM 1049 C C   . ARG B 1 34  ? -9.417  18.882  -7.269  1.00 1.28  ? 34  ARG B C   1 
ATOM 1050 O O   . ARG B 1 34  ? -10.316 19.081  -8.085  1.00 1.36  ? 34  ARG B O   1 
ATOM 1051 C CB  . ARG B 1 34  ? -7.595  20.526  -6.631  1.00 1.54  ? 34  ARG B CB  1 
ATOM 1052 C CG  . ARG B 1 34  ? -7.558  21.544  -7.786  1.00 1.83  ? 34  ARG B CG  1 
ATOM 1053 C CD  . ARG B 1 34  ? -6.161  22.168  -7.926  1.00 2.33  ? 34  ARG B CD  1 
ATOM 1054 N NE  . ARG B 1 34  ? -6.233  23.282  -8.929  1.00 2.63  ? 34  ARG B NE  1 
ATOM 1055 C CZ  . ARG B 1 34  ? -5.164  23.770  -9.592  1.00 3.11  ? 34  ARG B CZ  1 
ATOM 1056 N NH1 . ARG B 1 34  ? -3.952  23.220  -9.462  1.00 3.51  ? 34  ARG B NH1 1 
ATOM 1057 N NH2 . ARG B 1 34  ? -5.292  24.842  -10.390 1.00 3.74  ? 34  ARG B NH2 1 
ATOM 1058 N N   . VAL B 1 35  ? -8.779  17.691  -7.202  1.00 1.19  ? 35  VAL B N   1 
ATOM 1059 C CA  . VAL B 1 35  ? -8.997  16.534  -8.061  1.00 1.21  ? 35  VAL B CA  1 
ATOM 1060 C C   . VAL B 1 35  ? -10.379 15.930  -7.994  1.00 1.19  ? 35  VAL B C   1 
ATOM 1061 O O   . VAL B 1 35  ? -10.941 15.628  -9.046  1.00 1.24  ? 35  VAL B O   1 
ATOM 1062 C CB  . VAL B 1 35  ? -7.922  15.465  -7.821  1.00 1.32  ? 35  VAL B CB  1 
ATOM 1063 C CG1 . VAL B 1 35  ? -8.364  13.983  -7.922  1.00 1.94  ? 35  VAL B CG1 1 
ATOM 1064 C CG2 . VAL B 1 35  ? -6.732  15.788  -8.747  1.00 1.99  ? 35  VAL B CG2 1 
ATOM 1065 N N   . LYS B 1 36  ? -10.966 15.726  -6.784  1.00 1.22  ? 36  LYS B N   1 
ATOM 1066 C CA  . LYS B 1 36  ? -12.149 14.888  -6.606  1.00 1.35  ? 36  LYS B CA  1 
ATOM 1067 C C   . LYS B 1 36  ? -13.360 15.224  -7.476  1.00 1.48  ? 36  LYS B C   1 
ATOM 1068 O O   . LYS B 1 36  ? -14.116 14.336  -7.864  1.00 1.72  ? 36  LYS B O   1 
ATOM 1069 C CB  . LYS B 1 36  ? -12.595 14.849  -5.121  1.00 1.48  ? 36  LYS B CB  1 
ATOM 1070 C CG  . LYS B 1 36  ? -13.515 13.654  -4.809  1.00 1.84  ? 36  LYS B CG  1 
ATOM 1071 C CD  . LYS B 1 36  ? -14.029 13.585  -3.360  1.00 1.81  ? 36  LYS B CD  1 
ATOM 1072 C CE  . LYS B 1 36  ? -15.148 14.591  -3.065  1.00 2.06  ? 36  LYS B CE  1 
ATOM 1073 N NZ  . LYS B 1 36  ? -15.726 14.324  -1.728  1.00 2.69  ? 36  LYS B NZ  1 
ATOM 1074 N N   . LYS B 1 37  ? -13.549 16.514  -7.822  1.00 1.56  ? 37  LYS B N   1 
ATOM 1075 C CA  . LYS B 1 37  ? -14.622 16.994  -8.676  1.00 1.79  ? 37  LYS B CA  1 
ATOM 1076 C C   . LYS B 1 37  ? -14.640 16.404  -10.081 1.00 1.69  ? 37  LYS B C   1 
ATOM 1077 O O   . LYS B 1 37  ? -15.619 15.783  -10.484 1.00 1.87  ? 37  LYS B O   1 
ATOM 1078 C CB  . LYS B 1 37  ? -14.539 18.529  -8.855  1.00 2.27  ? 37  LYS B CB  1 
ATOM 1079 C CG  . LYS B 1 37  ? -14.763 19.344  -7.576  1.00 2.64  ? 37  LYS B CG  1 
ATOM 1080 C CD  . LYS B 1 37  ? -14.606 20.846  -7.875  1.00 3.09  ? 37  LYS B CD  1 
ATOM 1081 C CE  . LYS B 1 37  ? -14.923 21.736  -6.674  1.00 3.63  ? 37  LYS B CE  1 
ATOM 1082 N NZ  . LYS B 1 37  ? -14.658 23.175  -7.020  1.00 4.21  ? 37  LYS B NZ  1 
ATOM 1083 N N   . ASN B 1 38  ? -13.583 16.646  -10.876 1.00 1.68  ? 38  ASN B N   1 
ATOM 1084 C CA  . ASN B 1 38  ? -13.586 16.353  -12.303 1.00 1.80  ? 38  ASN B CA  1 
ATOM 1085 C C   . ASN B 1 38  ? -12.734 15.146  -12.574 1.00 1.58  ? 38  ASN B C   1 
ATOM 1086 O O   . ASN B 1 38  ? -12.975 14.365  -13.493 1.00 1.76  ? 38  ASN B O   1 
ATOM 1087 C CB  . ASN B 1 38  ? -13.036 17.543  -13.125 1.00 2.27  ? 38  ASN B CB  1 
ATOM 1088 C CG  . ASN B 1 38  ? -13.922 18.752  -12.854 1.00 2.89  ? 38  ASN B CG  1 
ATOM 1089 O OD1 . ASN B 1 38  ? -13.715 19.484  -11.883 1.00 3.39  ? 38  ASN B OD1 1 
ATOM 1090 N ND2 . ASN B 1 38  ? -14.951 18.955  -13.719 1.00 3.41  ? 38  ASN B ND2 1 
ATOM 1091 N N   . HIS B 1 39  ? -11.712 14.947  -11.724 1.00 1.35  ? 39  HIS B N   1 
ATOM 1092 C CA  . HIS B 1 39  ? -10.769 13.868  -11.861 1.00 1.24  ? 39  HIS B CA  1 
ATOM 1093 C C   . HIS B 1 39  ? -11.105 12.738  -10.925 1.00 1.21  ? 39  HIS B C   1 
ATOM 1094 O O   . HIS B 1 39  ? -10.224 12.028  -10.448 1.00 1.18  ? 39  HIS B O   1 
ATOM 1095 C CB  . HIS B 1 39  ? -9.338  14.360  -11.645 1.00 1.15  ? 39  HIS B CB  1 
ATOM 1096 C CG  . HIS B 1 39  ? -9.086  15.497  -12.567 1.00 1.18  ? 39  HIS B CG  1 
ATOM 1097 N ND1 . HIS B 1 39  ? -9.047  15.435  -13.942 1.00 1.20  ? 39  HIS B ND1 1 
ATOM 1098 C CD2 . HIS B 1 39  ? -9.126  16.810  -12.250 1.00 1.28  ? 39  HIS B CD2 1 
ATOM 1099 C CE1 . HIS B 1 39  ? -9.060  16.716  -14.386 1.00 1.24  ? 39  HIS B CE1 1 
ATOM 1100 N NE2 . HIS B 1 39  ? -9.113  17.579  -13.391 1.00 1.30  ? 39  HIS B NE2 1 
ATOM 1101 N N   . ARG B 1 40  ? -12.416 12.480  -10.724 1.00 1.29  ? 40  ARG B N   1 
ATOM 1102 C CA  . ARG B 1 40  ? -12.906 11.266  -10.094 1.00 1.33  ? 40  ARG B CA  1 
ATOM 1103 C C   . ARG B 1 40  ? -12.581 10.060  -10.970 1.00 1.36  ? 40  ARG B C   1 
ATOM 1104 O O   . ARG B 1 40  ? -12.097 9.031   -10.505 1.00 1.43  ? 40  ARG B O   1 
ATOM 1105 C CB  . ARG B 1 40  ? -14.428 11.369  -9.835  1.00 1.49  ? 40  ARG B CB  1 
ATOM 1106 C CG  . ARG B 1 40  ? -14.952 10.532  -8.647  1.00 1.65  ? 40  ARG B CG  1 
ATOM 1107 C CD  . ARG B 1 40  ? -14.800 9.010   -8.767  1.00 1.67  ? 40  ARG B CD  1 
ATOM 1108 N NE  . ARG B 1 40  ? -15.544 8.420   -7.610  1.00 2.04  ? 40  ARG B NE  1 
ATOM 1109 C CZ  . ARG B 1 40  ? -15.756 7.101   -7.470  1.00 2.58  ? 40  ARG B CZ  1 
ATOM 1110 N NH1 . ARG B 1 40  ? -15.133 6.181   -8.212  1.00 3.21  ? 40  ARG B NH1 1 
ATOM 1111 N NH2 . ARG B 1 40  ? -16.592 6.629   -6.533  1.00 3.13  ? 40  ARG B NH2 1 
ATOM 1112 N N   . HIS B 1 41  ? -12.746 10.220  -12.303 1.00 1.43  ? 41  HIS B N   1 
ATOM 1113 C CA  . HIS B 1 41  ? -12.366 9.239   -13.300 1.00 1.56  ? 41  HIS B CA  1 
ATOM 1114 C C   . HIS B 1 41  ? -10.856 9.123   -13.508 1.00 1.48  ? 41  HIS B C   1 
ATOM 1115 O O   . HIS B 1 41  ? -10.411 8.550   -14.502 1.00 1.71  ? 41  HIS B O   1 
ATOM 1116 C CB  . HIS B 1 41  ? -13.051 9.495   -14.665 1.00 1.75  ? 41  HIS B CB  1 
ATOM 1117 C CG  . HIS B 1 41  ? -12.436 10.650  -15.388 1.00 1.66  ? 41  HIS B CG  1 
ATOM 1118 N ND1 . HIS B 1 41  ? -12.537 11.951  -14.964 1.00 1.64  ? 41  HIS B ND1 1 
ATOM 1119 C CD2 . HIS B 1 41  ? -11.454 10.641  -16.331 1.00 1.89  ? 41  HIS B CD2 1 
ATOM 1120 C CE1 . HIS B 1 41  ? -11.616 12.659  -15.646 1.00 1.52  ? 41  HIS B CE1 1 
ATOM 1121 N NE2 . HIS B 1 41  ? -10.926 11.914  -16.488 1.00 1.73  ? 41  HIS B NE2 1 
ATOM 1122 N N   . ARG B 1 42  ? -10.034 9.620   -12.555 1.00 1.27  ? 42  ARG B N   1 
ATOM 1123 C CA  . ARG B 1 42  ? -8.640  9.234   -12.476 1.00 1.32  ? 42  ARG B CA  1 
ATOM 1124 C C   . ARG B 1 42  ? -8.471  8.018   -11.606 1.00 1.39  ? 42  ARG B C   1 
ATOM 1125 O O   . ARG B 1 42  ? -7.377  7.465   -11.548 1.00 2.06  ? 42  ARG B O   1 
ATOM 1126 C CB  . ARG B 1 42  ? -7.732  10.321  -11.864 1.00 1.33  ? 42  ARG B CB  1 
ATOM 1127 C CG  . ARG B 1 42  ? -7.397  11.455  -12.838 1.00 1.86  ? 42  ARG B CG  1 
ATOM 1128 C CD  . ARG B 1 42  ? -6.281  11.166  -13.865 1.00 2.11  ? 42  ARG B CD  1 
ATOM 1129 N NE  . ARG B 1 42  ? -6.687  10.226  -14.986 1.00 2.76  ? 42  ARG B NE  1 
ATOM 1130 C CZ  . ARG B 1 42  ? -7.584  10.525  -15.950 1.00 3.44  ? 42  ARG B CZ  1 
ATOM 1131 N NH1 . ARG B 1 42  ? -8.270  11.667  -15.900 1.00 4.17  ? 42  ARG B NH1 1 
ATOM 1132 N NH2 . ARG B 1 42  ? -7.783  9.683   -16.970 1.00 3.93  ? 42  ARG B NH2 1 
ATOM 1133 N N   . TYR B 1 43  ? -9.518  7.550   -10.905 1.00 1.08  ? 43  TYR B N   1 
ATOM 1134 C CA  . TYR B 1 43  ? -9.337  6.383   -10.071 1.00 1.08  ? 43  TYR B CA  1 
ATOM 1135 C C   . TYR B 1 43  ? -10.627 5.602   -9.959  1.00 1.07  ? 43  TYR B C   1 
ATOM 1136 O O   . TYR B 1 43  ? -11.701 6.065   -10.343 1.00 1.17  ? 43  TYR B O   1 
ATOM 1137 C CB  . TYR B 1 43  ? -8.747  6.751   -8.672  1.00 1.09  ? 43  TYR B CB  1 
ATOM 1138 C CG  . TYR B 1 43  ? -9.609  7.759   -7.956  1.00 1.04  ? 43  TYR B CG  1 
ATOM 1139 C CD1 . TYR B 1 43  ? -10.683 7.315   -7.171  1.00 1.56  ? 43  TYR B CD1 1 
ATOM 1140 C CD2 . TYR B 1 43  ? -9.399  9.142   -8.108  1.00 1.62  ? 43  TYR B CD2 1 
ATOM 1141 C CE1 . TYR B 1 43  ? -11.562 8.229   -6.583  1.00 1.59  ? 43  TYR B CE1 1 
ATOM 1142 C CE2 . TYR B 1 43  ? -10.268 10.062  -7.508  1.00 1.70  ? 43  TYR B CE2 1 
ATOM 1143 C CZ  . TYR B 1 43  ? -11.357 9.602   -6.758  1.00 1.20  ? 43  TYR B CZ  1 
ATOM 1144 O OH  . TYR B 1 43  ? -12.270 10.501  -6.181  1.00 1.40  ? 43  TYR B OH  1 
ATOM 1145 N N   . GLU B 1 44  ? -10.523 4.365   -9.430  1.00 1.01  ? 44  GLU B N   1 
ATOM 1146 C CA  . GLU B 1 44  ? -11.654 3.554   -9.052  1.00 0.99  ? 44  GLU B CA  1 
ATOM 1147 C C   . GLU B 1 44  ? -11.690 3.519   -7.554  1.00 0.99  ? 44  GLU B C   1 
ATOM 1148 O O   . GLU B 1 44  ? -12.511 4.186   -6.933  1.00 1.08  ? 44  GLU B O   1 
ATOM 1149 C CB  . GLU B 1 44  ? -11.519 2.141   -9.627  1.00 1.04  ? 44  GLU B CB  1 
ATOM 1150 C CG  . GLU B 1 44  ? -11.847 2.132   -11.128 1.00 1.31  ? 44  GLU B CG  1 
ATOM 1151 C CD  . GLU B 1 44  ? -11.478 0.777   -11.685 1.00 2.04  ? 44  GLU B CD  1 
ATOM 1152 O OE1 . GLU B 1 44  ? -12.078 -0.238  -11.245 1.00 2.73  ? 44  GLU B OE1 1 
ATOM 1153 O OE2 . GLU B 1 44  ? -10.547 0.760   -12.536 1.00 2.64  ? 44  GLU B OE2 1 
ATOM 1154 N N   . ASN B 1 45  ? -10.743 2.786   -6.930  1.00 0.98  ? 45  ASN B N   1 
ATOM 1155 C CA  . ASN B 1 45  ? -10.525 2.857   -5.499  1.00 0.98  ? 45  ASN B CA  1 
ATOM 1156 C C   . ASN B 1 45  ? -9.166  3.501   -5.254  1.00 0.93  ? 45  ASN B C   1 
ATOM 1157 O O   . ASN B 1 45  ? -8.249  3.453   -6.076  1.00 0.99  ? 45  ASN B O   1 
ATOM 1158 C CB  . ASN B 1 45  ? -10.641 1.474   -4.793  1.00 1.03  ? 45  ASN B CB  1 
ATOM 1159 C CG  . ASN B 1 45  ? -12.118 1.080   -4.651  1.00 1.27  ? 45  ASN B CG  1 
ATOM 1160 O OD1 . ASN B 1 45  ? -12.894 1.750   -3.967  1.00 1.95  ? 45  ASN B OD1 1 
ATOM 1161 N ND2 . ASN B 1 45  ? -12.547 -0.043  -5.279  1.00 1.60  ? 45  ASN B ND2 1 
ATOM 1162 N N   . CYS B 1 46  ? -9.039  4.201   -4.109  1.00 0.95  ? 46  CYS B N   1 
ATOM 1163 C CA  . CYS B 1 46  ? -7.850  4.910   -3.687  1.00 0.90  ? 46  CYS B CA  1 
ATOM 1164 C C   . CYS B 1 46  ? -7.848  4.898   -2.172  1.00 0.90  ? 46  CYS B C   1 
ATOM 1165 O O   . CYS B 1 46  ? -8.855  4.528   -1.578  1.00 1.03  ? 46  CYS B O   1 
ATOM 1166 C CB  . CYS B 1 46  ? -7.821  6.381   -4.188  1.00 0.93  ? 46  CYS B CB  1 
ATOM 1167 S SG  . CYS B 1 46  ? -9.144  7.472   -3.538  1.00 1.50  ? 46  CYS B SG  1 
ATOM 1168 N N   . THR B 1 47  ? -6.761  5.306   -1.484  1.00 0.81  ? 47  THR B N   1 
ATOM 1169 C CA  . THR B 1 47  ? -6.715  5.232   -0.021  1.00 0.82  ? 47  THR B CA  1 
ATOM 1170 C C   . THR B 1 47  ? -7.132  6.513   0.708   1.00 0.87  ? 47  THR B C   1 
ATOM 1171 O O   . THR B 1 47  ? -7.717  7.460   0.162   1.00 1.01  ? 47  THR B O   1 
ATOM 1172 C CB  . THR B 1 47  ? -5.330  4.810   0.470   1.00 0.78  ? 47  THR B CB  1 
ATOM 1173 O OG1 . THR B 1 47  ? -4.317  5.701   0.001   1.00 0.82  ? 47  THR B OG1 1 
ATOM 1174 C CG2 . THR B 1 47  ? -5.040  3.397   -0.057  1.00 0.83  ? 47  THR B CG2 1 
ATOM 1175 N N   . THR B 1 48  ? -6.794  6.558   2.018   1.00 0.89  ? 48  THR B N   1 
ATOM 1176 C CA  . THR B 1 48  ? -6.664  7.764   2.809   1.00 0.92  ? 48  THR B CA  1 
ATOM 1177 C C   . THR B 1 48  ? -5.217  8.206   2.649   1.00 0.90  ? 48  THR B C   1 
ATOM 1178 O O   . THR B 1 48  ? -4.522  7.735   1.744   1.00 1.03  ? 48  THR B O   1 
ATOM 1179 C CB  . THR B 1 48  ? -6.999  7.524   4.288   1.00 0.96  ? 48  THR B CB  1 
ATOM 1180 O OG1 . THR B 1 48  ? -6.165  6.531   4.881   1.00 1.54  ? 48  THR B OG1 1 
ATOM 1181 C CG2 . THR B 1 48  ? -8.444  7.019   4.395   1.00 1.42  ? 48  THR B CG2 1 
ATOM 1182 N N   . THR B 1 49  ? -4.710  9.121   3.502   1.00 0.87  ? 49  THR B N   1 
ATOM 1183 C CA  . THR B 1 49  ? -3.334  9.597   3.421   1.00 0.84  ? 49  THR B CA  1 
ATOM 1184 C C   . THR B 1 49  ? -2.510  8.864   4.446   1.00 0.83  ? 49  THR B C   1 
ATOM 1185 O O   . THR B 1 49  ? -2.629  9.139   5.641   1.00 0.98  ? 49  THR B O   1 
ATOM 1186 C CB  . THR B 1 49  ? -3.200  11.086  3.725   1.00 0.90  ? 49  THR B CB  1 
ATOM 1187 O OG1 . THR B 1 49  ? -3.909  11.442  4.905   1.00 1.65  ? 49  THR B OG1 1 
ATOM 1188 C CG2 . THR B 1 49  ? -3.794  11.886  2.563   1.00 1.43  ? 49  THR B CG2 1 
ATOM 1189 N N   . TRP B 1 50  ? -1.642  7.923   4.014   1.00 0.78  ? 50  TRP B N   1 
ATOM 1190 C CA  . TRP B 1 50  ? -0.861  7.132   4.962   1.00 0.79  ? 50  TRP B CA  1 
ATOM 1191 C C   . TRP B 1 50  ? 0.579   7.609   4.982   1.00 0.71  ? 50  TRP B C   1 
ATOM 1192 O O   . TRP B 1 50  ? 0.957   8.522   4.248   1.00 0.71  ? 50  TRP B O   1 
ATOM 1193 C CB  . TRP B 1 50  ? -1.037  5.584   4.813   1.00 0.87  ? 50  TRP B CB  1 
ATOM 1194 C CG  . TRP B 1 50  ? -0.721  4.936   3.470   1.00 0.86  ? 50  TRP B CG  1 
ATOM 1195 C CD1 . TRP B 1 50  ? -1.537  4.803   2.379   1.00 0.95  ? 50  TRP B CD1 1 
ATOM 1196 C CD2 . TRP B 1 50  ? 0.506   4.257   3.140   1.00 0.81  ? 50  TRP B CD2 1 
ATOM 1197 N NE1 . TRP B 1 50  ? -0.877  4.144   1.364   1.00 0.95  ? 50  TRP B NE1 1 
ATOM 1198 C CE2 . TRP B 1 50  ? 0.370   3.773   1.822   1.00 0.86  ? 50  TRP B CE2 1 
ATOM 1199 C CE3 . TRP B 1 50  ? 1.672   4.032   3.865   1.00 0.79  ? 50  TRP B CE3 1 
ATOM 1200 C CZ2 . TRP B 1 50  ? 1.400   3.066   1.214   1.00 0.87  ? 50  TRP B CZ2 1 
ATOM 1201 C CZ3 . TRP B 1 50  ? 2.730   3.359   3.235   1.00 0.83  ? 50  TRP B CZ3 1 
ATOM 1202 C CH2 . TRP B 1 50  ? 2.596   2.876   1.926   1.00 0.86  ? 50  TRP B CH2 1 
ATOM 1203 N N   . PHE B 1 51  ? 1.396   7.045   5.899   1.00 0.73  ? 51  PHE B N   1 
ATOM 1204 C CA  . PHE B 1 51  ? 2.733   7.512   6.174   1.00 0.70  ? 51  PHE B CA  1 
ATOM 1205 C C   . PHE B 1 51  ? 3.520   6.245   6.369   1.00 0.73  ? 51  PHE B C   1 
ATOM 1206 O O   . PHE B 1 51  ? 2.937   5.218   6.731   1.00 0.79  ? 51  PHE B O   1 
ATOM 1207 C CB  . PHE B 1 51  ? 2.801   8.373   7.470   1.00 0.76  ? 51  PHE B CB  1 
ATOM 1208 C CG  . PHE B 1 51  ? 1.880   9.560   7.331   1.00 0.79  ? 51  PHE B CG  1 
ATOM 1209 C CD1 . PHE B 1 51  ? 2.272   10.683  6.585   1.00 1.58  ? 51  PHE B CD1 1 
ATOM 1210 C CD2 . PHE B 1 51  ? 0.584   9.536   7.884   1.00 1.33  ? 51  PHE B CD2 1 
ATOM 1211 C CE1 . PHE B 1 51  ? 1.386   11.745  6.367   1.00 1.63  ? 51  PHE B CE1 1 
ATOM 1212 C CE2 . PHE B 1 51  ? -0.306  10.593  7.665   1.00 1.44  ? 51  PHE B CE2 1 
ATOM 1213 C CZ  . PHE B 1 51  ? 0.092   11.699  6.901   1.00 1.04  ? 51  PHE B CZ  1 
ATOM 1214 N N   . THR B 1 52  ? 4.851   6.267   6.164   1.00 0.80  ? 52  THR B N   1 
ATOM 1215 C CA  . THR B 1 52  ? 5.664   5.081   6.410   1.00 0.88  ? 52  THR B CA  1 
ATOM 1216 C C   . THR B 1 52  ? 6.563   5.424   7.559   1.00 1.17  ? 52  THR B C   1 
ATOM 1217 O O   . THR B 1 52  ? 6.862   6.596   7.772   1.00 1.71  ? 52  THR B O   1 
ATOM 1218 C CB  . THR B 1 52  ? 6.513   4.604   5.233   1.00 1.05  ? 52  THR B CB  1 
ATOM 1219 O OG1 . THR B 1 52  ? 5.799   4.754   4.012   1.00 1.89  ? 52  THR B OG1 1 
ATOM 1220 C CG2 . THR B 1 52  ? 6.821   3.101   5.382   1.00 1.26  ? 52  THR B CG2 1 
ATOM 1221 N N   . VAL B 1 53  ? 7.019   4.422   8.337   1.00 1.20  ? 53  VAL B N   1 
ATOM 1222 C CA  . VAL B 1 53  ? 8.057   4.631   9.326   1.00 1.49  ? 53  VAL B CA  1 
ATOM 1223 C C   . VAL B 1 53  ? 9.409   4.438   8.666   1.00 1.87  ? 53  VAL B C   1 
ATOM 1224 O O   . VAL B 1 53  ? 9.528   3.726   7.668   1.00 2.35  ? 53  VAL B O   1 
ATOM 1225 C CB  . VAL B 1 53  ? 7.924   3.730   10.555  1.00 1.89  ? 53  VAL B CB  1 
ATOM 1226 C CG1 . VAL B 1 53  ? 6.542   3.954   11.201  1.00 2.31  ? 53  VAL B CG1 1 
ATOM 1227 C CG2 . VAL B 1 53  ? 8.122   2.243   10.204  1.00 2.57  ? 53  VAL B CG2 1 
ATOM 1228 N N   . ALA B 1 54  ? 10.476  5.074   9.196   1.00 2.30  ? 54  ALA B N   1 
ATOM 1229 C CA  . ALA B 1 54  ? 11.833  4.674   8.895   1.00 3.04  ? 54  ALA B CA  1 
ATOM 1230 C C   . ALA B 1 54  ? 12.303  3.614   9.874   1.00 3.37  ? 54  ALA B C   1 
ATOM 1231 O O   . ALA B 1 54  ? 11.662  3.353   10.891  1.00 3.65  ? 54  ALA B O   1 
ATOM 1232 C CB  . ALA B 1 54  ? 12.797  5.872   8.921   1.00 3.71  ? 54  ALA B CB  1 
ATOM 1233 N N   . ASP B 1 55  ? 13.450  2.961   9.575   1.00 3.68  ? 55  ASP B N   1 
ATOM 1234 C CA  . ASP B 1 55  ? 13.966  1.883   10.391  1.00 4.18  ? 55  ASP B CA  1 
ATOM 1235 C C   . ASP B 1 55  ? 14.920  2.439   11.449  1.00 3.93  ? 55  ASP B C   1 
ATOM 1236 O O   . ASP B 1 55  ? 14.562  2.564   12.618  1.00 4.22  ? 55  ASP B O   1 
ATOM 1237 C CB  . ASP B 1 55  ? 14.593  0.798   9.468   1.00 5.01  ? 55  ASP B CB  1 
ATOM 1238 C CG  . ASP B 1 55  ? 15.053  -0.408  10.267  1.00 5.69  ? 55  ASP B CG  1 
ATOM 1239 O OD1 . ASP B 1 55  ? 16.039  -0.246  11.029  1.00 6.07  ? 55  ASP B OD1 1 
ATOM 1240 O OD2 . ASP B 1 55  ? 14.378  -1.472  10.223  1.00 6.18  ? 55  ASP B OD2 1 
ATOM 1241 N N   . ASN B 1 56  ? 16.170  2.795   11.063  1.00 3.79  ? 56  ASN B N   1 
ATOM 1242 C CA  . ASN B 1 56  ? 17.214  3.154   12.020  1.00 4.03  ? 56  ASN B CA  1 
ATOM 1243 C C   . ASN B 1 56  ? 17.195  4.645   12.348  1.00 4.01  ? 56  ASN B C   1 
ATOM 1244 O O   . ASN B 1 56  ? 17.522  5.056   13.461  1.00 4.26  ? 56  ASN B O   1 
ATOM 1245 C CB  . ASN B 1 56  ? 18.621  2.801   11.442  1.00 4.61  ? 56  ASN B CB  1 
ATOM 1246 C CG  . ASN B 1 56  ? 19.201  1.482   11.970  1.00 4.99  ? 56  ASN B CG  1 
ATOM 1247 O OD1 . ASN B 1 56  ? 20.378  1.457   12.344  1.00 5.30  ? 56  ASN B OD1 1 
ATOM 1248 N ND2 . ASN B 1 56  ? 18.424  0.373   11.996  1.00 5.41  ? 56  ASN B ND2 1 
ATOM 1249 N N   . GLY B 1 57  ? 16.832  5.517   11.381  1.00 4.32  ? 57  GLY B N   1 
ATOM 1250 C CA  . GLY B 1 57  ? 16.589  6.928   11.657  1.00 4.83  ? 57  GLY B CA  1 
ATOM 1251 C C   . GLY B 1 57  ? 15.280  7.110   12.373  1.00 4.68  ? 57  GLY B C   1 
ATOM 1252 O O   . GLY B 1 57  ? 14.303  6.442   12.045  1.00 4.74  ? 57  GLY B O   1 
ATOM 1253 N N   . ALA B 1 58  ? 15.186  8.051   13.344  1.00 4.94  ? 58  ALA B N   1 
ATOM 1254 C CA  . ALA B 1 58  ? 13.999  8.225   14.174  1.00 5.13  ? 58  ALA B CA  1 
ATOM 1255 C C   . ALA B 1 58  ? 12.799  8.863   13.469  1.00 4.63  ? 58  ALA B C   1 
ATOM 1256 O O   . ALA B 1 58  ? 11.910  9.441   14.106  1.00 4.82  ? 58  ALA B O   1 
ATOM 1257 C CB  . ALA B 1 58  ? 14.368  9.066   15.414  1.00 6.03  ? 58  ALA B CB  1 
ATOM 1258 N N   . GLU B 1 59  ? 12.704  8.717   12.137  1.00 4.45  ? 59  GLU B N   1 
ATOM 1259 C CA  . GLU B 1 59  ? 11.771  9.416   11.286  1.00 4.37  ? 59  GLU B CA  1 
ATOM 1260 C C   . GLU B 1 59  ? 10.651  8.543   10.743  1.00 3.69  ? 59  GLU B C   1 
ATOM 1261 O O   . GLU B 1 59  ? 10.613  7.320   10.885  1.00 3.94  ? 59  GLU B O   1 
ATOM 1262 C CB  . GLU B 1 59  ? 12.502  10.132  10.123  1.00 5.11  ? 59  GLU B CB  1 
ATOM 1263 C CG  . GLU B 1 59  ? 12.612  11.662  10.325  1.00 5.93  ? 59  GLU B CG  1 
ATOM 1264 C CD  . GLU B 1 59  ? 11.267  12.401  10.314  1.00 6.61  ? 59  GLU B CD  1 
ATOM 1265 O OE1 . GLU B 1 59  ? 10.189  11.754  10.240  1.00 7.06  ? 59  GLU B OE1 1 
ATOM 1266 O OE2 . GLU B 1 59  ? 11.320  13.650  10.410  1.00 6.99  ? 59  GLU B OE2 1 
ATOM 1267 N N   . ARG B 1 60  ? 9.687   9.223   10.112  1.00 3.21  ? 60  ARG B N   1 
ATOM 1268 C CA  . ARG B 1 60  ? 8.640   8.680   9.283   1.00 2.77  ? 60  ARG B CA  1 
ATOM 1269 C C   . ARG B 1 60  ? 8.910   9.218   7.877   1.00 2.60  ? 60  ARG B C   1 
ATOM 1270 O O   . ARG B 1 60  ? 9.974   9.748   7.570   1.00 3.32  ? 60  ARG B O   1 
ATOM 1271 C CB  . ARG B 1 60  ? 7.223   9.128   9.784   1.00 3.26  ? 60  ARG B CB  1 
ATOM 1272 C CG  . ARG B 1 60  ? 6.508   8.190   10.787  1.00 3.92  ? 60  ARG B CG  1 
ATOM 1273 C CD  . ARG B 1 60  ? 6.627   8.575   12.263  1.00 4.75  ? 60  ARG B CD  1 
ATOM 1274 N NE  . ARG B 1 60  ? 7.788   7.829   12.856  1.00 5.27  ? 60  ARG B NE  1 
ATOM 1275 C CZ  . ARG B 1 60  ? 8.841   8.435   13.436  1.00 5.94  ? 60  ARG B CZ  1 
ATOM 1276 N NH1 . ARG B 1 60  ? 8.997   9.769   13.441  1.00 6.46  ? 60  ARG B NH1 1 
ATOM 1277 N NH2 . ARG B 1 60  ? 9.858   7.722   13.932  1.00 6.35  ? 60  ARG B NH2 1 
ATOM 1278 N N   . GLN B 1 61  ? 7.886   9.156   7.006   1.00 2.00  ? 61  GLN B N   1 
ATOM 1279 C CA  . GLN B 1 61  ? 7.747   10.048  5.878   1.00 2.15  ? 61  GLN B CA  1 
ATOM 1280 C C   . GLN B 1 61  ? 6.775   11.098  6.361   1.00 1.57  ? 61  GLN B C   1 
ATOM 1281 O O   . GLN B 1 61  ? 5.687   10.785  6.838   1.00 2.01  ? 61  GLN B O   1 
ATOM 1282 C CB  . GLN B 1 61  ? 7.110   9.352   4.642   1.00 3.03  ? 61  GLN B CB  1 
ATOM 1283 C CG  . GLN B 1 61  ? 8.113   8.915   3.555   1.00 3.71  ? 61  GLN B CG  1 
ATOM 1284 C CD  . GLN B 1 61  ? 9.250   8.074   4.132   1.00 4.62  ? 61  GLN B CD  1 
ATOM 1285 O OE1 . GLN B 1 61  ? 9.064   6.973   4.659   1.00 5.24  ? 61  GLN B OE1 1 
ATOM 1286 N NE2 . GLN B 1 61  ? 10.481  8.640   4.055   1.00 5.14  ? 61  GLN B NE2 1 
ATOM 1287 N N   . GLY B 1 62  ? 7.194   12.387  6.305   1.00 1.68  ? 62  GLY B N   1 
ATOM 1288 C CA  . GLY B 1 62  ? 6.347   13.548  6.567   1.00 2.09  ? 62  GLY B CA  1 
ATOM 1289 C C   . GLY B 1 62  ? 5.386   13.821  5.442   1.00 1.74  ? 62  GLY B C   1 
ATOM 1290 O O   . GLY B 1 62  ? 4.316   14.404  5.612   1.00 1.92  ? 62  GLY B O   1 
ATOM 1291 N N   . GLN B 1 63  ? 5.796   13.421  4.226   1.00 1.38  ? 63  GLN B N   1 
ATOM 1292 C CA  . GLN B 1 63  ? 5.014   13.401  3.021   1.00 1.10  ? 63  GLN B CA  1 
ATOM 1293 C C   . GLN B 1 63  ? 3.896   12.389  3.127   1.00 0.99  ? 63  GLN B C   1 
ATOM 1294 O O   . GLN B 1 63  ? 3.997   11.370  3.811   1.00 1.13  ? 63  GLN B O   1 
ATOM 1295 C CB  . GLN B 1 63  ? 5.875   13.047  1.779   1.00 1.08  ? 63  GLN B CB  1 
ATOM 1296 C CG  . GLN B 1 63  ? 6.945   14.103  1.417   1.00 1.34  ? 63  GLN B CG  1 
ATOM 1297 C CD  . GLN B 1 63  ? 8.184   14.064  2.318   1.00 1.93  ? 63  GLN B CD  1 
ATOM 1298 O OE1 . GLN B 1 63  ? 8.352   13.200  3.187   1.00 2.68  ? 63  GLN B OE1 1 
ATOM 1299 N NE2 . GLN B 1 63  ? 9.084   15.055  2.106   1.00 2.53  ? 63  GLN B NE2 1 
ATOM 1300 N N   . ALA B 1 64  ? 2.780   12.677  2.444   1.00 0.91  ? 64  ALA B N   1 
ATOM 1301 C CA  . ALA B 1 64  ? 1.589   11.882  2.566   1.00 0.92  ? 64  ALA B CA  1 
ATOM 1302 C C   . ALA B 1 64  ? 1.552   10.915  1.416   1.00 0.85  ? 64  ALA B C   1 
ATOM 1303 O O   . ALA B 1 64  ? 1.700   11.292  0.256   1.00 0.94  ? 64  ALA B O   1 
ATOM 1304 C CB  . ALA B 1 64  ? 0.329   12.763  2.571   1.00 1.09  ? 64  ALA B CB  1 
ATOM 1305 N N   . GLN B 1 65  ? 1.394   9.621   1.736   1.00 0.78  ? 65  GLN B N   1 
ATOM 1306 C CA  . GLN B 1 65  ? 1.471   8.540   0.804   1.00 0.75  ? 65  GLN B CA  1 
ATOM 1307 C C   . GLN B 1 65  ? 0.072   8.056   0.530   1.00 0.71  ? 65  GLN B C   1 
ATOM 1308 O O   . GLN B 1 65  ? -0.516  7.306   1.304   1.00 0.73  ? 65  GLN B O   1 
ATOM 1309 C CB  . GLN B 1 65  ? 2.360   7.438   1.426   1.00 0.82  ? 65  GLN B CB  1 
ATOM 1310 C CG  . GLN B 1 65  ? 3.193   6.689   0.369   1.00 0.94  ? 65  GLN B CG  1 
ATOM 1311 C CD  . GLN B 1 65  ? 4.620   6.333   0.810   1.00 1.32  ? 65  GLN B CD  1 
ATOM 1312 O OE1 . GLN B 1 65  ? 5.120   5.261   0.467   1.00 1.89  ? 65  GLN B OE1 1 
ATOM 1313 N NE2 . GLN B 1 65  ? 5.333   7.250   1.512   1.00 1.98  ? 65  GLN B NE2 1 
ATOM 1314 N N   . ILE B 1 66  ? -0.559  8.542   -0.553  1.00 0.70  ? 66  ILE B N   1 
ATOM 1315 C CA  . ILE B 1 66  ? -1.815  7.977   -1.023  1.00 0.69  ? 66  ILE B CA  1 
ATOM 1316 C C   . ILE B 1 66  ? -1.543  6.855   -2.007  1.00 0.63  ? 66  ILE B C   1 
ATOM 1317 O O   . ILE B 1 66  ? -0.537  6.865   -2.717  1.00 0.61  ? 66  ILE B O   1 
ATOM 1318 C CB  . ILE B 1 66  ? -2.798  8.993   -1.593  1.00 0.81  ? 66  ILE B CB  1 
ATOM 1319 C CG1 . ILE B 1 66  ? -2.246  9.713   -2.836  1.00 1.43  ? 66  ILE B CG1 1 
ATOM 1320 C CG2 . ILE B 1 66  ? -3.146  10.010  -0.491  1.00 1.49  ? 66  ILE B CG2 1 
ATOM 1321 C CD1 . ILE B 1 66  ? -3.204  10.731  -3.466  1.00 1.77  ? 66  ILE B CD1 1 
ATOM 1322 N N   . LEU B 1 67  ? -2.447  5.866   -2.106  1.00 0.68  ? 67  LEU B N   1 
ATOM 1323 C CA  . LEU B 1 67  ? -2.280  4.761   -3.023  1.00 0.67  ? 67  LEU B CA  1 
ATOM 1324 C C   . LEU B 1 67  ? -3.526  4.707   -3.891  1.00 0.70  ? 67  LEU B C   1 
ATOM 1325 O O   . LEU B 1 67  ? -4.638  4.835   -3.384  1.00 0.74  ? 67  LEU B O   1 
ATOM 1326 C CB  . LEU B 1 67  ? -2.001  3.511   -2.160  1.00 0.72  ? 67  LEU B CB  1 
ATOM 1327 C CG  . LEU B 1 67  ? -1.580  2.206   -2.853  1.00 0.79  ? 67  LEU B CG  1 
ATOM 1328 C CD1 . LEU B 1 67  ? -0.840  1.323   -1.831  1.00 0.86  ? 67  LEU B CD1 1 
ATOM 1329 C CD2 . LEU B 1 67  ? -2.778  1.441   -3.432  1.00 1.31  ? 67  LEU B CD2 1 
ATOM 1330 N N   . ILE B 1 68  ? -3.359  4.609   -5.236  1.00 0.73  ? 68  ILE B N   1 
ATOM 1331 C CA  . ILE B 1 68  ? -4.441  4.753   -6.210  1.00 0.75  ? 68  ILE B CA  1 
ATOM 1332 C C   . ILE B 1 68  ? -4.474  3.535   -7.111  1.00 0.79  ? 68  ILE B C   1 
ATOM 1333 O O   . ILE B 1 68  ? -3.509  3.270   -7.832  1.00 0.81  ? 68  ILE B O   1 
ATOM 1334 C CB  . ILE B 1 68  ? -4.265  6.043   -7.030  1.00 0.76  ? 68  ILE B CB  1 
ATOM 1335 C CG1 . ILE B 1 68  ? -4.813  7.246   -6.225  1.00 1.00  ? 68  ILE B CG1 1 
ATOM 1336 C CG2 . ILE B 1 68  ? -4.894  5.963   -8.440  1.00 1.26  ? 68  ILE B CG2 1 
ATOM 1337 C CD1 . ILE B 1 68  ? -4.773  8.593   -6.957  1.00 1.14  ? 68  ILE B CD1 1 
ATOM 1338 N N   . THR B 1 69  ? -5.586  2.747   -7.076  1.00 0.84  ? 69  THR B N   1 
ATOM 1339 C CA  . THR B 1 69  ? -5.802  1.601   -7.953  1.00 0.90  ? 69  THR B CA  1 
ATOM 1340 C C   . THR B 1 69  ? -6.885  1.850   -8.988  1.00 0.95  ? 69  THR B C   1 
ATOM 1341 O O   . THR B 1 69  ? -8.084  1.769   -8.698  1.00 0.98  ? 69  THR B O   1 
ATOM 1342 C CB  . THR B 1 69  ? -6.040  0.265   -7.250  1.00 0.97  ? 69  THR B CB  1 
ATOM 1343 O OG1 . THR B 1 69  ? -7.251  0.248   -6.512  1.00 1.03  ? 69  THR B OG1 1 
ATOM 1344 C CG2 . THR B 1 69  ? -4.894  0.001   -6.266  1.00 1.03  ? 69  THR B CG2 1 
ATOM 1345 N N   . PHE B 1 70  ? -6.462  2.124   -10.238 1.00 1.00  ? 70  PHE B N   1 
ATOM 1346 C CA  . PHE B 1 70  ? -7.281  2.126   -11.423 1.00 1.06  ? 70  PHE B CA  1 
ATOM 1347 C C   . PHE B 1 70  ? -6.990  0.881   -12.236 1.00 1.16  ? 70  PHE B C   1 
ATOM 1348 O O   . PHE B 1 70  ? -5.874  0.358   -12.210 1.00 1.25  ? 70  PHE B O   1 
ATOM 1349 C CB  . PHE B 1 70  ? -7.015  3.390   -12.294 1.00 1.02  ? 70  PHE B CB  1 
ATOM 1350 C CG  . PHE B 1 70  ? -5.559  3.819   -12.385 1.00 0.98  ? 70  PHE B CG  1 
ATOM 1351 C CD1 . PHE B 1 70  ? -4.593  3.096   -13.113 1.00 1.60  ? 70  PHE B CD1 1 
ATOM 1352 C CD2 . PHE B 1 70  ? -5.166  5.031   -11.789 1.00 1.49  ? 70  PHE B CD2 1 
ATOM 1353 C CE1 . PHE B 1 70  ? -3.273  3.556   -13.215 1.00 1.62  ? 70  PHE B CE1 1 
ATOM 1354 C CE2 . PHE B 1 70  ? -3.861  5.519   -11.922 1.00 1.54  ? 70  PHE B CE2 1 
ATOM 1355 C CZ  . PHE B 1 70  ? -2.908  4.773   -12.622 1.00 1.06  ? 70  PHE B CZ  1 
ATOM 1356 N N   . GLY B 1 71  ? -7.997  0.385   -12.989 1.00 1.21  ? 71  GLY B N   1 
ATOM 1357 C CA  . GLY B 1 71  ? -7.787  -0.622  -14.012 1.00 1.30  ? 71  GLY B CA  1 
ATOM 1358 C C   . GLY B 1 71  ? -7.109  -0.078  -15.241 1.00 1.30  ? 71  GLY B C   1 
ATOM 1359 O O   . GLY B 1 71  ? -6.193  -0.685  -15.785 1.00 1.37  ? 71  GLY B O   1 
ATOM 1360 N N   . SER B 1 72  ? -7.569  1.073   -15.767 1.00 1.27  ? 72  SER B N   1 
ATOM 1361 C CA  . SER B 1 72  ? -7.153  1.518   -17.090 1.00 1.35  ? 72  SER B CA  1 
ATOM 1362 C C   . SER B 1 72  ? -5.728  2.060   -17.155 1.00 1.36  ? 72  SER B C   1 
ATOM 1363 O O   . SER B 1 72  ? -5.357  2.882   -16.315 1.00 1.34  ? 72  SER B O   1 
ATOM 1364 C CB  . SER B 1 72  ? -8.118  2.551   -17.727 1.00 1.41  ? 72  SER B CB  1 
ATOM 1365 O OG  . SER B 1 72  ? -9.403  1.963   -17.926 1.00 2.12  ? 72  SER B OG  1 
ATOM 1366 N N   . PRO B 1 73  ? -4.896  1.727   -18.155 1.00 1.43  ? 73  PRO B N   1 
ATOM 1367 C CA  . PRO B 1 73  ? -3.657  2.453   -18.405 1.00 1.45  ? 73  PRO B CA  1 
ATOM 1368 C C   . PRO B 1 73  ? -3.988  3.804   -18.996 1.00 1.43  ? 73  PRO B C   1 
ATOM 1369 O O   . PRO B 1 73  ? -3.212  4.745   -18.842 1.00 1.43  ? 73  PRO B O   1 
ATOM 1370 C CB  . PRO B 1 73  ? -2.872  1.572   -19.389 1.00 1.56  ? 73  PRO B CB  1 
ATOM 1371 C CG  . PRO B 1 73  ? -3.937  0.718   -20.083 1.00 1.63  ? 73  PRO B CG  1 
ATOM 1372 C CD  . PRO B 1 73  ? -5.019  0.545   -19.011 1.00 1.53  ? 73  PRO B CD  1 
ATOM 1373 N N   . SER B 1 74  ? -5.179  3.959   -19.625 1.00 1.44  ? 74  SER B N   1 
ATOM 1374 C CA  . SER B 1 74  ? -5.721  5.242   -20.045 1.00 1.47  ? 74  SER B CA  1 
ATOM 1375 C C   . SER B 1 74  ? -5.913  6.200   -18.903 1.00 1.44  ? 74  SER B C   1 
ATOM 1376 O O   . SER B 1 74  ? -5.840  7.417   -19.040 1.00 1.52  ? 74  SER B O   1 
ATOM 1377 C CB  . SER B 1 74  ? -7.088  5.140   -20.765 1.00 1.56  ? 74  SER B CB  1 
ATOM 1378 O OG  . SER B 1 74  ? -7.086  4.096   -21.735 1.00 2.15  ? 74  SER B OG  1 
ATOM 1379 N N   . GLN B 1 75  ? -6.094  5.655   -17.690 1.00 1.38  ? 75  GLN B N   1 
ATOM 1380 C CA  . GLN B 1 75  ? -6.192  6.440   -16.482 1.00 1.36  ? 75  GLN B CA  1 
ATOM 1381 C C   . GLN B 1 75  ? -4.903  7.191   -16.207 1.00 1.32  ? 75  GLN B C   1 
ATOM 1382 O O   . GLN B 1 75  ? -4.945  8.389   -15.933 1.00 1.31  ? 75  GLN B O   1 
ATOM 1383 C CB  . GLN B 1 75  ? -6.589  5.612   -15.244 1.00 1.40  ? 75  GLN B CB  1 
ATOM 1384 C CG  . GLN B 1 75  ? -7.883  6.097   -14.553 1.00 1.51  ? 75  GLN B CG  1 
ATOM 1385 C CD  . GLN B 1 75  ? -9.094  5.221   -14.894 1.00 1.92  ? 75  GLN B CD  1 
ATOM 1386 O OE1 . GLN B 1 75  ? -9.031  3.991   -14.860 1.00 2.50  ? 75  GLN B OE1 1 
ATOM 1387 N NE2 . GLN B 1 75  ? -10.246 5.868   -15.188 1.00 2.46  ? 75  GLN B NE2 1 
ATOM 1388 N N   . ARG B 1 76  ? -3.748  6.496   -16.329 1.00 1.32  ? 76  ARG B N   1 
ATOM 1389 C CA  . ARG B 1 76  ? -2.403  6.992   -16.083 1.00 1.34  ? 76  ARG B CA  1 
ATOM 1390 C C   . ARG B 1 76  ? -1.915  7.930   -17.164 1.00 1.36  ? 76  ARG B C   1 
ATOM 1391 O O   . ARG B 1 76  ? -1.023  8.749   -16.948 1.00 1.38  ? 76  ARG B O   1 
ATOM 1392 C CB  . ARG B 1 76  ? -1.432  5.763   -16.036 1.00 1.41  ? 76  ARG B CB  1 
ATOM 1393 C CG  . ARG B 1 76  ? -0.030  6.011   -15.428 1.00 1.52  ? 76  ARG B CG  1 
ATOM 1394 C CD  . ARG B 1 76  ? 0.951   4.819   -15.503 1.00 1.81  ? 76  ARG B CD  1 
ATOM 1395 N NE  . ARG B 1 76  ? 1.506   4.712   -16.894 1.00 2.43  ? 76  ARG B NE  1 
ATOM 1396 C CZ  . ARG B 1 76  ? 2.341   3.719   -17.302 1.00 2.95  ? 76  ARG B CZ  1 
ATOM 1397 N NH1 . ARG B 1 76  ? 2.840   2.810   -16.441 1.00 3.46  ? 76  ARG B NH1 1 
ATOM 1398 N NH2 . ARG B 1 76  ? 2.699   3.689   -18.595 1.00 3.54  ? 76  ARG B NH2 1 
ATOM 1399 N N   . GLN B 1 77  ? -2.496  7.809   -18.367 1.00 1.39  ? 77  GLN B N   1 
ATOM 1400 C CA  . GLN B 1 77  ? -2.042  8.505   -19.550 1.00 1.42  ? 77  GLN B CA  1 
ATOM 1401 C C   . GLN B 1 77  ? -2.882  9.731   -19.820 1.00 1.40  ? 77  GLN B C   1 
ATOM 1402 O O   . GLN B 1 77  ? -2.355  10.825  -20.022 1.00 1.42  ? 77  GLN B O   1 
ATOM 1403 C CB  . GLN B 1 77  ? -2.016  7.512   -20.736 1.00 1.46  ? 77  GLN B CB  1 
ATOM 1404 C CG  . GLN B 1 77  ? -0.805  7.714   -21.673 1.00 1.81  ? 77  GLN B CG  1 
ATOM 1405 C CD  . GLN B 1 77  ? -0.198  6.361   -22.065 1.00 2.04  ? 77  GLN B CD  1 
ATOM 1406 O OE1 . GLN B 1 77  ? 0.571   5.767   -21.305 1.00 2.37  ? 77  GLN B OE1 1 
ATOM 1407 N NE2 . GLN B 1 77  ? -0.551  5.844   -23.267 1.00 2.70  ? 77  GLN B NE2 1 
ATOM 1408 N N   . ASP B 1 78  ? -4.233  9.610   -19.771 1.00 1.37  ? 78  ASP B N   1 
ATOM 1409 C CA  . ASP B 1 78  ? -5.140  10.738  -19.903 1.00 1.35  ? 78  ASP B CA  1 
ATOM 1410 C C   . ASP B 1 78  ? -5.145  11.609  -18.647 1.00 1.28  ? 78  ASP B C   1 
ATOM 1411 O O   . ASP B 1 78  ? -5.710  12.704  -18.610 1.00 1.28  ? 78  ASP B O   1 
ATOM 1412 C CB  . ASP B 1 78  ? -6.545  10.287  -20.375 1.00 1.41  ? 78  ASP B CB  1 
ATOM 1413 C CG  . ASP B 1 78  ? -6.400  9.562   -21.708 1.00 1.73  ? 78  ASP B CG  1 
ATOM 1414 O OD1 . ASP B 1 78  ? -5.783  10.153  -22.641 1.00 2.24  ? 78  ASP B OD1 1 
ATOM 1415 O OD2 . ASP B 1 78  ? -6.878  8.409   -21.825 1.00 2.23  ? 78  ASP B OD2 1 
ATOM 1416 N N   . PHE B 1 79  ? -4.389  11.146  -17.621 1.00 1.29  ? 79  PHE B N   1 
ATOM 1417 C CA  . PHE B 1 79  ? -3.848  11.897  -16.507 1.00 1.24  ? 79  PHE B CA  1 
ATOM 1418 C C   . PHE B 1 79  ? -3.281  13.219  -16.944 1.00 1.22  ? 79  PHE B C   1 
ATOM 1419 O O   . PHE B 1 79  ? -3.878  14.236  -16.627 1.00 1.20  ? 79  PHE B O   1 
ATOM 1420 C CB  . PHE B 1 79  ? -2.794  11.012  -15.789 1.00 1.27  ? 79  PHE B CB  1 
ATOM 1421 C CG  . PHE B 1 79  ? -2.313  11.374  -14.404 1.00 1.19  ? 79  PHE B CG  1 
ATOM 1422 C CD1 . PHE B 1 79  ? -2.551  12.604  -13.769 1.00 1.82  ? 79  PHE B CD1 1 
ATOM 1423 C CD2 . PHE B 1 79  ? -1.554  10.407  -13.720 1.00 1.57  ? 79  PHE B CD2 1 
ATOM 1424 C CE1 . PHE B 1 79  ? -2.034  12.866  -12.495 1.00 1.93  ? 79  PHE B CE1 1 
ATOM 1425 C CE2 . PHE B 1 79  ? -1.052  10.651  -12.440 1.00 1.63  ? 79  PHE B CE2 1 
ATOM 1426 C CZ  . PHE B 1 79  ? -1.288  11.886  -11.830 1.00 1.42  ? 79  PHE B CZ  1 
ATOM 1427 N N   . LEU B 1 80  ? -2.167  13.262  -17.705 1.00 1.25  ? 80  LEU B N   1 
ATOM 1428 C CA  . LEU B 1 80  ? -1.437  14.490  -17.940 1.00 1.28  ? 80  LEU B CA  1 
ATOM 1429 C C   . LEU B 1 80  ? -2.163  15.539  -18.763 1.00 1.31  ? 80  LEU B C   1 
ATOM 1430 O O   . LEU B 1 80  ? -1.908  16.736  -18.660 1.00 1.36  ? 80  LEU B O   1 
ATOM 1431 C CB  . LEU B 1 80  ? -0.057  14.196  -18.565 1.00 1.36  ? 80  LEU B CB  1 
ATOM 1432 C CG  . LEU B 1 80  ? 1.045   15.073  -17.940 1.00 1.58  ? 80  LEU B CG  1 
ATOM 1433 C CD1 . LEU B 1 80  ? 1.504   14.505  -16.588 1.00 2.06  ? 80  LEU B CD1 1 
ATOM 1434 C CD2 . LEU B 1 80  ? 2.238   15.247  -18.890 1.00 2.34  ? 80  LEU B CD2 1 
ATOM 1435 N N   . LYS B 1 81  ? -3.109  15.072  -19.589 1.00 1.31  ? 81  LYS B N   1 
ATOM 1436 C CA  . LYS B 1 81  ? -4.011  15.864  -20.400 1.00 1.36  ? 81  LYS B CA  1 
ATOM 1437 C C   . LYS B 1 81  ? -5.029  16.571  -19.527 1.00 1.35  ? 81  LYS B C   1 
ATOM 1438 O O   . LYS B 1 81  ? -5.197  17.786  -19.577 1.00 1.39  ? 81  LYS B O   1 
ATOM 1439 C CB  . LYS B 1 81  ? -4.806  14.937  -21.354 1.00 1.41  ? 81  LYS B CB  1 
ATOM 1440 C CG  . LYS B 1 81  ? -4.030  14.361  -22.548 1.00 1.73  ? 81  LYS B CG  1 
ATOM 1441 C CD  . LYS B 1 81  ? -4.855  13.227  -23.177 1.00 2.46  ? 81  LYS B CD  1 
ATOM 1442 C CE  . LYS B 1 81  ? -4.187  12.476  -24.332 1.00 3.03  ? 81  LYS B CE  1 
ATOM 1443 N NZ  . LYS B 1 81  ? -5.078  11.373  -24.748 1.00 3.47  ? 81  LYS B NZ  1 
ATOM 1444 N N   . HIS B 1 82  ? -5.763  15.772  -18.721 1.00 1.36  ? 82  HIS B N   1 
ATOM 1445 C CA  . HIS B 1 82  ? -6.917  16.246  -17.996 1.00 1.38  ? 82  HIS B CA  1 
ATOM 1446 C C   . HIS B 1 82  ? -6.532  16.827  -16.658 1.00 1.32  ? 82  HIS B C   1 
ATOM 1447 O O   . HIS B 1 82  ? -7.083  17.853  -16.274 1.00 1.37  ? 82  HIS B O   1 
ATOM 1448 C CB  . HIS B 1 82  ? -7.992  15.148  -17.880 1.00 1.44  ? 82  HIS B CB  1 
ATOM 1449 C CG  . HIS B 1 82  ? -8.578  14.858  -19.242 1.00 1.51  ? 82  HIS B CG  1 
ATOM 1450 N ND1 . HIS B 1 82  ? -9.664  15.523  -19.769 1.00 1.62  ? 82  HIS B ND1 1 
ATOM 1451 C CD2 . HIS B 1 82  ? -8.119  14.060  -20.246 1.00 1.76  ? 82  HIS B CD2 1 
ATOM 1452 C CE1 . HIS B 1 82  ? -9.813  15.096  -21.049 1.00 1.64  ? 82  HIS B CE1 1 
ATOM 1453 N NE2 . HIS B 1 82  ? -8.896  14.207  -21.379 1.00 1.71  ? 82  HIS B NE2 1 
ATOM 1454 N N   . VAL B 1 83  ? -5.582  16.221  -15.907 1.00 1.22  ? 83  VAL B N   1 
ATOM 1455 C CA  . VAL B 1 83  ? -4.995  16.858  -14.747 1.00 1.19  ? 83  VAL B CA  1 
ATOM 1456 C C   . VAL B 1 83  ? -3.475  16.759  -14.789 1.00 1.14  ? 83  VAL B C   1 
ATOM 1457 O O   . VAL B 1 83  ? -2.901  15.784  -14.301 1.00 1.11  ? 83  VAL B O   1 
ATOM 1458 C CB  . VAL B 1 83  ? -5.614  16.335  -13.459 1.00 1.20  ? 83  VAL B CB  1 
ATOM 1459 C CG1 . VAL B 1 83  ? -5.499  14.811  -13.264 1.00 1.16  ? 83  VAL B CG1 1 
ATOM 1460 C CG2 . VAL B 1 83  ? -5.117  17.135  -12.240 1.00 1.23  ? 83  VAL B CG2 1 
ATOM 1461 N N   . PRO B 1 84  ? -2.739  17.728  -15.344 1.00 1.20  ? 84  PRO B N   1 
ATOM 1462 C CA  . PRO B 1 84  ? -1.282  17.683  -15.350 1.00 1.19  ? 84  PRO B CA  1 
ATOM 1463 C C   . PRO B 1 84  ? -0.718  17.764  -13.948 1.00 1.11  ? 84  PRO B C   1 
ATOM 1464 O O   . PRO B 1 84  ? -1.210  18.537  -13.124 1.00 1.19  ? 84  PRO B O   1 
ATOM 1465 C CB  . PRO B 1 84  ? -0.857  18.880  -16.222 1.00 1.32  ? 84  PRO B CB  1 
ATOM 1466 C CG  . PRO B 1 84  ? -2.082  19.802  -16.246 1.00 1.39  ? 84  PRO B CG  1 
ATOM 1467 C CD  . PRO B 1 84  ? -3.250  18.818  -16.179 1.00 1.31  ? 84  PRO B CD  1 
ATOM 1468 N N   . LEU B 1 85  ? 0.293   16.924  -13.653 1.00 1.14  ? 85  LEU B N   1 
ATOM 1469 C CA  . LEU B 1 85  ? 0.856   16.785  -12.327 1.00 1.11  ? 85  LEU B CA  1 
ATOM 1470 C C   . LEU B 1 85  ? 1.652   18.029  -11.918 1.00 1.00  ? 85  LEU B C   1 
ATOM 1471 O O   . LEU B 1 85  ? 2.398   18.552  -12.748 1.00 1.09  ? 85  LEU B O   1 
ATOM 1472 C CB  . LEU B 1 85  ? 1.793   15.551  -12.294 1.00 1.33  ? 85  LEU B CB  1 
ATOM 1473 C CG  . LEU B 1 85  ? 2.217   15.057  -10.893 1.00 1.47  ? 85  LEU B CG  1 
ATOM 1474 C CD1 . LEU B 1 85  ? 1.074   14.354  -10.148 1.00 2.01  ? 85  LEU B CD1 1 
ATOM 1475 C CD2 . LEU B 1 85  ? 3.415   14.106  -11.017 1.00 1.86  ? 85  LEU B CD2 1 
ATOM 1476 N N   . PRO B 1 86  ? 1.560   18.538  -10.689 1.00 1.10  ? 86  PRO B N   1 
ATOM 1477 C CA  . PRO B 1 86  ? 2.456   19.587  -10.212 1.00 1.22  ? 86  PRO B CA  1 
ATOM 1478 C C   . PRO B 1 86  ? 3.885   19.096  -9.960  1.00 1.10  ? 86  PRO B C   1 
ATOM 1479 O O   . PRO B 1 86  ? 4.053   17.893  -9.755  1.00 1.07  ? 86  PRO B O   1 
ATOM 1480 C CB  . PRO B 1 86  ? 1.818   20.016  -8.872  1.00 1.57  ? 86  PRO B CB  1 
ATOM 1481 C CG  . PRO B 1 86  ? 0.335   19.668  -9.019  1.00 1.76  ? 86  PRO B CG  1 
ATOM 1482 C CD  . PRO B 1 86  ? 0.388   18.376  -9.827  1.00 1.40  ? 86  PRO B CD  1 
ATOM 1483 N N   . PRO B 1 87  ? 4.916   19.939  -9.933  1.00 1.27  ? 87  PRO B N   1 
ATOM 1484 C CA  . PRO B 1 87  ? 6.225   19.570  -9.400  1.00 1.30  ? 87  PRO B CA  1 
ATOM 1485 C C   . PRO B 1 87  ? 6.206   19.472  -7.879  1.00 1.27  ? 87  PRO B C   1 
ATOM 1486 O O   . PRO B 1 87  ? 5.212   19.817  -7.241  1.00 1.54  ? 87  PRO B O   1 
ATOM 1487 C CB  . PRO B 1 87  ? 7.114   20.738  -9.856  1.00 1.70  ? 87  PRO B CB  1 
ATOM 1488 C CG  . PRO B 1 87  ? 6.171   21.945  -9.856  1.00 1.82  ? 87  PRO B CG  1 
ATOM 1489 C CD  . PRO B 1 87  ? 4.866   21.338  -10.367 1.00 1.67  ? 87  PRO B CD  1 
ATOM 1490 N N   . GLY B 1 88  ? 7.303   18.977  -7.261  1.00 1.30  ? 88  GLY B N   1 
ATOM 1491 C CA  . GLY B 1 88  ? 7.423   18.883  -5.804  1.00 1.62  ? 88  GLY B CA  1 
ATOM 1492 C C   . GLY B 1 88  ? 6.989   17.543  -5.274  1.00 1.46  ? 88  GLY B C   1 
ATOM 1493 O O   . GLY B 1 88  ? 7.537   17.027  -4.302  1.00 1.68  ? 88  GLY B O   1 
ATOM 1494 N N   . MET B 1 89  ? 5.972   16.954  -5.917  1.00 1.21  ? 89  MET B N   1 
ATOM 1495 C CA  . MET B 1 89  ? 5.548   15.609  -5.635  1.00 1.11  ? 89  MET B CA  1 
ATOM 1496 C C   . MET B 1 89  ? 6.108   14.659  -6.666  1.00 0.99  ? 89  MET B C   1 
ATOM 1497 O O   . MET B 1 89  ? 6.678   15.047  -7.683  1.00 1.18  ? 89  MET B O   1 
ATOM 1498 C CB  . MET B 1 89  ? 4.004   15.513  -5.571  1.00 1.14  ? 89  MET B CB  1 
ATOM 1499 C CG  . MET B 1 89  ? 3.254   15.844  -6.878  1.00 1.10  ? 89  MET B CG  1 
ATOM 1500 S SD  . MET B 1 89  ? 1.544   16.411  -6.612  1.00 1.55  ? 89  MET B SD  1 
ATOM 1501 C CE  . MET B 1 89  ? 0.902   14.886  -5.868  1.00 1.17  ? 89  MET B CE  1 
ATOM 1502 N N   . ASN B 1 90  ? 5.945   13.354  -6.402  1.00 0.90  ? 90  ASN B N   1 
ATOM 1503 C CA  . ASN B 1 90  ? 6.234   12.305  -7.338  1.00 0.90  ? 90  ASN B CA  1 
ATOM 1504 C C   . ASN B 1 90  ? 5.113   11.310  -7.172  1.00 0.73  ? 90  ASN B C   1 
ATOM 1505 O O   . ASN B 1 90  ? 4.401   11.308  -6.167  1.00 0.72  ? 90  ASN B O   1 
ATOM 1506 C CB  . ASN B 1 90  ? 7.600   11.626  -7.056  1.00 1.20  ? 90  ASN B CB  1 
ATOM 1507 C CG  . ASN B 1 90  ? 8.665   12.120  -8.037  1.00 1.58  ? 90  ASN B CG  1 
ATOM 1508 O OD1 . ASN B 1 90  ? 8.403   12.243  -9.233  1.00 2.18  ? 90  ASN B OD1 1 
ATOM 1509 N ND2 . ASN B 1 90  ? 9.913   12.325  -7.547  1.00 2.05  ? 90  ASN B ND2 1 
ATOM 1510 N N   . ILE B 1 91  ? 4.939   10.469  -8.202  1.00 0.72  ? 91  ILE B N   1 
ATOM 1511 C CA  . ILE B 1 91  ? 3.942   9.443   -8.337  1.00 0.66  ? 91  ILE B CA  1 
ATOM 1512 C C   . ILE B 1 91  ? 4.748   8.221   -8.664  1.00 0.72  ? 91  ILE B C   1 
ATOM 1513 O O   . ILE B 1 91  ? 5.814   8.327   -9.271  1.00 0.86  ? 91  ILE B O   1 
ATOM 1514 C CB  . ILE B 1 91  ? 2.974   9.700   -9.504  1.00 0.69  ? 91  ILE B CB  1 
ATOM 1515 C CG1 . ILE B 1 91  ? 3.683   9.924   -10.875 1.00 1.10  ? 91  ILE B CG1 1 
ATOM 1516 C CG2 . ILE B 1 91  ? 2.094   10.912  -9.140  1.00 0.85  ? 91  ILE B CG2 1 
ATOM 1517 C CD1 . ILE B 1 91  ? 2.730   10.016  -12.074 1.00 1.55  ? 91  ILE B CD1 1 
ATOM 1518 N N   . SER B 1 92  ? 4.349   6.999   -8.288  1.00 0.71  ? 92  SER B N   1 
ATOM 1519 C CA  . SER B 1 92  ? 4.945   5.843   -8.947  1.00 0.82  ? 92  SER B CA  1 
ATOM 1520 C C   . SER B 1 92  ? 3.948   4.759   -9.184  1.00 0.79  ? 92  SER B C   1 
ATOM 1521 O O   . SER B 1 92  ? 3.227   4.362   -8.275  1.00 0.81  ? 92  SER B O   1 
ATOM 1522 C CB  . SER B 1 92  ? 6.213   5.312   -8.255  1.00 0.96  ? 92  SER B CB  1 
ATOM 1523 O OG  . SER B 1 92  ? 7.291   6.184   -8.582  1.00 1.67  ? 92  SER B OG  1 
ATOM 1524 N N   . GLY B 1 93  ? 3.902   4.254   -10.436 1.00 0.84  ? 93  GLY B N   1 
ATOM 1525 C CA  . GLY B 1 93  ? 3.010   3.186   -10.842 1.00 0.89  ? 93  GLY B CA  1 
ATOM 1526 C C   . GLY B 1 93  ? 3.688   1.889   -10.585 1.00 0.93  ? 93  GLY B C   1 
ATOM 1527 O O   . GLY B 1 93  ? 4.637   1.532   -11.280 1.00 1.12  ? 93  GLY B O   1 
ATOM 1528 N N   . PHE B 1 94  ? 3.218   1.170   -9.565  1.00 0.87  ? 94  PHE B N   1 
ATOM 1529 C CA  . PHE B 1 94  ? 3.723   -0.142  -9.270  1.00 0.86  ? 94  PHE B CA  1 
ATOM 1530 C C   . PHE B 1 94  ? 2.642   -1.080  -9.725  1.00 0.90  ? 94  PHE B C   1 
ATOM 1531 O O   . PHE B 1 94  ? 1.496   -0.993  -9.291  1.00 0.90  ? 94  PHE B O   1 
ATOM 1532 C CB  . PHE B 1 94  ? 3.993   -0.341  -7.766  1.00 0.84  ? 94  PHE B CB  1 
ATOM 1533 C CG  . PHE B 1 94  ? 5.252   0.359   -7.322  1.00 0.89  ? 94  PHE B CG  1 
ATOM 1534 C CD1 . PHE B 1 94  ? 6.482   -0.322  -7.358  1.00 1.67  ? 94  PHE B CD1 1 
ATOM 1535 C CD2 . PHE B 1 94  ? 5.220   1.672   -6.820  1.00 1.40  ? 94  PHE B CD2 1 
ATOM 1536 C CE1 . PHE B 1 94  ? 7.655   0.302   -6.917  1.00 1.91  ? 94  PHE B CE1 1 
ATOM 1537 C CE2 . PHE B 1 94  ? 6.391   2.295   -6.365  1.00 1.48  ? 94  PHE B CE2 1 
ATOM 1538 C CZ  . PHE B 1 94  ? 7.612   1.611   -6.424  1.00 1.37  ? 94  PHE B CZ  1 
ATOM 1539 N N   . THR B 1 95  ? 2.971   -2.010  -10.629 1.00 0.99  ? 95  THR B N   1 
ATOM 1540 C CA  . THR B 1 95  ? 2.038   -2.905  -11.263 1.00 0.97  ? 95  THR B CA  1 
ATOM 1541 C C   . THR B 1 95  ? 2.191   -4.168  -10.459 1.00 0.94  ? 95  THR B C   1 
ATOM 1542 O O   . THR B 1 95  ? 3.287   -4.677  -10.227 1.00 1.10  ? 95  THR B O   1 
ATOM 1543 C CB  . THR B 1 95  ? 2.332   -3.139  -12.739 1.00 1.09  ? 95  THR B CB  1 
ATOM 1544 O OG1 . THR B 1 95  ? 2.232   -1.903  -13.447 1.00 1.27  ? 95  THR B OG1 1 
ATOM 1545 C CG2 . THR B 1 95  ? 1.286   -4.096  -13.335 1.00 1.51  ? 95  THR B CG2 1 
ATOM 1546 N N   . ALA B 1 96  ? 1.067   -4.626  -9.900  1.00 0.92  ? 96  ALA B N   1 
ATOM 1547 C CA  . ALA B 1 96  ? 1.077   -5.520  -8.771  1.00 0.97  ? 96  ALA B CA  1 
ATOM 1548 C C   . ALA B 1 96  ? 0.861   -6.948  -9.209  1.00 0.86  ? 96  ALA B C   1 
ATOM 1549 O O   . ALA B 1 96  ? -0.151  -7.264  -9.828  1.00 1.32  ? 96  ALA B O   1 
ATOM 1550 C CB  . ALA B 1 96  ? -0.046  -5.113  -7.795  1.00 1.46  ? 96  ALA B CB  1 
ATOM 1551 N N   . SER B 1 97  ? 1.812   -7.852  -8.884  1.00 0.75  ? 97  SER B N   1 
ATOM 1552 C CA  . SER B 1 97  ? 1.664   -9.267  -9.187  1.00 1.04  ? 97  SER B CA  1 
ATOM 1553 C C   . SER B 1 97  ? 1.444   -10.015 -7.902  1.00 0.93  ? 97  SER B C   1 
ATOM 1554 O O   . SER B 1 97  ? 2.248   -9.952  -6.977  1.00 1.36  ? 97  SER B O   1 
ATOM 1555 C CB  . SER B 1 97  ? 2.883   -9.909  -9.891  1.00 1.62  ? 97  SER B CB  1 
ATOM 1556 O OG  . SER B 1 97  ? 2.915   -9.505  -11.259 1.00 2.36  ? 97  SER B OG  1 
ATOM 1557 N N   . LEU B 1 98  ? 0.320   -10.747 -7.805  1.00 1.38  ? 98  LEU B N   1 
ATOM 1558 C CA  . LEU B 1 98  ? 0.029   -11.676 -6.727  1.00 1.29  ? 98  LEU B CA  1 
ATOM 1559 C C   . LEU B 1 98  ? 0.877   -12.938 -6.896  1.00 1.13  ? 98  LEU B C   1 
ATOM 1560 O O   . LEU B 1 98  ? 0.942   -13.483 -7.994  1.00 2.03  ? 98  LEU B O   1 
ATOM 1561 C CB  . LEU B 1 98  ? -1.484  -12.015 -6.749  1.00 2.37  ? 98  LEU B CB  1 
ATOM 1562 C CG  . LEU B 1 98  ? -2.120  -12.572 -5.450  1.00 2.47  ? 98  LEU B CG  1 
ATOM 1563 C CD1 . LEU B 1 98  ? -3.635  -12.694 -5.647  1.00 3.01  ? 98  LEU B CD1 1 
ATOM 1564 C CD2 . LEU B 1 98  ? -1.595  -13.927 -4.982  1.00 3.07  ? 98  LEU B CD2 1 
ATOM 1565 N N   . ASP B 1 99  ? 1.553   -13.407 -5.818  1.00 1.24  ? 99  ASP B N   1 
ATOM 1566 C CA  . ASP B 1 99  ? 2.541   -14.465 -5.906  1.00 2.27  ? 99  ASP B CA  1 
ATOM 1567 C C   . ASP B 1 99  ? 1.991   -15.835 -5.507  1.00 2.31  ? 99  ASP B C   1 
ATOM 1568 O O   . ASP B 1 99  ? 2.378   -16.853 -6.078  1.00 3.15  ? 99  ASP B O   1 
ATOM 1569 C CB  . ASP B 1 99  ? 3.721   -14.065 -4.984  1.00 3.18  ? 99  ASP B CB  1 
ATOM 1570 C CG  . ASP B 1 99  ? 4.971   -14.855 -5.326  1.00 4.12  ? 99  ASP B CG  1 
ATOM 1571 O OD1 . ASP B 1 99  ? 5.602   -14.527 -6.362  1.00 4.50  ? 99  ASP B OD1 1 
ATOM 1572 O OD2 . ASP B 1 99  ? 5.315   -15.778 -4.537  1.00 4.79  ? 99  ASP B OD2 1 
ATOM 1573 N N   . PHE B 1 100 ? 1.094   -15.876 -4.497  1.00 1.55  ? 100 PHE B N   1 
ATOM 1574 C CA  . PHE B 1 100 ? 0.559   -17.084 -3.886  1.00 1.67  ? 100 PHE B CA  1 
ATOM 1575 C C   . PHE B 1 100 ? -0.452  -17.811 -4.806  1.00 2.44  ? 100 PHE B C   1 
ATOM 1576 O O   . PHE B 1 100 ? -0.237  -19.014 -5.111  1.00 2.92  ? 100 PHE B O   1 
ATOM 1577 C CB  . PHE B 1 100 ? -0.259  -16.782 -2.589  1.00 1.26  ? 100 PHE B CB  1 
ATOM 1578 C CG  . PHE B 1 100 ? 0.519   -16.429 -1.344  1.00 1.20  ? 100 PHE B CG  1 
ATOM 1579 C CD1 . PHE B 1 100 ? 1.580   -15.503 -1.322  1.00 1.65  ? 100 PHE B CD1 1 
ATOM 1580 C CD2 . PHE B 1 100 ? 0.099   -16.991 -0.123  1.00 1.69  ? 100 PHE B CD2 1 
ATOM 1581 C CE1 . PHE B 1 100 ? 2.205   -15.168 -0.115  1.00 1.76  ? 100 PHE B CE1 1 
ATOM 1582 C CE2 . PHE B 1 100 ? 0.732   -16.670 1.081   1.00 1.80  ? 100 PHE B CE2 1 
ATOM 1583 C CZ  . PHE B 1 100 ? 1.792   -15.757 1.084   1.00 1.48  ? 100 PHE B CZ  1 
ATOM 1584 O OXT . PHE B 1 100 ? -1.498  -17.182 -5.133  1.00 3.09  ? 100 PHE B OXT 1 
# 
